data_7KY5
#
_entry.id   7KY5
#
_cell.length_a   1.00
_cell.length_b   1.00
_cell.length_c   1.00
_cell.angle_alpha   90.00
_cell.angle_beta   90.00
_cell.angle_gamma   90.00
#
_symmetry.space_group_name_H-M   'P 1'
#
loop_
_entity.id
_entity.type
_entity.pdbx_description
1 polymer 'Phospholipid-transporting ATPase DNF2'
2 polymer 'Alkylphosphocholine resistance protein LEM3'
3 branched alpha-D-mannopyranose-(1-4)-2-acetamido-2-deoxy-beta-D-glucopyranose-(1-4)-2-acetamido-2-deoxy-beta-D-glucopyranose
4 non-polymer CHOLESTEROL
5 non-polymer 'TETRAFLUOROALUMINATE ION'
6 non-polymer 'MAGNESIUM ION'
7 non-polymer 2-acetamido-2-deoxy-beta-D-glucopyranose
#
loop_
_entity_poly.entity_id
_entity_poly.type
_entity_poly.pdbx_seq_one_letter_code
_entity_poly.pdbx_strand_id
1 'polypeptide(L)'
;MSSPSKPTSPFVDDIEHESGSASNGLSSMSPFDDSFQFEKPSSAHGNIEVAKTGGSVLKRQSKPMKDISTPDLSKVTFDG
IDDYSNDNDINDDDELNGKKTEIHEHENEVDDDLHSFQATPMPNTGGFEDVELDNNEGSNNDSQADHKLKRVRFGTRRNK
SGRIDINRSKTLKWAKKNFHNAIDEFSTKEDSLENSALQNRSDELRTVYYNLPLPEDMLDEDGLPLAVYPRNKIRTTKYT
PLTFFPKNILFQFHNFANIYFLILLILGAFQIFGVTNPGFASVPLIVIVIITAIKDGIEDSRRTVLDLEVNNTRTHILSG
VKNENVAVDNVSLWRRFKKANTRALIKIFEYFSENLTAAGREKKLQKKREELRRKRNSRSFGPRGSLDSIGSYRMSADFG
RPSLDYENLNQTMSQANRYNDGENLVDRTLQPNPECRFAKDYWKNVKVGDIVRVHNNDEIPADMILLSTSDVDGACYVET
KNLDGETNLKVRQSLKCSKIIKSSRDITRTKFWVESEGPHANLYSYQGNFKWQDTQNGNIRNEPVNINNLLLRGCTLRNT
KWAMGMVIFTGDDTKIMINAGVTPTKKSRISRELNFSVILNFVLLFILCFTAGIVNGVYYKQKPRSRDYFEFGTIGGSAS
TNGFVSFWVAVILYQSLVPISLYISVEIIKTAQAIFIYTDVLLYNAKLDYPCTPKSWNISDDLGQIEYIFSDKTGTLTQN
VMEFKKCTINGVSYGRAYTEALAGLRKRQGVDVESEGRREKEEIAKDRETMIDELRSMSDNTQFCPEDLTFVSKEIVEDL
KGSSGDHQQKCCEHFLLALALCHSVLVEPNKDDPKKLDIKAQSPDESALVSTARQLGYSFVGSSKSGLIVEIQGVQKEFQ
VLNVLEFNSSRKRMSCIIKIPGSTPKDEPKALLICKGADSVIYSRLDRTQNDATLLEKTALHLEEYATEGLRTLCLAQRE
LTWSEYERWVKTYDVAAASVTNREEELDKVTDVIERELILLGGTAIEDRLQDGVPDSIALLAEAGIKLWVLTGDKVETAI
NIGFSCNVLNNDMELLVVKASGEDVEEFGSDPIQVVNNLVTKYLREKFGMSGSEEELKEAKREHGLPQGNFAVIIDGDAL
KVALNGEEMRRKFLLLCKNCKAVLCCRVSPAQKAAVVKLVKKTLDVMTLAIGDGSNDVAMIQSADVGVGIAGEEGRQAVM
CSDYAIGQFRYVTRLVLVHGKWCYKRLAEMIPQFFYKNVIFTLSLFWYGIYNNFDGSYLFEYTYLTFYNLAFTSVPVILL
AVLDQDVSDTVSMLVPQLYRVGILRKEWNQTKFLWYMLDGVYQSVICFFFPYLAYHKNMVVTENGLGLDHRYFVGVFVTA
IAVTSCNFYVFMEQYRWDWFCGLFICLSLAVFYGWTGIWTSSSSSNEFYKGAARVFAQPAYWAVLFVGVLFCLLPRFTID
CIRKIFYPKDIEIVREMWLRGDFDLYPQGYDPTDPSRPRINEIRPLTDFKEPISLDTHFDGVSHSQETIVTEEIPMSILN
GEQGSRKGYRVSTTLERRDQLSPVTTTNNLPRRSMASARGNKLRTSLDRTREEMLANHQLDTRYSVERARASLDLPGINH
AETLLSQRSRDR
;
A
2 'polypeptide(L)'
;MVNFDLGQVGEVFRRKDKGAIVSGDNPEEEEDVDASEFEEDEVKPVRTKNRRPKEDAFTQQRLAAINPVLTPRTVLPLYL
LIAVVFVIVGGCILAQNSKVDEVTIYYQDCMTNATSSWSDIPSEHWQFVFHKYKTYNTAPQWRFVDDESDDFTKQRGTCQ
IRFTTPSDMKNNVYLNYVLEKFAANHRRYVLSFSEDQIRGEDASYETVHDATGINCKPLSKNADGKIYYPCGLIANSMFN
DTFPLQLTNVGDTSNNYSLTNKGINWESDKKRYKKTKYNYTQIAPPPYWEKMYPDGYNETNIPDIQDWEEFQNWMRPGAF
DKITKLIRINKNDTLPAGEYQLDIGLHWPVLEFNGKKGIYLTHGSHLGGRNPFLGIVYLIGGCICAAMALILLTFWLFGG
RKIADASSLSWNMK
;
B
#
# COMPACT_ATOMS: atom_id res chain seq x y z
N ASN A 200 -32.59 -18.53 -1.36
CA ASN A 200 -32.97 -18.57 0.05
C ASN A 200 -34.40 -19.08 0.22
N ARG A 201 -35.07 -18.61 1.27
CA ARG A 201 -36.44 -19.00 1.57
C ARG A 201 -37.37 -17.81 1.37
N SER A 202 -38.39 -18.00 0.53
CA SER A 202 -39.41 -16.99 0.30
C SER A 202 -40.79 -17.43 0.75
N ASP A 203 -41.26 -18.58 0.27
CA ASP A 203 -42.56 -19.11 0.65
C ASP A 203 -42.40 -20.02 1.86
N GLU A 204 -43.45 -20.79 2.16
CA GLU A 204 -43.47 -21.72 3.29
C GLU A 204 -43.22 -20.97 4.61
N LEU A 205 -44.19 -20.12 4.93
CA LEU A 205 -44.14 -19.34 6.17
C LEU A 205 -44.00 -20.26 7.37
N ARG A 206 -43.15 -19.87 8.31
CA ARG A 206 -42.84 -20.66 9.49
C ARG A 206 -43.91 -20.38 10.55
N THR A 207 -44.63 -21.44 10.95
CA THR A 207 -45.67 -21.33 11.95
C THR A 207 -45.12 -21.73 13.31
N VAL A 208 -44.94 -20.75 14.19
CA VAL A 208 -44.40 -20.96 15.52
C VAL A 208 -45.49 -20.68 16.54
N TYR A 209 -45.71 -21.63 17.45
CA TYR A 209 -46.74 -21.51 18.47
C TYR A 209 -46.22 -20.70 19.65
N TYR A 210 -47.15 -20.24 20.50
CA TYR A 210 -46.75 -19.49 21.69
C TYR A 210 -47.89 -19.55 22.69
N ASN A 211 -47.56 -19.96 23.92
CA ASN A 211 -48.51 -20.23 25.01
C ASN A 211 -49.42 -21.41 24.70
N LEU A 212 -48.95 -22.37 23.91
CA LEU A 212 -49.61 -23.66 23.74
C LEU A 212 -48.61 -24.74 24.12
N PRO A 213 -48.57 -25.14 25.39
CA PRO A 213 -47.48 -26.03 25.85
C PRO A 213 -47.59 -27.43 25.26
N LEU A 214 -46.43 -28.01 25.00
CA LEU A 214 -46.34 -29.40 24.56
C LEU A 214 -46.53 -30.34 25.75
N PRO A 215 -46.90 -31.60 25.51
CA PRO A 215 -47.04 -32.55 26.62
C PRO A 215 -45.74 -32.70 27.39
N GLU A 216 -45.87 -32.84 28.71
CA GLU A 216 -44.70 -32.89 29.59
C GLU A 216 -43.93 -34.19 29.44
N ASP A 217 -44.60 -35.29 29.06
CA ASP A 217 -43.94 -36.60 29.03
C ASP A 217 -42.89 -36.70 27.95
N MET A 218 -43.06 -36.02 26.81
CA MET A 218 -42.11 -36.07 25.71
C MET A 218 -41.93 -34.66 25.14
N LEU A 219 -40.67 -34.29 24.89
CA LEU A 219 -40.35 -32.99 24.32
C LEU A 219 -39.28 -33.16 23.25
N ASP A 220 -39.28 -32.25 22.28
CA ASP A 220 -38.27 -32.20 21.23
C ASP A 220 -37.70 -30.80 21.10
N GLU A 221 -37.83 -30.01 22.16
CA GLU A 221 -37.39 -28.62 22.28
C GLU A 221 -37.68 -27.79 21.03
N ASP A 222 -38.82 -28.04 20.40
CA ASP A 222 -39.27 -27.22 19.26
C ASP A 222 -40.75 -27.51 19.02
N GLY A 223 -41.36 -26.69 18.17
CA GLY A 223 -42.74 -26.91 17.77
C GLY A 223 -42.86 -27.33 16.33
N LEU A 224 -41.75 -27.30 15.61
CA LEU A 224 -41.68 -27.64 14.20
C LEU A 224 -40.58 -28.67 13.95
N PRO A 225 -40.66 -29.43 12.85
CA PRO A 225 -39.57 -30.35 12.52
C PRO A 225 -38.29 -29.62 12.16
N LEU A 226 -37.19 -30.36 12.05
CA LEU A 226 -35.89 -29.75 11.80
C LEU A 226 -35.86 -29.11 10.41
N ALA A 227 -35.11 -28.01 10.30
CA ALA A 227 -34.94 -27.30 9.04
C ALA A 227 -33.55 -26.70 9.01
N VAL A 228 -33.17 -26.18 7.83
CA VAL A 228 -31.86 -25.56 7.65
C VAL A 228 -31.80 -24.28 8.47
N TYR A 229 -30.73 -24.14 9.25
CA TYR A 229 -30.64 -23.09 10.25
C TYR A 229 -29.37 -22.25 10.06
N PRO A 230 -29.48 -21.03 9.57
CA PRO A 230 -28.29 -20.16 9.50
C PRO A 230 -27.89 -19.71 10.90
N ARG A 231 -26.61 -19.87 11.23
CA ARG A 231 -26.12 -19.51 12.56
C ARG A 231 -26.10 -18.00 12.73
N ASN A 232 -26.26 -17.56 13.97
CA ASN A 232 -26.23 -16.14 14.28
C ASN A 232 -24.83 -15.54 14.12
N LYS A 233 -23.79 -16.37 14.15
CA LYS A 233 -22.42 -15.87 14.05
C LYS A 233 -22.23 -15.08 12.77
N ILE A 234 -21.61 -13.91 12.89
CA ILE A 234 -21.37 -13.03 11.74
C ILE A 234 -19.92 -13.15 11.34
N ARG A 235 -19.67 -13.68 10.14
CA ARG A 235 -18.32 -13.89 9.64
C ARG A 235 -17.93 -12.68 8.80
N THR A 236 -17.20 -11.74 9.40
CA THR A 236 -16.69 -10.56 8.70
C THR A 236 -15.25 -10.72 8.27
N THR A 237 -14.63 -11.87 8.51
CA THR A 237 -13.24 -12.09 8.19
C THR A 237 -13.10 -12.36 6.69
N LYS A 238 -11.90 -12.76 6.25
CA LYS A 238 -11.64 -12.98 4.84
C LYS A 238 -11.90 -14.43 4.44
N TYR A 239 -11.18 -15.37 5.05
CA TYR A 239 -11.28 -16.78 4.72
C TYR A 239 -11.70 -17.57 5.95
N THR A 240 -12.31 -18.72 5.70
CA THR A 240 -12.68 -19.64 6.78
C THR A 240 -11.43 -20.23 7.41
N PRO A 241 -11.30 -20.22 8.74
CA PRO A 241 -10.10 -20.80 9.36
C PRO A 241 -9.89 -22.27 9.02
N LEU A 242 -10.97 -23.04 8.88
CA LEU A 242 -10.82 -24.45 8.51
C LEU A 242 -10.33 -24.60 7.08
N THR A 243 -10.87 -23.79 6.16
CA THR A 243 -10.47 -23.82 4.75
C THR A 243 -9.80 -22.49 4.44
N PHE A 244 -8.50 -22.40 4.73
CA PHE A 244 -7.75 -21.16 4.56
C PHE A 244 -6.56 -21.36 3.64
N PHE A 245 -5.88 -22.50 3.79
CA PHE A 245 -4.67 -22.76 3.02
C PHE A 245 -4.93 -22.78 1.52
N PRO A 246 -5.90 -23.52 0.98
CA PRO A 246 -6.10 -23.49 -0.48
C PRO A 246 -6.48 -22.12 -1.00
N LYS A 247 -7.32 -21.37 -0.26
CA LYS A 247 -7.71 -20.04 -0.70
C LYS A 247 -6.50 -19.12 -0.76
N ASN A 248 -5.69 -19.13 0.30
CA ASN A 248 -4.51 -18.27 0.34
C ASN A 248 -3.52 -18.63 -0.76
N ILE A 249 -3.28 -19.93 -0.97
CA ILE A 249 -2.34 -20.33 -2.01
C ILE A 249 -2.85 -19.93 -3.38
N LEU A 250 -4.14 -20.17 -3.65
CA LEU A 250 -4.71 -19.83 -4.95
C LEU A 250 -4.64 -18.33 -5.20
N PHE A 251 -4.90 -17.52 -4.17
CA PHE A 251 -4.72 -16.08 -4.32
C PHE A 251 -3.26 -15.75 -4.61
N GLN A 252 -2.33 -16.41 -3.92
CA GLN A 252 -0.92 -16.22 -4.20
C GLN A 252 -0.49 -16.92 -5.48
N PHE A 253 -1.17 -17.99 -5.87
CA PHE A 253 -0.85 -18.72 -7.10
C PHE A 253 -1.16 -17.92 -8.35
N HIS A 254 -1.98 -16.88 -8.24
CA HIS A 254 -2.39 -16.12 -9.42
C HIS A 254 -1.25 -15.35 -10.05
N ASN A 255 -0.13 -15.17 -9.34
CA ASN A 255 1.03 -14.52 -9.92
C ASN A 255 1.75 -15.47 -10.88
N PHE A 256 2.80 -14.96 -11.53
CA PHE A 256 3.54 -15.75 -12.50
C PHE A 256 4.98 -16.04 -12.09
N ALA A 257 5.50 -15.44 -11.02
CA ALA A 257 6.86 -15.72 -10.59
C ALA A 257 6.94 -16.95 -9.70
N ASN A 258 6.05 -17.05 -8.71
CA ASN A 258 6.07 -18.21 -7.81
C ASN A 258 5.80 -19.50 -8.57
N ILE A 259 4.93 -19.45 -9.57
CA ILE A 259 4.62 -20.65 -10.34
C ILE A 259 5.84 -21.14 -11.11
N TYR A 260 6.61 -20.22 -11.70
CA TYR A 260 7.82 -20.66 -12.39
C TYR A 260 8.90 -21.11 -11.42
N PHE A 261 8.96 -20.52 -10.22
CA PHE A 261 9.85 -21.07 -9.21
C PHE A 261 9.47 -22.51 -8.89
N LEU A 262 8.17 -22.77 -8.72
CA LEU A 262 7.71 -24.13 -8.42
C LEU A 262 8.05 -25.09 -9.56
N ILE A 263 7.82 -24.67 -10.80
CA ILE A 263 8.12 -25.57 -11.92
C ILE A 263 9.62 -25.80 -12.09
N LEU A 264 10.46 -24.79 -11.86
CA LEU A 264 11.89 -25.03 -11.96
C LEU A 264 12.40 -25.92 -10.83
N LEU A 265 11.77 -25.84 -9.66
CA LEU A 265 12.12 -26.81 -8.61
C LEU A 265 11.62 -28.20 -8.95
N ILE A 266 10.49 -28.31 -9.62
CA ILE A 266 9.92 -29.61 -9.99
C ILE A 266 10.68 -30.16 -11.20
N LEU A 267 10.73 -29.38 -12.28
CA LEU A 267 11.43 -29.81 -13.47
C LEU A 267 12.93 -29.89 -13.27
N GLY A 268 13.47 -29.24 -12.23
CA GLY A 268 14.88 -29.37 -11.92
C GLY A 268 15.29 -30.77 -11.50
N ALA A 269 14.32 -31.59 -11.07
CA ALA A 269 14.57 -32.99 -10.75
C ALA A 269 14.04 -33.95 -11.80
N PHE A 270 13.09 -33.54 -12.63
CA PHE A 270 12.58 -34.42 -13.68
C PHE A 270 13.61 -34.61 -14.80
N GLN A 271 14.56 -33.71 -14.94
CA GLN A 271 15.61 -33.86 -15.94
C GLN A 271 16.48 -35.05 -15.59
N ILE A 272 16.56 -36.03 -16.50
CA ILE A 272 17.25 -37.28 -16.23
C ILE A 272 18.75 -37.01 -16.27
N PHE A 273 19.37 -36.90 -15.09
CA PHE A 273 20.82 -36.74 -14.95
C PHE A 273 21.33 -35.53 -15.72
N GLY A 274 20.53 -34.46 -15.74
CA GLY A 274 20.95 -33.22 -16.38
C GLY A 274 21.53 -32.26 -15.37
N VAL A 275 20.85 -32.11 -14.24
CA VAL A 275 21.32 -31.31 -13.12
C VAL A 275 21.20 -32.15 -11.85
N THR A 276 22.08 -31.89 -10.89
CA THR A 276 22.08 -32.65 -9.64
C THR A 276 20.73 -32.49 -8.92
N ASN A 277 20.34 -33.55 -8.22
CA ASN A 277 19.07 -33.53 -7.50
C ASN A 277 19.09 -32.46 -6.42
N PRO A 278 18.05 -31.62 -6.33
CA PRO A 278 18.06 -30.54 -5.33
C PRO A 278 18.08 -31.07 -3.91
N GLY A 279 17.10 -31.89 -3.56
CA GLY A 279 17.05 -32.47 -2.22
C GLY A 279 16.64 -31.45 -1.18
N PHE A 280 17.53 -30.47 -0.93
CA PHE A 280 17.27 -29.41 0.03
C PHE A 280 17.25 -28.03 -0.60
N ALA A 281 17.46 -27.92 -1.91
CA ALA A 281 17.44 -26.62 -2.58
C ALA A 281 16.02 -26.24 -3.01
N SER A 282 15.07 -26.35 -2.08
CA SER A 282 13.70 -25.94 -2.32
C SER A 282 13.06 -25.21 -1.14
N VAL A 283 13.78 -25.04 -0.03
CA VAL A 283 13.21 -24.46 1.19
C VAL A 283 12.84 -22.97 1.07
N PRO A 284 13.48 -22.14 0.22
CA PRO A 284 13.03 -20.74 0.16
C PRO A 284 11.58 -20.57 -0.24
N LEU A 285 11.10 -21.37 -1.20
CA LEU A 285 9.69 -21.31 -1.57
C LEU A 285 8.81 -21.68 -0.38
N ILE A 286 9.20 -22.72 0.35
CA ILE A 286 8.42 -23.16 1.51
C ILE A 286 8.36 -22.05 2.55
N VAL A 287 9.50 -21.43 2.85
CA VAL A 287 9.52 -20.43 3.91
C VAL A 287 8.74 -19.19 3.50
N ILE A 288 8.81 -18.79 2.22
CA ILE A 288 8.07 -17.60 1.82
C ILE A 288 6.56 -17.87 1.84
N VAL A 289 6.14 -19.04 1.36
CA VAL A 289 4.71 -19.31 1.35
C VAL A 289 4.19 -19.46 2.77
N ILE A 290 4.96 -20.09 3.67
CA ILE A 290 4.47 -20.23 5.04
C ILE A 290 4.47 -18.90 5.77
N ILE A 291 5.43 -18.01 5.49
CA ILE A 291 5.40 -16.71 6.16
C ILE A 291 4.24 -15.87 5.64
N THR A 292 3.92 -15.96 4.35
CA THR A 292 2.73 -15.30 3.84
C THR A 292 1.47 -15.84 4.51
N ALA A 293 1.41 -17.17 4.65
CA ALA A 293 0.27 -17.80 5.31
C ALA A 293 0.16 -17.35 6.76
N ILE A 294 1.29 -17.23 7.46
CA ILE A 294 1.27 -16.80 8.85
C ILE A 294 0.80 -15.35 8.96
N LYS A 295 1.26 -14.48 8.06
CA LYS A 295 0.83 -13.08 8.11
C LYS A 295 -0.69 -12.98 7.87
N ASP A 296 -1.18 -13.69 6.85
CA ASP A 296 -2.62 -13.67 6.59
C ASP A 296 -3.40 -14.31 7.74
N GLY A 297 -2.85 -15.34 8.36
CA GLY A 297 -3.51 -15.95 9.50
C GLY A 297 -3.56 -15.04 10.71
N ILE A 298 -2.52 -14.23 10.90
CA ILE A 298 -2.56 -13.25 11.99
C ILE A 298 -3.60 -12.17 11.70
N GLU A 299 -3.70 -11.72 10.45
CA GLU A 299 -4.75 -10.78 10.09
C GLU A 299 -6.12 -11.35 10.37
N ASP A 300 -6.35 -12.60 9.93
CA ASP A 300 -7.65 -13.24 10.16
C ASP A 300 -7.89 -13.50 11.63
N SER A 301 -6.83 -13.75 12.40
CA SER A 301 -6.98 -13.94 13.84
C SER A 301 -7.42 -12.64 14.52
N ARG A 302 -6.85 -11.51 14.09
CA ARG A 302 -7.31 -10.23 14.61
C ARG A 302 -8.77 -9.98 14.24
N ARG A 303 -9.14 -10.29 13.01
CA ARG A 303 -10.54 -10.13 12.61
C ARG A 303 -11.46 -11.02 13.44
N THR A 304 -11.06 -12.27 13.67
CA THR A 304 -11.89 -13.19 14.44
C THR A 304 -12.00 -12.77 15.90
N VAL A 305 -10.91 -12.30 16.50
CA VAL A 305 -11.02 -11.87 17.90
C VAL A 305 -11.86 -10.61 18.00
N LEU A 306 -11.82 -9.73 16.99
CA LEU A 306 -12.71 -8.58 16.97
C LEU A 306 -14.17 -9.04 16.86
N ASP A 307 -14.44 -10.01 16.00
CA ASP A 307 -15.79 -10.54 15.89
C ASP A 307 -16.26 -11.17 17.19
N LEU A 308 -15.38 -11.92 17.85
CA LEU A 308 -15.74 -12.55 19.12
C LEU A 308 -16.03 -11.52 20.20
N GLU A 309 -15.21 -10.48 20.31
CA GLU A 309 -15.48 -9.46 21.31
C GLU A 309 -16.73 -8.67 20.99
N VAL A 310 -17.09 -8.55 19.71
CA VAL A 310 -18.39 -7.96 19.37
C VAL A 310 -19.52 -8.87 19.80
N ASN A 311 -19.38 -10.18 19.54
CA ASN A 311 -20.46 -11.12 19.80
C ASN A 311 -20.55 -11.57 21.25
N ASN A 312 -19.61 -11.18 22.09
CA ASN A 312 -19.67 -11.52 23.51
C ASN A 312 -20.37 -10.45 24.34
N THR A 313 -21.32 -9.72 23.76
CA THR A 313 -22.06 -8.71 24.49
C THR A 313 -23.09 -9.35 25.40
N ARG A 314 -23.96 -8.54 26.00
CA ARG A 314 -24.84 -9.03 27.05
C ARG A 314 -26.28 -8.99 26.54
N THR A 315 -27.01 -10.06 26.84
CA THR A 315 -28.43 -10.16 26.54
C THR A 315 -29.08 -10.98 27.64
N HIS A 316 -30.36 -10.72 27.89
CA HIS A 316 -31.05 -11.38 28.98
C HIS A 316 -32.44 -11.79 28.53
N ILE A 317 -32.84 -13.01 28.92
CA ILE A 317 -34.16 -13.54 28.63
C ILE A 317 -34.75 -14.07 29.93
N LEU A 318 -36.03 -13.82 30.16
CA LEU A 318 -36.70 -14.17 31.40
C LEU A 318 -36.86 -15.68 31.52
N SER A 319 -36.80 -16.16 32.76
CA SER A 319 -36.99 -17.57 33.06
C SER A 319 -37.41 -17.69 34.52
N GLY A 320 -37.79 -18.90 34.93
CA GLY A 320 -38.22 -19.14 36.28
C GLY A 320 -39.54 -19.87 36.35
N VAL A 321 -40.35 -19.74 35.31
CA VAL A 321 -41.63 -20.43 35.22
C VAL A 321 -41.58 -21.38 34.03
N LYS A 322 -42.58 -22.25 33.96
CA LYS A 322 -42.64 -23.25 32.90
C LYS A 322 -42.86 -22.56 31.55
N ASN A 323 -41.86 -22.64 30.68
CA ASN A 323 -41.95 -22.08 29.35
C ASN A 323 -42.23 -23.18 28.32
N GLU A 324 -42.82 -22.79 27.19
CA GLU A 324 -43.20 -23.76 26.17
C GLU A 324 -42.04 -24.18 25.27
N ASN A 325 -40.94 -23.43 25.27
CA ASN A 325 -39.79 -23.77 24.42
C ASN A 325 -38.55 -24.12 25.21
N VAL A 326 -38.07 -23.22 26.08
CA VAL A 326 -36.86 -23.44 26.86
C VAL A 326 -37.08 -22.91 28.27
N ALA A 327 -36.67 -23.69 29.26
CA ALA A 327 -36.79 -23.29 30.65
C ALA A 327 -35.43 -23.00 31.26
N ASN A 424 -64.17 -10.89 28.71
CA ASN A 424 -63.15 -9.85 28.67
C ASN A 424 -61.84 -10.39 28.10
N LEU A 425 -60.75 -9.65 28.33
CA LEU A 425 -59.44 -10.03 27.81
C LEU A 425 -58.43 -10.28 28.91
N VAL A 426 -58.39 -9.44 29.95
CA VAL A 426 -57.41 -9.56 31.02
C VAL A 426 -58.14 -9.81 32.33
N ASP A 427 -57.53 -10.65 33.17
CA ASP A 427 -58.06 -10.97 34.49
C ASP A 427 -57.04 -10.58 35.55
N ARG A 428 -57.54 -10.28 36.74
CA ARG A 428 -56.72 -9.85 37.87
C ARG A 428 -56.83 -10.83 39.04
N THR A 429 -56.83 -12.12 38.74
CA THR A 429 -56.95 -13.16 39.75
C THR A 429 -55.63 -13.85 40.08
N LEU A 430 -54.75 -13.99 39.10
CA LEU A 430 -53.49 -14.68 39.32
C LEU A 430 -52.40 -13.70 39.78
N GLN A 431 -51.71 -14.06 40.85
CA GLN A 431 -50.62 -13.28 41.40
C GLN A 431 -49.31 -13.71 40.74
N PRO A 432 -48.50 -12.77 40.24
CA PRO A 432 -47.28 -13.16 39.55
C PRO A 432 -46.30 -13.90 40.46
N ASN A 433 -45.56 -14.82 39.86
CA ASN A 433 -44.62 -15.65 40.59
C ASN A 433 -43.32 -14.90 40.79
N PRO A 434 -42.78 -14.82 42.02
CA PRO A 434 -41.53 -14.09 42.24
C PRO A 434 -40.30 -14.80 41.70
N GLU A 435 -40.43 -16.00 41.12
CA GLU A 435 -39.29 -16.73 40.61
C GLU A 435 -38.74 -16.16 39.30
N CYS A 436 -39.46 -15.22 38.68
CA CYS A 436 -39.04 -14.67 37.39
C CYS A 436 -37.82 -13.76 37.59
N ARG A 437 -36.68 -14.20 37.08
CA ARG A 437 -35.45 -13.42 37.16
C ARG A 437 -34.82 -13.42 35.77
N PHE A 438 -34.05 -12.37 35.44
CA PHE A 438 -33.40 -12.29 34.14
C PHE A 438 -32.15 -13.15 34.18
N ALA A 439 -32.00 -14.04 33.20
CA ALA A 439 -30.82 -14.89 33.11
C ALA A 439 -29.75 -14.23 32.26
N LYS A 440 -28.56 -14.82 32.27
CA LYS A 440 -27.43 -14.34 31.48
C LYS A 440 -27.42 -15.08 30.15
N ASP A 441 -27.48 -14.32 29.06
CA ASP A 441 -27.51 -14.86 27.70
C ASP A 441 -26.53 -14.11 26.81
N TYR A 442 -26.13 -14.75 25.72
CA TYR A 442 -25.13 -14.23 24.80
C TYR A 442 -25.71 -14.21 23.39
N TRP A 443 -25.08 -13.42 22.52
CA TRP A 443 -25.53 -13.35 21.13
C TRP A 443 -25.24 -14.63 20.36
N LYS A 444 -24.41 -15.52 20.91
CA LYS A 444 -24.03 -16.73 20.21
C LYS A 444 -25.19 -17.72 20.06
N ASN A 445 -26.17 -17.68 20.95
CA ASN A 445 -27.23 -18.67 21.01
C ASN A 445 -28.60 -18.03 20.86
N VAL A 446 -28.73 -17.13 19.90
CA VAL A 446 -30.02 -16.56 19.53
C VAL A 446 -30.38 -17.03 18.13
N LYS A 447 -31.64 -17.44 17.97
CA LYS A 447 -32.08 -18.10 16.75
C LYS A 447 -33.59 -17.93 16.65
N VAL A 448 -34.12 -18.18 15.45
CA VAL A 448 -35.56 -18.09 15.20
C VAL A 448 -36.31 -18.94 16.21
N GLY A 449 -37.37 -18.38 16.79
CA GLY A 449 -38.09 -19.04 17.84
C GLY A 449 -37.77 -18.55 19.24
N ASP A 450 -37.06 -17.44 19.36
CA ASP A 450 -36.62 -16.91 20.65
C ASP A 450 -37.21 -15.53 20.89
N ILE A 451 -37.45 -15.21 22.15
CA ILE A 451 -37.90 -13.89 22.55
C ILE A 451 -36.74 -13.15 23.20
N VAL A 452 -36.68 -11.83 22.98
CA VAL A 452 -35.59 -11.03 23.50
C VAL A 452 -36.16 -9.78 24.17
N ARG A 453 -35.61 -9.43 25.32
CA ARG A 453 -35.97 -8.20 26.04
C ARG A 453 -34.82 -7.22 25.85
N VAL A 454 -35.13 -6.02 25.38
CA VAL A 454 -34.13 -4.98 25.14
C VAL A 454 -34.57 -3.71 25.87
N HIS A 455 -33.58 -3.00 26.40
CA HIS A 455 -33.79 -1.78 27.17
C HIS A 455 -33.18 -0.60 26.44
N ASN A 456 -33.17 0.55 27.11
CA ASN A 456 -32.56 1.74 26.56
C ASN A 456 -31.04 1.58 26.50
N ASN A 457 -30.42 2.34 25.59
CA ASN A 457 -28.98 2.33 25.40
C ASN A 457 -28.47 0.92 25.06
N ASP A 458 -29.20 0.24 24.18
CA ASP A 458 -28.83 -1.09 23.73
C ASP A 458 -29.09 -1.22 22.23
N GLU A 459 -28.29 -2.07 21.59
CA GLU A 459 -28.40 -2.31 20.16
C GLU A 459 -29.49 -3.36 19.90
N ILE A 460 -29.51 -3.89 18.68
CA ILE A 460 -30.50 -4.86 18.26
C ILE A 460 -29.77 -6.13 17.82
N PRO A 461 -30.13 -7.31 18.35
CA PRO A 461 -29.35 -8.51 18.01
C PRO A 461 -29.61 -9.03 16.61
N ALA A 462 -30.83 -8.91 16.11
CA ALA A 462 -31.18 -9.38 14.76
C ALA A 462 -32.50 -8.73 14.37
N ASP A 463 -33.00 -9.09 13.20
CA ASP A 463 -34.29 -8.57 12.74
C ASP A 463 -35.37 -8.92 13.75
N MET A 464 -36.23 -7.95 14.05
CA MET A 464 -37.07 -8.00 15.24
C MET A 464 -38.52 -7.69 14.89
N ILE A 465 -39.43 -8.18 15.73
CA ILE A 465 -40.84 -7.85 15.66
C ILE A 465 -41.25 -7.31 17.03
N LEU A 466 -41.88 -6.13 17.04
CA LEU A 466 -42.23 -5.48 18.29
C LEU A 466 -43.45 -6.15 18.89
N LEU A 467 -43.30 -6.70 20.10
CA LEU A 467 -44.39 -7.37 20.80
C LEU A 467 -44.94 -6.54 21.95
N SER A 468 -44.10 -6.13 22.89
CA SER A 468 -44.54 -5.32 24.01
C SER A 468 -43.50 -4.25 24.30
N THR A 469 -43.97 -3.03 24.54
CA THR A 469 -43.13 -1.89 24.85
C THR A 469 -43.43 -1.39 26.26
N SER A 470 -42.69 -0.37 26.68
CA SER A 470 -42.87 0.19 28.02
C SER A 470 -44.13 1.04 28.12
N ASP A 471 -44.72 1.44 27.01
CA ASP A 471 -45.90 2.29 26.99
C ASP A 471 -47.07 1.54 26.39
N VAL A 472 -48.24 2.18 26.41
CA VAL A 472 -49.44 1.63 25.79
C VAL A 472 -49.32 1.79 24.28
N ASP A 473 -50.13 1.05 23.54
CA ASP A 473 -50.20 1.05 22.08
C ASP A 473 -48.93 0.51 21.43
N GLY A 474 -47.93 0.12 22.20
CA GLY A 474 -46.72 -0.49 21.67
C GLY A 474 -45.97 0.36 20.65
N ALA A 475 -45.56 1.56 21.05
CA ALA A 475 -44.83 2.46 20.18
C ALA A 475 -43.42 2.63 20.72
N CYS A 476 -42.42 2.36 19.87
CA CYS A 476 -41.01 2.45 20.24
C CYS A 476 -40.27 3.37 19.27
N TYR A 477 -39.10 3.83 19.72
CA TYR A 477 -38.30 4.80 19.00
C TYR A 477 -36.95 4.17 18.67
N VAL A 478 -36.56 4.22 17.41
CA VAL A 478 -35.34 3.55 16.94
C VAL A 478 -34.58 4.45 15.98
N GLU A 479 -33.25 4.48 16.14
CA GLU A 479 -32.35 5.04 15.15
C GLU A 479 -31.85 3.95 14.21
N THR A 480 -31.91 4.23 12.91
CA THR A 480 -31.30 3.38 11.89
C THR A 480 -30.02 4.02 11.36
N LYS A 481 -29.22 4.60 12.27
CA LYS A 481 -28.03 5.34 11.86
C LYS A 481 -27.11 4.49 11.00
N ASN A 482 -26.94 3.21 11.36
CA ASN A 482 -26.13 2.32 10.55
C ASN A 482 -26.76 2.03 9.19
N LEU A 483 -28.06 2.22 9.04
CA LEU A 483 -28.72 2.02 7.76
C LEU A 483 -28.85 3.30 6.95
N ASP A 484 -29.03 4.45 7.61
CA ASP A 484 -29.17 5.72 6.93
C ASP A 484 -28.81 6.82 7.92
N GLY A 485 -28.52 8.01 7.40
CA GLY A 485 -28.10 9.11 8.24
C GLY A 485 -29.22 10.06 8.62
N GLU A 486 -30.40 9.52 8.92
CA GLU A 486 -31.52 10.35 9.32
C GLU A 486 -31.27 10.89 10.72
N THR A 487 -31.82 12.08 11.01
CA THR A 487 -31.62 12.68 12.32
C THR A 487 -32.74 12.28 13.28
N ASN A 488 -33.99 12.37 12.84
CA ASN A 488 -35.13 12.15 13.71
C ASN A 488 -35.25 10.68 14.11
N LEU A 489 -35.88 10.45 15.26
CA LEU A 489 -36.22 9.11 15.69
C LEU A 489 -37.21 8.47 14.71
N LYS A 490 -37.16 7.14 14.64
CA LYS A 490 -38.08 6.38 13.83
C LYS A 490 -39.12 5.72 14.71
N VAL A 491 -40.39 5.94 14.40
CA VAL A 491 -41.49 5.37 15.16
C VAL A 491 -41.77 3.96 14.67
N ARG A 492 -42.03 3.05 15.60
CA ARG A 492 -42.39 1.68 15.26
C ARG A 492 -43.51 1.23 16.18
N GLN A 493 -44.67 0.93 15.62
CA GLN A 493 -45.81 0.45 16.39
C GLN A 493 -45.76 -1.07 16.53
N SER A 494 -46.16 -1.56 17.69
CA SER A 494 -46.17 -2.99 17.96
C SER A 494 -47.47 -3.60 17.43
N LEU A 495 -47.73 -4.84 17.80
CA LEU A 495 -48.94 -5.53 17.34
C LEU A 495 -50.18 -4.94 17.99
N LYS A 496 -51.21 -4.69 17.18
CA LYS A 496 -52.46 -4.17 17.69
C LYS A 496 -53.17 -5.16 18.61
N CYS A 497 -52.84 -6.46 18.51
CA CYS A 497 -53.44 -7.44 19.41
C CYS A 497 -52.86 -7.34 20.81
N SER A 498 -51.60 -6.93 20.93
CA SER A 498 -50.91 -6.84 22.21
C SER A 498 -50.77 -5.40 22.70
N LYS A 499 -51.65 -4.50 22.26
CA LYS A 499 -51.64 -3.12 22.68
C LYS A 499 -52.39 -2.88 23.99
N ILE A 500 -53.07 -3.91 24.51
CA ILE A 500 -53.84 -3.76 25.74
C ILE A 500 -53.12 -4.36 26.94
N ILE A 501 -52.21 -5.31 26.73
CA ILE A 501 -51.46 -5.91 27.84
C ILE A 501 -50.50 -4.87 28.41
N LYS A 502 -50.48 -4.75 29.73
CA LYS A 502 -49.68 -3.75 30.41
C LYS A 502 -48.57 -4.36 31.26
N SER A 503 -48.93 -5.24 32.20
CA SER A 503 -47.95 -5.80 33.11
C SER A 503 -47.01 -6.76 32.38
N SER A 504 -45.82 -6.96 32.97
CA SER A 504 -44.82 -7.83 32.36
C SER A 504 -45.30 -9.27 32.24
N ARG A 505 -46.18 -9.72 33.15
CA ARG A 505 -46.73 -11.06 33.06
C ARG A 505 -47.92 -11.16 32.12
N ASP A 506 -48.49 -10.03 31.72
CA ASP A 506 -49.63 -10.06 30.80
C ASP A 506 -49.21 -10.37 29.37
N ILE A 507 -47.91 -10.31 29.10
CA ILE A 507 -47.40 -10.62 27.77
C ILE A 507 -47.36 -12.13 27.55
N THR A 508 -47.56 -12.88 28.63
CA THR A 508 -47.55 -14.34 28.56
C THR A 508 -48.88 -14.92 29.04
N ARG A 509 -49.96 -14.19 28.77
CA ARG A 509 -51.30 -14.60 29.16
C ARG A 509 -52.20 -14.96 27.98
N THR A 510 -51.77 -14.68 26.75
CA THR A 510 -52.54 -15.00 25.56
C THR A 510 -51.80 -16.03 24.72
N LYS A 511 -52.54 -16.95 24.12
CA LYS A 511 -51.97 -18.00 23.28
C LYS A 511 -52.25 -17.70 21.82
N PHE A 512 -51.20 -17.73 21.00
CA PHE A 512 -51.41 -17.54 19.56
C PHE A 512 -50.30 -18.24 18.79
N TRP A 513 -50.23 -17.95 17.49
CA TRP A 513 -49.16 -18.50 16.66
C TRP A 513 -48.86 -17.53 15.53
N VAL A 514 -47.66 -17.71 14.96
CA VAL A 514 -47.02 -16.77 14.06
C VAL A 514 -46.75 -17.48 12.76
N GLU A 515 -47.18 -16.89 11.64
CA GLU A 515 -46.86 -17.39 10.32
C GLU A 515 -46.02 -16.33 9.62
N SER A 516 -44.72 -16.57 9.51
CA SER A 516 -43.78 -15.60 8.97
C SER A 516 -42.89 -16.26 7.92
N GLU A 517 -42.60 -15.51 6.86
CA GLU A 517 -41.80 -15.97 5.75
C GLU A 517 -40.35 -15.53 5.92
N GLY A 518 -39.46 -16.24 5.22
CA GLY A 518 -38.04 -15.96 5.30
C GLY A 518 -37.64 -14.78 4.43
N PRO A 519 -36.33 -14.50 4.41
CA PRO A 519 -35.85 -13.38 3.61
C PRO A 519 -36.00 -13.63 2.11
N HIS A 520 -36.92 -12.88 1.49
CA HIS A 520 -37.21 -13.02 0.07
C HIS A 520 -36.51 -11.98 -0.78
N ALA A 521 -35.34 -11.51 -0.32
CA ALA A 521 -34.48 -10.59 -1.08
C ALA A 521 -35.20 -9.28 -1.40
N ASN A 522 -35.70 -8.63 -0.36
CA ASN A 522 -36.31 -7.32 -0.49
C ASN A 522 -35.88 -6.43 0.68
N LEU A 523 -36.03 -5.13 0.48
CA LEU A 523 -35.54 -4.13 1.43
C LEU A 523 -36.62 -3.57 2.35
N TYR A 524 -37.81 -3.28 1.83
CA TYR A 524 -38.88 -2.68 2.62
C TYR A 524 -40.20 -3.41 2.37
N SER A 525 -40.14 -4.73 2.29
CA SER A 525 -41.34 -5.55 2.07
C SER A 525 -41.33 -6.72 3.02
N TYR A 526 -42.45 -6.93 3.71
CA TYR A 526 -42.60 -8.07 4.60
C TYR A 526 -44.08 -8.32 4.85
N GLN A 527 -44.46 -9.60 4.88
CA GLN A 527 -45.84 -10.01 5.08
C GLN A 527 -45.87 -11.13 6.11
N GLY A 528 -46.58 -10.89 7.22
CA GLY A 528 -46.73 -11.89 8.25
C GLY A 528 -48.19 -11.99 8.68
N ASN A 529 -48.52 -13.12 9.30
CA ASN A 529 -49.88 -13.39 9.75
C ASN A 529 -49.85 -13.85 11.20
N PHE A 530 -50.53 -13.12 12.08
CA PHE A 530 -50.64 -13.54 13.47
C PHE A 530 -52.04 -14.10 13.70
N LYS A 531 -52.12 -15.37 14.08
CA LYS A 531 -53.41 -16.03 14.21
C LYS A 531 -53.62 -16.47 15.65
N TRP A 532 -54.85 -16.33 16.14
CA TRP A 532 -55.12 -16.71 17.52
C TRP A 532 -56.58 -17.07 17.72
N GLN A 533 -56.81 -17.93 18.72
CA GLN A 533 -58.13 -18.46 19.03
C GLN A 533 -58.71 -17.70 20.22
N ASP A 534 -59.99 -17.35 20.12
CA ASP A 534 -60.67 -16.69 21.21
C ASP A 534 -61.19 -17.72 22.22
N THR A 535 -61.31 -17.28 23.47
CA THR A 535 -61.80 -18.14 24.53
C THR A 535 -63.32 -18.10 24.64
N GLN A 536 -63.93 -16.94 24.39
CA GLN A 536 -65.39 -16.83 24.48
C GLN A 536 -66.08 -17.68 23.42
N ASN A 537 -65.54 -17.71 22.20
CA ASN A 537 -66.12 -18.50 21.13
C ASN A 537 -65.01 -19.25 20.40
N GLY A 538 -65.37 -20.38 19.79
CA GLY A 538 -64.39 -21.19 19.10
C GLY A 538 -64.17 -20.75 17.67
N ASN A 539 -63.12 -19.98 17.44
CA ASN A 539 -62.79 -19.49 16.10
C ASN A 539 -61.35 -19.01 16.10
N ILE A 540 -60.80 -18.87 14.90
CA ILE A 540 -59.46 -18.36 14.69
C ILE A 540 -59.57 -17.00 14.01
N ARG A 541 -58.98 -15.98 14.61
CA ARG A 541 -58.94 -14.64 14.01
C ARG A 541 -57.49 -14.25 13.77
N ASN A 542 -57.25 -13.63 12.61
CA ASN A 542 -55.93 -13.37 12.06
C ASN A 542 -55.72 -11.87 11.86
N GLU A 543 -54.45 -11.46 11.90
CA GLU A 543 -54.08 -10.09 11.66
C GLU A 543 -52.85 -10.04 10.76
N PRO A 544 -52.87 -9.24 9.69
CA PRO A 544 -51.70 -9.13 8.82
C PRO A 544 -50.70 -8.12 9.37
N VAL A 545 -49.44 -8.32 8.99
CA VAL A 545 -48.32 -7.49 9.43
C VAL A 545 -47.49 -7.11 8.23
N ASN A 546 -47.33 -5.81 8.00
CA ASN A 546 -46.58 -5.26 6.89
C ASN A 546 -45.16 -4.89 7.36
N ILE A 547 -44.42 -4.20 6.50
CA ILE A 547 -43.04 -3.82 6.80
C ILE A 547 -42.97 -2.84 7.97
N ASN A 548 -44.03 -2.06 8.19
CA ASN A 548 -43.99 -1.00 9.19
C ASN A 548 -43.78 -1.55 10.60
N ASN A 549 -44.18 -2.80 10.84
CA ASN A 549 -44.01 -3.44 12.13
C ASN A 549 -42.66 -4.14 12.27
N LEU A 550 -41.93 -4.31 11.17
CA LEU A 550 -40.67 -5.03 11.15
C LEU A 550 -39.54 -4.12 11.60
N LEU A 551 -38.72 -4.59 12.54
CA LEU A 551 -37.57 -3.86 13.04
C LEU A 551 -36.32 -4.58 12.54
N LEU A 552 -35.39 -3.82 11.97
CA LEU A 552 -34.23 -4.38 11.29
C LEU A 552 -33.16 -4.78 12.31
N ARG A 553 -31.95 -5.05 11.83
CA ARG A 553 -30.84 -5.45 12.69
C ARG A 553 -29.92 -4.29 13.05
N GLY A 554 -29.45 -3.55 12.05
CA GLY A 554 -28.51 -2.48 12.31
C GLY A 554 -29.15 -1.22 12.87
N CYS A 555 -30.02 -1.39 13.86
CA CYS A 555 -30.72 -0.28 14.49
C CYS A 555 -30.38 -0.25 15.98
N THR A 556 -30.95 0.72 16.68
CA THR A 556 -30.68 0.90 18.10
C THR A 556 -31.90 1.51 18.77
N LEU A 557 -32.13 1.11 20.01
CA LEU A 557 -33.33 1.50 20.72
C LEU A 557 -33.08 2.73 21.59
N ARG A 558 -33.91 3.76 21.39
CA ARG A 558 -33.86 4.97 22.20
C ARG A 558 -35.22 5.19 22.85
N ASN A 559 -35.20 5.79 24.05
CA ASN A 559 -36.40 6.29 24.71
C ASN A 559 -37.46 5.20 24.91
N THR A 560 -37.02 4.08 25.48
CA THR A 560 -37.93 3.00 25.85
C THR A 560 -37.27 2.19 26.95
N LYS A 561 -37.89 2.18 28.14
CA LYS A 561 -37.30 1.51 29.29
C LYS A 561 -37.13 0.02 29.05
N TRP A 562 -38.13 -0.62 28.44
CA TRP A 562 -38.11 -2.06 28.23
C TRP A 562 -39.05 -2.41 27.09
N ALA A 563 -38.65 -3.42 26.31
CA ALA A 563 -39.48 -3.94 25.23
C ALA A 563 -39.09 -5.38 24.94
N MET A 564 -40.07 -6.27 24.95
CA MET A 564 -39.86 -7.65 24.55
C MET A 564 -40.38 -7.86 23.13
N GLY A 565 -39.60 -8.60 22.33
CA GLY A 565 -39.95 -8.87 20.96
C GLY A 565 -39.60 -10.29 20.58
N MET A 566 -39.99 -10.66 19.36
CA MET A 566 -39.89 -12.02 18.85
C MET A 566 -38.86 -12.09 17.74
N VAL A 567 -37.92 -13.02 17.89
CA VAL A 567 -36.86 -13.18 16.89
C VAL A 567 -37.43 -13.92 15.69
N ILE A 568 -37.25 -13.35 14.49
CA ILE A 568 -37.75 -13.93 13.26
C ILE A 568 -36.64 -14.29 12.29
N PHE A 569 -35.67 -13.39 12.11
CA PHE A 569 -34.54 -13.62 11.22
C PHE A 569 -33.26 -13.71 12.03
N THR A 570 -32.34 -14.56 11.57
CA THR A 570 -31.09 -14.79 12.28
C THR A 570 -29.97 -15.03 11.28
N GLY A 571 -28.83 -14.39 11.51
CA GLY A 571 -27.66 -14.63 10.66
C GLY A 571 -27.68 -13.76 9.42
N ASP A 572 -27.47 -14.40 8.27
CA ASP A 572 -27.39 -13.67 7.00
C ASP A 572 -28.72 -13.09 6.56
N ASP A 573 -29.82 -13.46 7.22
CA ASP A 573 -31.13 -12.95 6.81
C ASP A 573 -31.23 -11.44 7.01
N THR A 574 -30.40 -10.86 7.87
CA THR A 574 -30.46 -9.43 8.13
C THR A 574 -30.07 -8.64 6.88
N LYS A 575 -30.62 -7.44 6.77
CA LYS A 575 -30.35 -6.60 5.61
C LYS A 575 -28.89 -6.17 5.55
N ILE A 576 -28.24 -5.99 6.70
CA ILE A 576 -26.85 -5.58 6.70
C ILE A 576 -25.96 -6.65 6.10
N MET A 577 -26.27 -7.93 6.34
CA MET A 577 -25.51 -9.00 5.71
C MET A 577 -25.77 -9.06 4.21
N ILE A 578 -27.00 -8.75 3.78
CA ILE A 578 -27.30 -8.71 2.36
C ILE A 578 -26.51 -7.61 1.68
N ASN A 579 -26.42 -6.44 2.30
CA ASN A 579 -25.72 -5.30 1.73
C ASN A 579 -24.23 -5.29 2.03
N ALA A 580 -23.74 -6.25 2.81
CA ALA A 580 -22.33 -6.22 3.22
C ALA A 580 -21.42 -6.66 2.09
N GLY A 581 -21.58 -7.89 1.61
CA GLY A 581 -20.72 -8.40 0.56
C GLY A 581 -20.03 -9.70 0.90
N VAL A 582 -18.77 -9.84 0.48
CA VAL A 582 -18.03 -11.07 0.75
C VAL A 582 -16.64 -10.78 1.28
N THR A 583 -16.39 -9.52 1.59
CA THR A 583 -15.10 -9.08 2.12
C THR A 583 -13.98 -9.63 1.23
N PRO A 584 -13.80 -9.06 0.03
CA PRO A 584 -12.89 -9.67 -0.95
C PRO A 584 -11.42 -9.62 -0.54
N THR A 585 -10.56 -10.17 -1.41
CA THR A 585 -9.15 -10.29 -1.12
C THR A 585 -8.44 -8.95 -0.98
N LYS A 586 -8.99 -7.89 -1.61
CA LYS A 586 -8.44 -6.53 -1.52
C LYS A 586 -6.99 -6.50 -2.02
N LYS A 587 -6.86 -6.79 -3.31
CA LYS A 587 -5.55 -6.97 -3.93
C LYS A 587 -5.08 -5.67 -4.58
N SER A 588 -3.80 -5.36 -4.40
CA SER A 588 -3.26 -4.06 -4.80
C SER A 588 -3.19 -3.93 -6.32
N ARG A 589 -3.24 -2.69 -6.79
CA ARG A 589 -3.18 -2.42 -8.23
C ARG A 589 -1.77 -2.58 -8.78
N ILE A 590 -0.76 -2.08 -8.06
CA ILE A 590 0.60 -2.09 -8.56
C ILE A 590 1.09 -3.50 -8.83
N SER A 591 0.53 -4.50 -8.13
CA SER A 591 0.97 -5.87 -8.34
C SER A 591 0.58 -6.39 -9.71
N ARG A 592 -0.49 -5.86 -10.31
CA ARG A 592 -0.87 -6.29 -11.66
C ARG A 592 0.21 -5.94 -12.67
N GLU A 593 0.63 -4.67 -12.69
CA GLU A 593 1.69 -4.30 -13.61
C GLU A 593 3.05 -4.83 -13.15
N LEU A 594 3.18 -5.15 -11.87
CA LEU A 594 4.38 -5.85 -11.42
C LEU A 594 4.45 -7.23 -12.04
N ASN A 595 3.32 -7.94 -12.10
CA ASN A 595 3.27 -9.22 -12.78
C ASN A 595 3.49 -9.06 -14.28
N PHE A 596 3.01 -7.95 -14.85
CA PHE A 596 3.30 -7.66 -16.25
C PHE A 596 4.80 -7.50 -16.47
N SER A 597 5.47 -6.78 -15.57
CA SER A 597 6.92 -6.64 -15.63
C SER A 597 7.62 -7.99 -15.45
N VAL A 598 7.11 -8.83 -14.57
CA VAL A 598 7.72 -10.13 -14.33
C VAL A 598 7.61 -11.00 -15.57
N ILE A 599 6.45 -11.01 -16.23
CA ILE A 599 6.32 -11.79 -17.45
C ILE A 599 7.15 -11.18 -18.57
N LEU A 600 7.37 -9.86 -18.54
CA LEU A 600 8.30 -9.25 -19.49
C LEU A 600 9.72 -9.75 -19.26
N ASN A 601 10.13 -9.87 -17.99
CA ASN A 601 11.43 -10.44 -17.68
C ASN A 601 11.51 -11.90 -18.11
N PHE A 602 10.41 -12.64 -17.98
CA PHE A 602 10.36 -14.01 -18.48
C PHE A 602 10.56 -14.05 -20.00
N VAL A 603 9.93 -13.13 -20.72
CA VAL A 603 10.15 -13.05 -22.16
C VAL A 603 11.60 -12.70 -22.46
N LEU A 604 12.20 -11.84 -21.64
CA LEU A 604 13.62 -11.53 -21.80
C LEU A 604 14.47 -12.77 -21.63
N LEU A 605 14.18 -13.58 -20.60
CA LEU A 605 14.91 -14.82 -20.40
C LEU A 605 14.76 -15.76 -21.59
N PHE A 606 13.52 -15.90 -22.08
CA PHE A 606 13.28 -16.82 -23.18
C PHE A 606 14.00 -16.38 -24.45
N ILE A 607 13.97 -15.08 -24.76
CA ILE A 607 14.65 -14.59 -25.96
C ILE A 607 16.16 -14.68 -25.79
N LEU A 608 16.67 -14.46 -24.58
CA LEU A 608 18.10 -14.55 -24.35
C LEU A 608 18.60 -15.97 -24.52
N CYS A 609 17.93 -16.92 -23.87
CA CYS A 609 18.37 -18.32 -23.96
C CYS A 609 18.00 -18.96 -25.30
N PHE A 610 17.05 -18.39 -26.04
CA PHE A 610 16.73 -18.90 -27.37
C PHE A 610 17.79 -18.52 -28.39
N THR A 611 18.60 -17.51 -28.12
CA THR A 611 19.75 -17.19 -28.93
C THR A 611 21.07 -17.53 -28.26
N ALA A 612 21.10 -17.67 -26.94
CA ALA A 612 22.30 -18.14 -26.28
C ALA A 612 22.55 -19.62 -26.51
N GLY A 613 21.54 -20.46 -26.35
CA GLY A 613 21.72 -21.88 -26.54
C GLY A 613 21.94 -22.31 -27.96
N ILE A 614 21.70 -21.42 -28.93
CA ILE A 614 21.86 -21.79 -30.34
C ILE A 614 23.31 -21.79 -30.79
N VAL A 615 24.22 -21.14 -30.04
CA VAL A 615 25.63 -21.17 -30.41
C VAL A 615 26.21 -22.56 -30.24
N ASN A 616 25.63 -23.38 -29.39
CA ASN A 616 26.10 -24.75 -29.20
C ASN A 616 25.68 -25.58 -30.41
N GLY A 617 26.65 -26.02 -31.18
CA GLY A 617 26.40 -26.73 -32.41
C GLY A 617 27.33 -26.30 -33.53
N VAL A 618 27.74 -25.02 -33.49
CA VAL A 618 28.74 -24.53 -34.43
C VAL A 618 30.16 -24.69 -33.90
N TYR A 619 30.30 -24.98 -32.61
CA TYR A 619 31.63 -25.24 -32.03
C TYR A 619 31.62 -26.60 -31.34
N TYR A 620 30.47 -27.01 -30.82
CA TYR A 620 30.38 -28.28 -30.11
C TYR A 620 30.69 -29.45 -31.03
N LYS A 621 30.20 -29.41 -32.27
CA LYS A 621 30.50 -30.43 -33.26
C LYS A 621 31.79 -30.13 -34.02
N GLN A 622 32.51 -29.08 -33.65
CA GLN A 622 33.72 -28.69 -34.36
C GLN A 622 34.92 -28.65 -33.42
N LYS A 623 36.08 -28.34 -33.97
CA LYS A 623 37.33 -28.21 -33.23
C LYS A 623 37.35 -26.91 -32.43
N PRO A 624 38.14 -26.83 -31.36
CA PRO A 624 39.04 -27.84 -30.81
C PRO A 624 38.40 -28.71 -29.73
N ARG A 625 39.09 -29.81 -29.37
CA ARG A 625 38.58 -30.71 -28.34
C ARG A 625 39.74 -31.58 -27.86
N SER A 626 40.01 -31.53 -26.56
CA SER A 626 40.99 -32.42 -25.94
C SER A 626 40.52 -32.87 -24.56
N ARG A 627 39.21 -32.90 -24.35
CA ARG A 627 38.67 -33.21 -23.02
C ARG A 627 38.63 -34.71 -22.78
N ASP A 628 37.88 -35.44 -23.59
CA ASP A 628 37.76 -36.89 -23.42
C ASP A 628 38.92 -37.62 -24.08
N SER A 640 18.05 -31.01 -31.29
CA SER A 640 17.60 -32.32 -30.82
C SER A 640 17.60 -32.38 -29.29
N THR A 641 17.82 -33.59 -28.76
CA THR A 641 17.89 -33.75 -27.31
C THR A 641 19.08 -32.99 -26.73
N ASN A 642 20.21 -33.01 -27.43
CA ASN A 642 21.37 -32.26 -26.96
C ASN A 642 21.10 -30.77 -26.97
N GLY A 643 20.44 -30.26 -28.02
CA GLY A 643 20.06 -28.87 -28.03
C GLY A 643 19.11 -28.51 -26.89
N PHE A 644 18.13 -29.38 -26.63
CA PHE A 644 17.19 -29.13 -25.55
C PHE A 644 17.89 -29.11 -24.20
N VAL A 645 18.82 -30.04 -23.97
CA VAL A 645 19.50 -30.06 -22.67
C VAL A 645 20.46 -28.88 -22.55
N SER A 646 21.03 -28.40 -23.66
CA SER A 646 21.83 -27.18 -23.60
C SER A 646 20.98 -25.98 -23.24
N PHE A 647 19.78 -25.87 -23.84
CA PHE A 647 18.88 -24.78 -23.46
C PHE A 647 18.47 -24.89 -21.99
N TRP A 648 18.24 -26.12 -21.52
CA TRP A 648 17.86 -26.32 -20.13
C TRP A 648 18.99 -25.92 -19.17
N VAL A 649 20.22 -26.28 -19.50
CA VAL A 649 21.32 -25.89 -18.63
C VAL A 649 21.53 -24.39 -18.69
N ALA A 650 21.31 -23.76 -19.84
CA ALA A 650 21.42 -22.30 -19.91
C ALA A 650 20.35 -21.63 -19.06
N VAL A 651 19.11 -22.11 -19.12
CA VAL A 651 18.05 -21.47 -18.35
C VAL A 651 18.21 -21.73 -16.85
N ILE A 652 18.75 -22.88 -16.46
CA ILE A 652 19.02 -23.09 -15.04
C ILE A 652 20.25 -22.31 -14.58
N LEU A 653 21.18 -22.01 -15.50
CA LEU A 653 22.26 -21.09 -15.19
C LEU A 653 21.72 -19.69 -14.91
N TYR A 654 20.89 -19.18 -15.82
CA TYR A 654 20.28 -17.87 -15.66
C TYR A 654 18.97 -17.95 -14.86
N GLN A 655 19.06 -18.54 -13.68
CA GLN A 655 17.90 -18.80 -12.83
C GLN A 655 17.58 -17.64 -11.90
N SER A 656 18.40 -16.61 -11.85
CA SER A 656 18.24 -15.52 -10.88
C SER A 656 17.92 -14.19 -11.55
N LEU A 657 17.47 -14.19 -12.80
CA LEU A 657 16.92 -12.97 -13.39
C LEU A 657 15.75 -12.42 -12.58
N VAL A 658 14.97 -13.30 -11.97
CA VAL A 658 13.87 -12.90 -11.11
C VAL A 658 14.04 -13.60 -9.76
N PRO A 659 14.81 -13.04 -8.84
CA PRO A 659 15.05 -13.72 -7.57
C PRO A 659 13.77 -13.90 -6.77
N ILE A 660 13.76 -14.97 -5.97
CA ILE A 660 12.58 -15.30 -5.17
C ILE A 660 12.24 -14.18 -4.20
N SER A 661 13.22 -13.37 -3.80
CA SER A 661 13.02 -12.38 -2.75
C SER A 661 11.95 -11.35 -3.08
N LEU A 662 11.39 -11.38 -4.30
CA LEU A 662 10.45 -10.34 -4.72
C LEU A 662 9.27 -10.22 -3.77
N TYR A 663 8.48 -11.29 -3.66
CA TYR A 663 7.24 -11.19 -2.91
C TYR A 663 7.49 -11.12 -1.40
N ILE A 664 8.54 -11.78 -0.91
CA ILE A 664 8.85 -11.67 0.51
C ILE A 664 9.26 -10.25 0.86
N SER A 665 10.05 -9.59 0.00
CA SER A 665 10.40 -8.20 0.22
C SER A 665 9.17 -7.31 0.15
N VAL A 666 8.29 -7.57 -0.81
CA VAL A 666 7.08 -6.75 -0.94
C VAL A 666 6.24 -6.84 0.32
N GLU A 667 6.04 -8.06 0.84
CA GLU A 667 5.22 -8.22 2.02
C GLU A 667 5.90 -7.66 3.26
N ILE A 668 7.23 -7.76 3.35
CA ILE A 668 7.95 -7.17 4.45
C ILE A 668 7.78 -5.66 4.45
N ILE A 669 7.91 -5.04 3.28
CA ILE A 669 7.75 -3.59 3.16
C ILE A 669 6.34 -3.19 3.54
N LYS A 670 5.34 -3.95 3.07
CA LYS A 670 3.96 -3.62 3.39
C LYS A 670 3.67 -3.75 4.88
N THR A 671 4.21 -4.79 5.52
CA THR A 671 4.02 -4.95 6.96
C THR A 671 4.71 -3.84 7.73
N ALA A 672 5.91 -3.44 7.32
CA ALA A 672 6.60 -2.35 7.99
C ALA A 672 5.82 -1.05 7.86
N GLN A 673 5.29 -0.78 6.66
CA GLN A 673 4.46 0.41 6.47
C GLN A 673 3.22 0.36 7.34
N ALA A 674 2.57 -0.80 7.43
CA ALA A 674 1.37 -0.93 8.25
C ALA A 674 1.69 -0.69 9.73
N ILE A 675 2.80 -1.25 10.22
CA ILE A 675 3.12 -1.07 11.62
C ILE A 675 3.52 0.39 11.90
N PHE A 676 4.20 1.05 10.97
CA PHE A 676 4.47 2.47 11.15
C PHE A 676 3.19 3.30 11.16
N ILE A 677 2.24 2.98 10.28
CA ILE A 677 0.96 3.68 10.29
C ILE A 677 0.25 3.47 11.62
N TYR A 678 0.27 2.25 12.13
CA TYR A 678 -0.35 1.96 13.41
C TYR A 678 0.32 2.73 14.55
N THR A 679 1.65 2.79 14.55
CA THR A 679 2.37 3.42 15.64
C THR A 679 2.42 4.95 15.52
N ASP A 680 2.05 5.50 14.37
CA ASP A 680 2.03 6.96 14.20
C ASP A 680 1.14 7.61 15.25
N VAL A 681 1.73 8.44 16.10
CA VAL A 681 0.99 9.02 17.21
C VAL A 681 0.17 10.23 16.81
N LEU A 682 0.45 10.83 15.65
CA LEU A 682 -0.33 11.96 15.19
C LEU A 682 -1.74 11.57 14.79
N LEU A 683 -2.03 10.28 14.67
CA LEU A 683 -3.36 9.79 14.31
C LEU A 683 -4.09 9.16 15.50
N TYR A 684 -3.58 9.35 16.72
CA TYR A 684 -4.21 8.78 17.89
C TYR A 684 -5.37 9.65 18.36
N ASN A 685 -6.53 9.02 18.55
CA ASN A 685 -7.74 9.73 18.97
C ASN A 685 -7.90 9.56 20.48
N ALA A 686 -7.22 10.43 21.22
CA ALA A 686 -7.21 10.34 22.68
C ALA A 686 -8.59 10.54 23.31
N LYS A 687 -9.55 11.09 22.56
CA LYS A 687 -10.88 11.28 23.13
C LYS A 687 -11.54 9.96 23.48
N LEU A 688 -11.23 8.90 22.75
CA LEU A 688 -11.81 7.59 23.04
C LEU A 688 -10.78 6.47 22.96
N ASP A 689 -9.48 6.80 22.97
CA ASP A 689 -8.41 5.81 23.09
C ASP A 689 -8.42 4.83 21.91
N TYR A 690 -8.24 5.38 20.72
CA TYR A 690 -8.14 4.50 19.56
C TYR A 690 -7.31 5.16 18.47
N PRO A 691 -6.11 4.66 18.21
CA PRO A 691 -5.30 5.18 17.10
C PRO A 691 -5.76 4.58 15.77
N CYS A 692 -5.14 5.04 14.69
CA CYS A 692 -5.44 4.53 13.36
C CYS A 692 -4.94 3.10 13.24
N THR A 693 -5.86 2.16 13.03
CA THR A 693 -5.50 0.75 12.95
C THR A 693 -5.64 0.23 11.53
N PRO A 694 -4.54 -0.07 10.84
CA PRO A 694 -4.63 -0.76 9.54
C PRO A 694 -4.94 -2.23 9.74
N LYS A 695 -6.15 -2.63 9.32
CA LYS A 695 -6.56 -4.02 9.50
C LYS A 695 -5.92 -4.92 8.46
N SER A 696 -6.16 -4.64 7.18
CA SER A 696 -5.55 -5.41 6.10
C SER A 696 -4.25 -4.73 5.69
N TRP A 697 -3.14 -5.45 5.88
CA TRP A 697 -1.82 -4.90 5.59
C TRP A 697 -1.39 -5.11 4.14
N ASN A 698 -2.19 -5.82 3.35
CA ASN A 698 -1.85 -5.98 1.93
C ASN A 698 -1.97 -4.66 1.19
N ILE A 699 -2.93 -3.83 1.58
CA ILE A 699 -3.14 -2.55 0.93
C ILE A 699 -2.55 -1.33 1.64
N SER A 700 -1.29 -1.03 1.35
CA SER A 700 -0.63 0.13 1.94
C SER A 700 0.05 0.98 0.87
N ASP A 701 -0.24 0.71 -0.40
CA ASP A 701 0.47 1.34 -1.52
C ASP A 701 -0.51 1.97 -2.49
N ASP A 702 -1.77 1.52 -2.43
CA ASP A 702 -2.83 2.06 -3.27
C ASP A 702 -3.22 3.49 -2.90
N LEU A 703 -2.80 3.98 -1.73
CA LEU A 703 -3.27 5.27 -1.25
C LEU A 703 -2.75 6.42 -2.10
N GLY A 704 -1.60 6.24 -2.76
CA GLY A 704 -1.01 7.30 -3.55
C GLY A 704 -1.80 7.65 -4.79
N GLN A 705 -2.60 6.72 -5.31
CA GLN A 705 -3.39 6.95 -6.51
C GLN A 705 -4.85 7.28 -6.20
N ILE A 706 -5.14 7.69 -4.96
CA ILE A 706 -6.49 8.06 -4.57
C ILE A 706 -6.88 9.35 -5.27
N GLU A 707 -7.85 9.28 -6.18
CA GLU A 707 -8.31 10.43 -6.94
C GLU A 707 -9.73 10.84 -6.62
N TYR A 708 -10.59 9.89 -6.25
CA TYR A 708 -11.98 10.16 -5.97
C TYR A 708 -12.28 9.76 -4.54
N ILE A 709 -13.08 10.58 -3.88
CA ILE A 709 -13.44 10.36 -2.48
C ILE A 709 -14.95 10.25 -2.39
N PHE A 710 -15.42 9.15 -1.80
CA PHE A 710 -16.84 8.92 -1.59
C PHE A 710 -17.11 8.85 -0.10
N SER A 711 -18.06 9.66 0.38
CA SER A 711 -18.33 9.81 1.79
C SER A 711 -19.82 9.61 2.06
N ASP A 712 -20.16 9.56 3.35
CA ASP A 712 -21.55 9.40 3.78
C ASP A 712 -21.92 10.50 4.76
N LYS A 713 -23.17 10.49 5.23
CA LYS A 713 -23.64 11.48 6.19
C LYS A 713 -23.88 10.91 7.58
N THR A 714 -23.79 9.59 7.75
CA THR A 714 -24.08 8.99 9.05
C THR A 714 -23.12 9.49 10.12
N GLY A 715 -21.82 9.39 9.87
CA GLY A 715 -20.84 9.86 10.82
C GLY A 715 -19.59 10.43 10.17
N THR A 716 -19.61 10.57 8.86
CA THR A 716 -18.41 10.98 8.14
C THR A 716 -18.22 12.48 8.18
N LEU A 717 -19.16 13.23 7.59
CA LEU A 717 -19.04 14.68 7.52
C LEU A 717 -19.33 15.36 8.84
N THR A 718 -20.31 14.85 9.58
CA THR A 718 -20.79 15.52 10.78
C THR A 718 -21.07 14.50 11.87
N GLN A 719 -21.14 15.00 13.11
CA GLN A 719 -21.54 14.18 14.25
C GLN A 719 -23.06 14.11 14.28
N ASN A 720 -23.61 13.59 15.38
CA ASN A 720 -25.06 13.46 15.57
C ASN A 720 -25.61 14.51 16.50
N VAL A 721 -25.09 15.74 16.44
CA VAL A 721 -25.51 16.81 17.32
C VAL A 721 -25.88 18.03 16.49
N MET A 722 -26.93 18.72 16.91
CA MET A 722 -27.36 19.98 16.32
C MET A 722 -27.70 20.97 17.43
N GLU A 723 -27.91 22.22 17.05
CA GLU A 723 -28.15 23.28 18.03
C GLU A 723 -28.86 24.44 17.34
N PHE A 724 -29.11 25.49 18.12
CA PHE A 724 -29.77 26.69 17.65
C PHE A 724 -28.79 27.86 17.71
N LYS A 725 -28.71 28.63 16.63
CA LYS A 725 -27.74 29.71 16.60
C LYS A 725 -28.34 31.08 16.30
N LYS A 726 -29.29 31.17 15.38
CA LYS A 726 -29.82 32.45 14.95
C LYS A 726 -31.33 32.36 14.77
N CYS A 727 -31.99 33.51 14.90
CA CYS A 727 -33.42 33.60 14.64
C CYS A 727 -33.76 34.99 14.13
N THR A 728 -34.85 35.10 13.38
CA THR A 728 -35.36 36.37 12.89
C THR A 728 -36.67 36.68 13.61
N ILE A 729 -36.70 37.80 14.32
CA ILE A 729 -37.90 38.29 14.99
C ILE A 729 -38.19 39.67 14.42
N ASN A 730 -39.28 39.80 13.67
CA ASN A 730 -39.67 41.05 13.04
C ASN A 730 -38.51 41.66 12.25
N GLY A 731 -37.84 40.82 11.47
CA GLY A 731 -36.73 41.28 10.66
C GLY A 731 -35.46 41.59 11.43
N VAL A 732 -35.39 41.20 12.70
CA VAL A 732 -34.23 41.47 13.54
C VAL A 732 -33.52 40.15 13.80
N SER A 733 -32.20 40.14 13.59
CA SER A 733 -31.39 38.95 13.75
C SER A 733 -30.94 38.80 15.20
N TYR A 734 -31.02 37.58 15.72
CA TYR A 734 -30.58 37.28 17.07
C TYR A 734 -29.68 36.06 17.02
N GLY A 735 -28.51 36.17 17.65
CA GLY A 735 -27.52 35.11 17.60
C GLY A 735 -26.50 35.34 16.50
N ARG A 736 -25.25 34.94 16.73
CA ARG A 736 -24.20 35.15 15.76
C ARG A 736 -23.27 33.94 15.74
N ALA A 737 -22.78 33.60 14.55
CA ALA A 737 -21.90 32.45 14.40
C ALA A 737 -20.63 32.82 13.64
N TYR A 738 -19.79 31.84 13.33
CA TYR A 738 -18.55 32.06 12.62
C TYR A 738 -18.52 31.19 11.38
N THR A 739 -18.36 31.81 10.21
CA THR A 739 -18.27 31.11 8.94
C THR A 739 -17.18 31.75 8.09
N GLU A 740 -17.03 31.26 6.87
CA GLU A 740 -16.06 31.78 5.91
C GLU A 740 -16.76 32.31 4.65
N ALA A 741 -17.86 33.04 4.85
CA ALA A 741 -18.69 33.51 3.74
C ALA A 741 -18.23 34.85 3.18
N LEU A 742 -17.15 35.44 3.71
CA LEU A 742 -16.64 36.71 3.23
C LEU A 742 -15.30 36.56 2.53
N ALA A 743 -14.92 35.34 2.15
CA ALA A 743 -13.62 35.10 1.54
C ALA A 743 -13.49 35.79 0.19
N GLY A 744 -14.55 35.76 -0.61
CA GLY A 744 -14.44 36.19 -1.99
C GLY A 744 -15.38 37.30 -2.44
N LEU A 745 -16.08 37.96 -1.52
CA LEU A 745 -16.97 39.04 -1.94
C LEU A 745 -16.17 40.26 -2.40
N ARG A 746 -14.99 40.46 -1.83
CA ARG A 746 -14.05 41.44 -2.35
C ARG A 746 -12.61 41.06 -1.99
N VAL A 751 -6.14 38.01 0.99
CA VAL A 751 -5.41 36.82 1.43
C VAL A 751 -5.39 36.76 2.95
N ASP A 752 -5.58 37.91 3.58
CA ASP A 752 -5.59 38.02 5.05
C ASP A 752 -7.02 37.82 5.51
N VAL A 753 -7.33 36.58 5.89
CA VAL A 753 -8.66 36.23 6.37
C VAL A 753 -8.55 35.54 7.73
N GLU A 754 -7.33 35.15 8.10
CA GLU A 754 -7.11 34.49 9.38
C GLU A 754 -7.23 35.45 10.55
N SER A 755 -6.71 36.67 10.41
CA SER A 755 -6.81 37.65 11.50
C SER A 755 -8.26 37.99 11.79
N GLU A 756 -9.05 38.22 10.74
CA GLU A 756 -10.47 38.51 10.92
C GLU A 756 -11.21 37.33 11.51
N GLY A 757 -10.88 36.11 11.08
CA GLY A 757 -11.51 34.94 11.66
C GLY A 757 -11.22 34.79 13.14
N ARG A 758 -9.96 35.00 13.53
CA ARG A 758 -9.60 34.93 14.93
C ARG A 758 -10.29 36.02 15.74
N ARG A 759 -10.37 37.24 15.19
CA ARG A 759 -11.06 38.32 15.88
C ARG A 759 -12.53 37.98 16.08
N GLU A 760 -13.17 37.44 15.04
CA GLU A 760 -14.58 37.07 15.16
C GLU A 760 -14.78 35.95 16.16
N LYS A 761 -13.87 34.98 16.20
CA LYS A 761 -13.97 33.90 17.18
C LYS A 761 -13.85 34.45 18.60
N GLU A 762 -12.90 35.37 18.82
CA GLU A 762 -12.76 35.98 20.13
C GLU A 762 -14.01 36.77 20.50
N GLU A 763 -14.58 37.50 19.53
CA GLU A 763 -15.80 38.26 19.79
C GLU A 763 -16.96 37.34 20.17
N ILE A 764 -17.12 36.23 19.46
CA ILE A 764 -18.17 35.28 19.78
C ILE A 764 -17.96 34.70 21.17
N ALA A 765 -16.72 34.36 21.52
CA ALA A 765 -16.45 33.82 22.85
C ALA A 765 -16.79 34.82 23.93
N LYS A 766 -16.38 36.08 23.74
CA LYS A 766 -16.67 37.12 24.72
C LYS A 766 -18.17 37.36 24.84
N ASP A 767 -18.88 37.38 23.71
CA ASP A 767 -20.32 37.58 23.75
C ASP A 767 -21.01 36.45 24.49
N ARG A 768 -20.61 35.21 24.23
CA ARG A 768 -21.21 34.08 24.93
C ARG A 768 -20.91 34.15 26.43
N GLU A 769 -19.68 34.50 26.80
CA GLU A 769 -19.33 34.60 28.20
C GLU A 769 -20.17 35.65 28.91
N THR A 770 -20.32 36.82 28.28
CA THR A 770 -21.09 37.88 28.92
C THR A 770 -22.59 37.59 28.90
N MET A 771 -23.08 36.88 27.89
CA MET A 771 -24.47 36.43 27.90
C MET A 771 -24.73 35.50 29.08
N ILE A 772 -23.84 34.53 29.28
CA ILE A 772 -23.96 33.61 30.42
C ILE A 772 -23.90 34.38 31.72
N ASP A 773 -22.96 35.33 31.82
CA ASP A 773 -22.82 36.11 33.06
C ASP A 773 -24.07 36.92 33.35
N GLU A 774 -24.63 37.58 32.34
CA GLU A 774 -25.83 38.38 32.56
C GLU A 774 -26.99 37.51 33.00
N LEU A 775 -27.15 36.33 32.37
CA LEU A 775 -28.26 35.45 32.75
C LEU A 775 -28.08 34.85 34.14
N ARG A 776 -26.84 34.57 34.56
CA ARG A 776 -26.69 34.07 35.93
C ARG A 776 -26.84 35.20 36.95
N SER A 777 -26.54 36.44 36.56
CA SER A 777 -26.60 37.53 37.51
C SER A 777 -28.01 38.08 37.70
N MET A 778 -28.78 38.24 36.62
CA MET A 778 -30.07 38.92 36.75
C MET A 778 -31.05 38.09 37.56
N SER A 779 -30.94 36.77 37.50
CA SER A 779 -31.74 35.88 38.32
C SER A 779 -31.06 34.53 38.40
N ASP A 780 -31.59 33.68 39.29
CA ASP A 780 -31.07 32.34 39.53
C ASP A 780 -32.04 31.33 38.91
N ASN A 781 -31.75 30.90 37.68
CA ASN A 781 -32.58 29.89 37.03
C ASN A 781 -32.36 28.53 37.67
N THR A 782 -33.41 27.72 37.71
CA THR A 782 -33.35 26.44 38.42
C THR A 782 -32.36 25.47 37.77
N GLN A 783 -32.36 25.38 36.44
CA GLN A 783 -31.55 24.41 35.72
C GLN A 783 -30.66 25.11 34.69
N PHE A 784 -30.08 26.24 35.06
CA PHE A 784 -29.23 27.01 34.16
C PHE A 784 -27.85 26.37 34.11
N CYS A 785 -27.49 25.79 32.96
CA CYS A 785 -26.16 25.27 32.75
C CYS A 785 -25.60 25.77 31.42
N PRO A 786 -24.30 26.05 31.35
CA PRO A 786 -23.71 26.58 30.12
C PRO A 786 -23.36 25.53 29.06
N GLU A 787 -23.68 24.26 29.30
CA GLU A 787 -23.34 23.21 28.35
C GLU A 787 -24.28 23.16 27.15
N ASP A 788 -25.36 23.94 27.15
CA ASP A 788 -26.28 23.94 26.02
C ASP A 788 -26.67 25.34 25.58
N LEU A 789 -26.13 26.38 26.21
CA LEU A 789 -26.47 27.75 25.84
C LEU A 789 -25.68 28.14 24.60
N THR A 790 -26.32 28.04 23.44
CA THR A 790 -25.71 28.39 22.17
C THR A 790 -26.15 29.77 21.67
N PHE A 791 -26.89 30.52 22.49
CA PHE A 791 -27.36 31.84 22.09
C PHE A 791 -26.28 32.88 22.33
N VAL A 792 -26.24 33.90 21.48
CA VAL A 792 -25.18 34.89 21.48
C VAL A 792 -25.72 36.30 21.74
N SER A 793 -26.78 36.69 21.05
CA SER A 793 -27.25 38.07 21.11
C SER A 793 -27.78 38.40 22.49
N LYS A 794 -27.37 39.56 23.02
CA LYS A 794 -27.76 39.99 24.35
C LYS A 794 -28.96 40.93 24.34
N GLU A 795 -29.41 41.37 23.18
CA GLU A 795 -30.47 42.37 23.16
C GLU A 795 -31.81 41.82 23.57
N ILE A 796 -31.88 40.49 23.68
CA ILE A 796 -33.13 39.83 24.07
C ILE A 796 -33.57 40.29 25.46
N VAL A 797 -32.62 40.48 26.37
CA VAL A 797 -32.98 40.84 27.73
C VAL A 797 -33.60 42.23 27.78
N GLU A 798 -33.02 43.22 27.09
CA GLU A 798 -33.56 44.58 27.21
C GLU A 798 -34.73 44.79 26.27
N ASP A 799 -34.96 43.88 25.31
CA ASP A 799 -36.23 43.97 24.60
C ASP A 799 -37.35 43.27 25.36
N LEU A 800 -37.03 42.28 26.20
CA LEU A 800 -38.04 41.75 27.11
C LEU A 800 -38.35 42.72 28.23
N LYS A 801 -37.33 43.47 28.68
CA LYS A 801 -37.53 44.45 29.74
C LYS A 801 -38.49 45.58 29.35
N GLY A 802 -38.76 45.76 28.07
CA GLY A 802 -39.68 46.78 27.61
C GLY A 802 -39.07 47.99 26.94
N SER A 803 -37.79 47.94 26.60
CA SER A 803 -37.12 49.06 25.94
C SER A 803 -37.23 49.00 24.42
N SER A 804 -37.96 48.03 23.88
CA SER A 804 -38.14 47.86 22.45
C SER A 804 -39.59 48.14 22.04
N GLY A 805 -40.20 49.16 22.65
CA GLY A 805 -41.56 49.50 22.32
C GLY A 805 -42.56 48.48 22.85
N ASP A 806 -43.73 48.47 22.21
CA ASP A 806 -44.80 47.55 22.56
C ASP A 806 -45.01 46.46 21.53
N HIS A 807 -45.12 46.83 20.25
CA HIS A 807 -45.34 45.83 19.19
C HIS A 807 -44.18 44.86 19.10
N GLN A 808 -42.95 45.37 19.04
CA GLN A 808 -41.78 44.50 18.96
C GLN A 808 -41.62 43.68 20.24
N GLN A 809 -41.92 44.29 21.40
CA GLN A 809 -41.84 43.56 22.65
C GLN A 809 -42.80 42.37 22.66
N LYS A 810 -44.05 42.60 22.25
CA LYS A 810 -45.02 41.52 22.18
C LYS A 810 -44.61 40.47 21.17
N CYS A 811 -44.09 40.90 20.02
CA CYS A 811 -43.68 39.94 19.00
C CYS A 811 -42.57 39.04 19.49
N CYS A 812 -41.55 39.62 20.15
CA CYS A 812 -40.45 38.79 20.64
C CYS A 812 -40.88 37.92 21.81
N GLU A 813 -41.76 38.41 22.67
CA GLU A 813 -42.29 37.58 23.75
C GLU A 813 -43.03 36.38 23.19
N HIS A 814 -43.87 36.60 22.17
CA HIS A 814 -44.61 35.50 21.58
C HIS A 814 -43.69 34.54 20.82
N PHE A 815 -42.65 35.07 20.17
CA PHE A 815 -41.67 34.21 19.51
C PHE A 815 -40.99 33.29 20.53
N LEU A 816 -40.56 33.85 21.66
CA LEU A 816 -39.93 33.05 22.69
C LEU A 816 -40.90 32.04 23.29
N LEU A 817 -42.17 32.43 23.47
CA LEU A 817 -43.16 31.50 23.99
C LEU A 817 -43.38 30.34 23.02
N ALA A 818 -43.48 30.64 21.72
CA ALA A 818 -43.71 29.60 20.72
C ALA A 818 -42.50 28.68 20.58
N LEU A 819 -41.30 29.21 20.83
CA LEU A 819 -40.11 28.35 20.81
C LEU A 819 -40.17 27.26 21.86
N ALA A 820 -41.01 27.41 22.90
CA ALA A 820 -41.06 26.47 24.01
C ALA A 820 -42.37 25.70 24.07
N LEU A 821 -43.21 25.78 23.04
CA LEU A 821 -44.50 25.10 23.07
C LEU A 821 -44.65 24.09 21.94
N CYS A 822 -44.29 24.44 20.71
CA CYS A 822 -44.39 23.50 19.60
C CYS A 822 -43.30 22.43 19.70
N HIS A 823 -43.63 21.30 20.31
CA HIS A 823 -42.65 20.25 20.51
C HIS A 823 -43.37 18.94 20.80
N SER A 824 -42.76 17.83 20.37
CA SER A 824 -43.25 16.48 20.66
C SER A 824 -42.41 15.78 21.72
N VAL A 825 -41.72 16.56 22.55
CA VAL A 825 -40.82 16.02 23.56
C VAL A 825 -41.62 15.61 24.80
N LEU A 826 -41.18 14.53 25.44
CA LEU A 826 -41.72 14.11 26.72
C LEU A 826 -40.70 14.38 27.81
N VAL A 827 -41.17 14.91 28.93
CA VAL A 827 -40.31 15.27 30.05
C VAL A 827 -40.25 14.10 31.02
N GLU A 828 -39.03 13.66 31.34
CA GLU A 828 -38.82 12.57 32.28
C GLU A 828 -37.77 12.95 33.30
N PRO A 829 -37.93 12.54 34.55
CA PRO A 829 -36.88 12.78 35.55
C PRO A 829 -35.65 11.94 35.25
N ASN A 830 -34.49 12.48 35.61
CA ASN A 830 -33.23 11.76 35.41
C ASN A 830 -33.13 10.60 36.39
N LYS A 831 -32.72 9.44 35.89
CA LYS A 831 -32.55 8.27 36.74
C LYS A 831 -31.33 8.38 37.65
N ASP A 832 -30.43 9.32 37.38
CA ASP A 832 -29.25 9.55 38.21
C ASP A 832 -29.50 10.56 39.31
N ASP A 833 -30.05 11.73 38.95
CA ASP A 833 -30.38 12.77 39.92
C ASP A 833 -31.76 13.37 39.65
N PRO A 834 -32.71 13.19 40.57
CA PRO A 834 -34.04 13.81 40.37
C PRO A 834 -34.00 15.33 40.35
N LYS A 835 -32.98 15.95 40.95
CA LYS A 835 -32.90 17.41 40.97
C LYS A 835 -32.70 17.96 39.56
N LYS A 836 -31.77 17.38 38.80
CA LYS A 836 -31.47 17.83 37.44
C LYS A 836 -32.05 16.79 36.48
N LEU A 837 -33.33 16.98 36.13
CA LEU A 837 -34.00 16.07 35.22
C LEU A 837 -33.43 16.20 33.81
N ASP A 838 -33.39 15.08 33.10
CA ASP A 838 -32.92 15.06 31.73
C ASP A 838 -34.09 15.21 30.77
N ILE A 839 -33.77 15.51 29.51
CA ILE A 839 -34.76 15.71 28.47
C ILE A 839 -34.47 14.75 27.34
N LYS A 840 -35.46 13.96 26.94
CA LYS A 840 -35.35 13.01 25.85
C LYS A 840 -36.45 13.32 24.84
N ALA A 841 -36.07 13.83 23.69
CA ALA A 841 -37.02 14.27 22.67
C ALA A 841 -37.14 13.24 21.55
N GLN A 842 -38.24 13.37 20.81
CA GLN A 842 -38.47 12.52 19.64
C GLN A 842 -37.57 12.90 18.47
N SER A 843 -36.94 14.08 18.50
CA SER A 843 -36.07 14.50 17.43
C SER A 843 -34.91 15.31 17.98
N PRO A 844 -33.74 15.24 17.34
CA PRO A 844 -32.59 16.02 17.85
C PRO A 844 -32.79 17.52 17.75
N ASP A 845 -33.40 18.01 16.66
CA ASP A 845 -33.67 19.44 16.56
C ASP A 845 -34.67 19.88 17.61
N GLU A 846 -35.67 19.05 17.88
CA GLU A 846 -36.61 19.36 18.95
C GLU A 846 -35.92 19.40 20.31
N SER A 847 -35.00 18.46 20.54
CA SER A 847 -34.24 18.47 21.79
C SER A 847 -33.40 19.73 21.92
N ALA A 848 -32.76 20.14 20.83
CA ALA A 848 -31.97 21.37 20.85
C ALA A 848 -32.84 22.59 21.12
N LEU A 849 -34.01 22.64 20.50
CA LEU A 849 -34.94 23.75 20.73
C LEU A 849 -35.41 23.78 22.18
N VAL A 850 -35.70 22.60 22.74
CA VAL A 850 -36.14 22.54 24.13
C VAL A 850 -35.04 22.97 25.08
N SER A 851 -33.80 22.56 24.79
CA SER A 851 -32.68 23.00 25.63
C SER A 851 -32.48 24.50 25.56
N THR A 852 -32.60 25.07 24.36
CA THR A 852 -32.47 26.53 24.22
C THR A 852 -33.60 27.25 24.97
N ALA A 853 -34.82 26.71 24.89
CA ALA A 853 -35.94 27.30 25.63
C ALA A 853 -35.71 27.21 27.14
N ARG A 854 -35.16 26.08 27.61
CA ARG A 854 -34.82 25.94 29.01
C ARG A 854 -33.78 26.98 29.42
N GLN A 855 -32.78 27.20 28.59
CA GLN A 855 -31.72 28.14 28.92
C GLN A 855 -32.23 29.59 28.92
N LEU A 856 -33.13 29.92 28.00
CA LEU A 856 -33.56 31.31 27.84
C LEU A 856 -34.62 31.74 28.84
N GLY A 857 -35.04 30.86 29.75
CA GLY A 857 -35.98 31.23 30.79
C GLY A 857 -37.43 30.94 30.51
N TYR A 858 -37.73 30.10 29.52
CA TYR A 858 -39.09 29.72 29.17
C TYR A 858 -39.19 28.19 29.27
N SER A 859 -38.73 27.65 30.40
CA SER A 859 -38.55 26.22 30.55
C SER A 859 -39.88 25.49 30.37
N PHE A 860 -39.87 24.40 29.62
CA PHE A 860 -41.04 23.54 29.44
C PHE A 860 -40.86 22.30 30.29
N VAL A 861 -41.74 22.14 31.28
CA VAL A 861 -41.72 21.00 32.19
C VAL A 861 -43.10 20.37 32.20
N GLY A 862 -43.15 19.04 32.20
CA GLY A 862 -44.38 18.31 32.36
C GLY A 862 -45.30 18.33 31.16
N SER A 863 -46.11 17.29 31.01
CA SER A 863 -47.13 17.20 29.97
C SER A 863 -48.43 16.83 30.68
N SER A 864 -49.15 17.84 31.16
CA SER A 864 -50.37 17.61 31.90
C SER A 864 -51.48 17.16 30.97
N LYS A 865 -52.60 16.73 31.56
CA LYS A 865 -53.72 16.23 30.78
C LYS A 865 -54.29 17.34 29.90
N SER A 866 -54.43 18.54 30.44
CA SER A 866 -54.92 19.71 29.70
C SER A 866 -53.92 20.84 29.91
N GLY A 867 -52.90 20.87 29.06
CA GLY A 867 -51.87 21.89 29.11
C GLY A 867 -50.50 21.32 29.43
N LEU A 868 -49.52 22.20 29.36
CA LEU A 868 -48.13 21.86 29.64
C LEU A 868 -47.55 22.87 30.61
N ILE A 869 -46.69 22.41 31.50
CA ILE A 869 -46.09 23.29 32.50
C ILE A 869 -45.02 24.15 31.83
N VAL A 870 -45.09 25.46 32.04
CA VAL A 870 -44.08 26.38 31.54
C VAL A 870 -43.67 27.27 32.70
N GLU A 871 -42.37 27.36 32.95
CA GLU A 871 -41.81 28.25 33.96
C GLU A 871 -41.10 29.38 33.24
N ILE A 872 -41.60 30.60 33.45
CA ILE A 872 -40.98 31.81 32.93
C ILE A 872 -40.16 32.41 34.06
N GLN A 873 -38.85 32.39 33.90
CA GLN A 873 -37.89 33.06 34.77
C GLN A 873 -37.95 32.54 36.22
N GLY A 874 -38.79 31.54 36.47
CA GLY A 874 -38.98 31.03 37.81
C GLY A 874 -40.43 30.82 38.19
N VAL A 875 -41.34 31.64 37.66
CA VAL A 875 -42.75 31.50 37.97
C VAL A 875 -43.36 30.43 37.06
N GLN A 876 -44.09 29.50 37.65
CA GLN A 876 -44.61 28.33 36.95
C GLN A 876 -46.10 28.50 36.68
N LYS A 877 -46.52 28.12 35.47
CA LYS A 877 -47.93 28.18 35.11
C LYS A 877 -48.24 27.07 34.12
N GLU A 878 -49.45 26.55 34.19
CA GLU A 878 -49.91 25.50 33.28
C GLU A 878 -50.82 26.11 32.23
N PHE A 879 -50.51 25.85 30.96
CA PHE A 879 -51.33 26.34 29.86
C PHE A 879 -52.52 25.40 29.67
N GLN A 880 -53.26 25.57 28.57
CA GLN A 880 -54.41 24.73 28.25
C GLN A 880 -54.33 24.36 26.77
N VAL A 881 -53.65 23.25 26.48
CA VAL A 881 -53.52 22.78 25.10
C VAL A 881 -54.82 22.11 24.68
N LEU A 882 -55.23 22.37 23.44
CA LEU A 882 -56.47 21.82 22.89
C LEU A 882 -56.23 20.70 21.89
N ASN A 883 -55.28 20.87 20.99
CA ASN A 883 -55.02 19.87 19.97
C ASN A 883 -53.60 20.00 19.47
N VAL A 884 -53.08 18.92 18.90
CA VAL A 884 -51.75 18.90 18.30
C VAL A 884 -51.83 18.16 16.96
N LEU A 885 -51.26 18.75 15.93
CA LEU A 885 -51.12 18.12 14.62
C LEU A 885 -49.65 17.85 14.36
N GLU A 886 -49.28 16.58 14.37
CA GLU A 886 -47.88 16.17 14.30
C GLU A 886 -47.28 16.45 12.93
N PHE A 887 -45.98 16.71 12.93
CA PHE A 887 -45.24 16.88 11.68
C PHE A 887 -45.37 15.62 10.82
N ASN A 888 -45.61 15.82 9.53
CA ASN A 888 -45.73 14.74 8.57
C ASN A 888 -44.68 14.91 7.48
N SER A 889 -44.16 13.78 6.99
CA SER A 889 -43.13 13.83 5.95
C SER A 889 -43.63 14.45 4.67
N SER A 890 -44.94 14.44 4.42
CA SER A 890 -45.52 15.09 3.27
C SER A 890 -46.09 16.47 3.57
N ARG A 891 -46.39 16.76 4.83
CA ARG A 891 -46.96 18.05 5.20
C ARG A 891 -45.90 19.10 5.46
N LYS A 892 -44.76 18.71 6.05
CA LYS A 892 -43.68 19.64 6.37
C LYS A 892 -44.16 20.77 7.29
N ARG A 893 -45.01 20.43 8.25
CA ARG A 893 -45.53 21.41 9.19
C ARG A 893 -46.11 20.69 10.40
N MET A 894 -45.86 21.24 11.58
CA MET A 894 -46.42 20.71 12.83
C MET A 894 -47.05 21.86 13.58
N SER A 895 -48.28 21.67 14.05
CA SER A 895 -49.06 22.76 14.63
C SER A 895 -49.62 22.38 15.99
N CYS A 896 -49.91 23.40 16.79
CA CYS A 896 -50.53 23.22 18.10
C CYS A 896 -51.62 24.26 18.29
N ILE A 897 -52.71 23.83 18.92
CA ILE A 897 -53.84 24.68 19.26
C ILE A 897 -54.00 24.64 20.77
N ILE A 898 -53.89 25.81 21.41
CA ILE A 898 -53.99 25.93 22.86
C ILE A 898 -55.08 26.94 23.21
N LYS A 899 -55.40 27.06 24.49
CA LYS A 899 -56.40 28.02 24.97
C LYS A 899 -55.81 28.81 26.12
N ILE A 900 -55.96 30.13 26.08
CA ILE A 900 -55.47 31.02 27.12
C ILE A 900 -56.66 31.66 27.82
N PRO A 901 -56.82 31.47 29.13
CA PRO A 901 -57.90 32.17 29.85
C PRO A 901 -57.47 33.59 30.22
N GLY A 902 -58.30 34.55 29.87
CA GLY A 902 -58.00 35.95 30.13
C GLY A 902 -58.02 36.31 31.61
N GLU A 908 -61.20 36.50 29.60
CA GLU A 908 -61.51 36.31 28.18
C GLU A 908 -60.62 35.24 27.57
N PRO A 909 -61.10 34.01 27.55
CA PRO A 909 -60.34 32.93 26.92
C PRO A 909 -60.25 33.11 25.40
N LYS A 910 -59.19 32.55 24.82
CA LYS A 910 -58.95 32.70 23.39
C LYS A 910 -58.10 31.52 22.93
N ALA A 911 -58.42 30.98 21.75
CA ALA A 911 -57.66 29.90 21.16
C ALA A 911 -56.47 30.46 20.38
N LEU A 912 -55.36 29.75 20.44
CA LEU A 912 -54.12 30.16 19.79
C LEU A 912 -53.57 29.01 18.96
N LEU A 913 -53.34 29.27 17.67
CA LEU A 913 -52.70 28.33 16.78
C LEU A 913 -51.27 28.78 16.50
N ILE A 914 -50.32 27.85 16.64
CA ILE A 914 -48.94 28.10 16.24
C ILE A 914 -48.43 26.90 15.47
N CYS A 915 -47.90 27.14 14.27
CA CYS A 915 -47.39 26.10 13.41
C CYS A 915 -45.95 26.42 13.01
N LYS A 916 -45.10 25.39 13.04
CA LYS A 916 -43.72 25.50 12.58
C LYS A 916 -43.57 24.64 11.33
N GLY A 917 -42.93 25.20 10.31
CA GLY A 917 -42.82 24.48 9.06
C GLY A 917 -41.71 25.00 8.18
N ALA A 918 -41.67 24.47 6.96
CA ALA A 918 -40.69 24.91 5.98
C ALA A 918 -41.03 26.30 5.48
N ASP A 919 -40.01 26.97 4.94
CA ASP A 919 -40.19 28.35 4.49
C ASP A 919 -41.20 28.43 3.36
N SER A 920 -41.12 27.51 2.39
CA SER A 920 -42.03 27.55 1.25
C SER A 920 -43.48 27.37 1.69
N VAL A 921 -43.73 26.38 2.55
CA VAL A 921 -45.10 26.13 2.99
C VAL A 921 -45.61 27.27 3.86
N ILE A 922 -44.75 27.85 4.71
CA ILE A 922 -45.18 28.96 5.54
C ILE A 922 -45.54 30.16 4.68
N TYR A 923 -44.71 30.47 3.67
CA TYR A 923 -44.99 31.62 2.82
C TYR A 923 -46.20 31.38 1.92
N SER A 924 -46.48 30.13 1.54
CA SER A 924 -47.71 29.85 0.82
C SER A 924 -48.94 29.98 1.72
N ARG A 925 -48.81 29.61 3.00
CA ARG A 925 -49.92 29.70 3.94
C ARG A 925 -49.78 30.99 4.72
N LEU A 926 -50.21 32.08 4.09
CA LEU A 926 -50.14 33.41 4.70
C LEU A 926 -51.33 34.22 4.20
N ASP A 927 -51.40 35.49 4.62
CA ASP A 927 -52.45 36.42 4.22
C ASP A 927 -51.80 37.52 3.39
N ARG A 928 -51.69 37.27 2.08
CA ARG A 928 -51.08 38.22 1.16
C ARG A 928 -52.07 39.23 0.61
N THR A 929 -53.36 39.10 0.91
CA THR A 929 -54.38 39.96 0.33
C THR A 929 -54.58 41.28 1.08
N GLN A 930 -54.20 41.36 2.36
CA GLN A 930 -54.01 42.66 3.00
C GLN A 930 -52.85 42.55 3.99
N ASN A 931 -52.02 43.58 4.04
CA ASN A 931 -50.86 43.63 4.92
C ASN A 931 -50.29 45.05 4.86
N ASP A 932 -49.28 45.29 5.68
CA ASP A 932 -48.61 46.59 5.71
C ASP A 932 -47.46 46.68 4.71
N ALA A 933 -47.10 45.57 4.06
CA ALA A 933 -46.09 45.53 3.00
C ALA A 933 -44.70 45.93 3.48
N THR A 934 -44.46 45.94 4.79
CA THR A 934 -43.13 46.22 5.32
C THR A 934 -42.58 45.08 6.16
N LEU A 935 -43.33 44.62 7.16
CA LEU A 935 -42.83 43.57 8.05
C LEU A 935 -42.62 42.26 7.30
N LEU A 936 -43.61 41.87 6.49
CA LEU A 936 -43.49 40.64 5.73
C LEU A 936 -42.33 40.71 4.76
N GLU A 937 -42.16 41.85 4.08
CA GLU A 937 -41.07 41.98 3.11
C GLU A 937 -39.71 41.92 3.79
N LYS A 938 -39.56 42.57 4.95
CA LYS A 938 -38.25 42.50 5.61
C LYS A 938 -37.97 41.10 6.14
N THR A 939 -38.99 40.43 6.66
CA THR A 939 -38.81 39.04 7.07
C THR A 939 -38.44 38.17 5.87
N ALA A 940 -39.10 38.38 4.74
CA ALA A 940 -38.80 37.60 3.55
C ALA A 940 -37.38 37.82 3.09
N LEU A 941 -36.92 39.08 3.09
CA LEU A 941 -35.56 39.37 2.65
C LEU A 941 -34.53 38.75 3.60
N HIS A 942 -34.80 38.78 4.91
CA HIS A 942 -33.92 38.08 5.84
C HIS A 942 -33.88 36.58 5.53
N LEU A 943 -35.04 36.00 5.22
CA LEU A 943 -35.05 34.59 4.87
C LEU A 943 -34.23 34.29 3.62
N GLU A 944 -34.37 35.11 2.59
CA GLU A 944 -33.64 34.92 1.34
C GLU A 944 -32.13 35.07 1.53
N GLU A 945 -31.73 36.01 2.38
CA GLU A 945 -30.31 36.24 2.63
C GLU A 945 -29.71 35.09 3.43
N TYR A 946 -30.46 34.55 4.40
CA TYR A 946 -29.99 33.36 5.11
C TYR A 946 -29.91 32.16 4.18
N ALA A 947 -30.89 31.99 3.29
CA ALA A 947 -30.87 30.86 2.37
C ALA A 947 -29.66 30.93 1.45
N THR A 948 -29.35 32.13 0.92
CA THR A 948 -28.24 32.28 0.01
C THR A 948 -26.90 32.34 0.74
N GLU A 949 -26.90 32.56 2.05
CA GLU A 949 -25.67 32.35 2.80
C GLU A 949 -25.46 30.86 3.07
N GLY A 950 -26.54 30.10 3.18
CA GLY A 950 -26.44 28.68 3.40
C GLY A 950 -26.86 28.24 4.79
N LEU A 951 -27.95 28.83 5.29
CA LEU A 951 -28.53 28.43 6.57
C LEU A 951 -29.80 27.65 6.34
N ARG A 952 -30.00 26.62 7.15
CA ARG A 952 -31.23 25.84 7.17
C ARG A 952 -32.10 26.32 8.33
N THR A 953 -33.36 26.61 8.04
CA THR A 953 -34.21 27.27 9.02
C THR A 953 -35.66 26.85 8.83
N LEU A 954 -36.46 27.13 9.85
CA LEU A 954 -37.90 26.89 9.83
C LEU A 954 -38.61 28.22 10.09
N CYS A 955 -39.93 28.22 9.92
CA CYS A 955 -40.71 29.44 10.09
C CYS A 955 -41.94 29.14 10.93
N LEU A 956 -42.42 30.19 11.62
CA LEU A 956 -43.46 30.10 12.62
C LEU A 956 -44.63 31.00 12.24
N ALA A 957 -45.83 30.45 12.28
CA ALA A 957 -47.04 31.20 11.96
C ALA A 957 -48.09 30.98 13.04
N GLN A 958 -48.64 32.07 13.56
CA GLN A 958 -49.65 32.04 14.60
C GLN A 958 -50.99 32.57 14.08
N ARG A 959 -52.03 32.32 14.87
CA ARG A 959 -53.35 32.87 14.63
C ARG A 959 -54.14 32.84 15.94
N GLU A 960 -55.03 33.81 16.08
CA GLU A 960 -55.89 33.95 17.25
C GLU A 960 -57.34 33.67 16.86
N LEU A 961 -58.03 32.90 17.69
CA LEU A 961 -59.40 32.49 17.42
C LEU A 961 -60.28 32.78 18.62
N THR A 962 -61.49 33.27 18.36
CA THR A 962 -62.46 33.52 19.41
C THR A 962 -63.10 32.20 19.85
N TRP A 963 -64.07 32.31 20.77
CA TRP A 963 -64.73 31.11 21.27
C TRP A 963 -65.50 30.39 20.17
N SER A 964 -66.27 31.13 19.38
CA SER A 964 -67.03 30.52 18.29
C SER A 964 -66.10 29.97 17.22
N GLU A 965 -65.00 30.68 16.95
CA GLU A 965 -64.03 30.17 15.98
C GLU A 965 -63.43 28.85 16.44
N TYR A 966 -63.00 28.78 17.71
CA TYR A 966 -62.49 27.53 18.24
C TYR A 966 -63.54 26.44 18.20
N GLU A 967 -64.79 26.78 18.52
CA GLU A 967 -65.85 25.77 18.54
C GLU A 967 -66.09 25.18 17.16
N ARG A 968 -66.21 26.02 16.13
CA ARG A 968 -66.53 25.44 14.82
C ARG A 968 -65.29 24.79 14.21
N TRP A 969 -64.09 25.25 14.58
CA TRP A 969 -62.89 24.53 14.16
C TRP A 969 -62.86 23.13 14.75
N VAL A 970 -63.14 22.99 16.05
CA VAL A 970 -63.09 21.67 16.65
C VAL A 970 -64.23 20.82 16.13
N LYS A 971 -65.37 21.42 15.82
CA LYS A 971 -66.48 20.67 15.23
C LYS A 971 -66.10 20.09 13.87
N THR A 972 -65.53 20.92 12.99
CA THR A 972 -65.14 20.42 11.68
C THR A 972 -64.00 19.41 11.79
N TYR A 973 -63.09 19.59 12.75
CA TYR A 973 -62.05 18.59 12.97
C TYR A 973 -62.65 17.25 13.37
N ASP A 974 -63.55 17.26 14.37
CA ASP A 974 -64.15 16.02 14.85
C ASP A 974 -64.99 15.36 13.76
N VAL A 975 -65.61 16.14 12.88
CA VAL A 975 -66.46 15.54 11.86
C VAL A 975 -65.68 15.04 10.65
N ALA A 976 -64.50 15.60 10.37
CA ALA A 976 -63.73 15.17 9.21
C ALA A 976 -62.53 14.29 9.58
N ALA A 977 -61.61 14.79 10.40
CA ALA A 977 -60.38 14.07 10.66
C ALA A 977 -60.53 12.98 11.71
N ALA A 978 -61.45 13.15 12.66
CA ALA A 978 -61.63 12.15 13.71
C ALA A 978 -62.41 10.93 13.22
N SER A 979 -62.70 10.83 11.94
CA SER A 979 -63.45 9.72 11.39
C SER A 979 -62.54 8.52 11.15
N VAL A 980 -63.05 7.51 10.46
CA VAL A 980 -62.32 6.28 10.18
C VAL A 980 -62.30 6.15 8.65
N THR A 981 -61.72 5.06 8.13
CA THR A 981 -61.66 4.79 6.69
C THR A 981 -60.89 5.88 5.96
N ASN A 982 -59.58 5.89 6.22
CA ASN A 982 -58.62 6.78 5.55
C ASN A 982 -58.91 8.25 5.87
N ARG A 983 -58.77 8.58 7.15
CA ARG A 983 -58.96 9.94 7.64
C ARG A 983 -57.83 10.88 7.21
N GLU A 984 -56.82 10.39 6.51
CA GLU A 984 -55.66 11.21 6.16
C GLU A 984 -56.05 12.39 5.28
N GLU A 985 -56.84 12.13 4.24
CA GLU A 985 -57.25 13.20 3.33
C GLU A 985 -58.12 14.23 4.05
N GLU A 986 -59.04 13.75 4.89
CA GLU A 986 -59.89 14.68 5.64
C GLU A 986 -59.06 15.55 6.57
N LEU A 987 -58.09 14.95 7.26
CA LEU A 987 -57.23 15.73 8.14
C LEU A 987 -56.41 16.75 7.36
N ASP A 988 -55.89 16.34 6.20
CA ASP A 988 -55.12 17.26 5.37
C ASP A 988 -55.99 18.44 4.90
N LYS A 989 -57.22 18.16 4.48
CA LYS A 989 -58.12 19.22 4.05
C LYS A 989 -58.45 20.16 5.20
N VAL A 990 -58.68 19.61 6.40
CA VAL A 990 -58.98 20.45 7.56
C VAL A 990 -57.78 21.34 7.88
N THR A 991 -56.58 20.77 7.88
CA THR A 991 -55.39 21.57 8.16
C THR A 991 -55.20 22.65 7.10
N ASP A 992 -55.43 22.33 5.83
CA ASP A 992 -55.28 23.32 4.78
C ASP A 992 -56.29 24.46 4.95
N VAL A 993 -57.55 24.13 5.21
CA VAL A 993 -58.56 25.17 5.31
C VAL A 993 -58.38 25.98 6.59
N ILE A 994 -57.75 25.42 7.62
CA ILE A 994 -57.52 26.19 8.84
C ILE A 994 -56.21 26.98 8.82
N GLU A 995 -55.25 26.60 7.97
CA GLU A 995 -53.98 27.30 7.89
C GLU A 995 -53.82 28.14 6.63
N ARG A 996 -54.83 28.17 5.75
CA ARG A 996 -54.77 29.09 4.63
C ARG A 996 -54.56 30.53 5.08
N GLU A 997 -55.17 30.91 6.19
CA GLU A 997 -54.99 32.23 6.79
C GLU A 997 -54.13 32.09 8.03
N LEU A 998 -52.97 32.75 8.03
CA LEU A 998 -52.05 32.71 9.15
C LEU A 998 -51.23 33.99 9.17
N ILE A 999 -50.70 34.32 10.34
CA ILE A 999 -49.87 35.50 10.52
C ILE A 999 -48.49 35.03 10.97
N LEU A 1000 -47.48 35.24 10.13
CA LEU A 1000 -46.13 34.82 10.48
C LEU A 1000 -45.62 35.64 11.67
N LEU A 1001 -44.83 35.01 12.52
CA LEU A 1001 -44.27 35.67 13.69
C LEU A 1001 -42.76 35.64 13.73
N GLY A 1002 -42.11 35.07 12.71
CA GLY A 1002 -40.67 34.95 12.69
C GLY A 1002 -40.23 33.56 12.28
N GLY A 1003 -38.93 33.28 12.42
CA GLY A 1003 -38.42 31.98 12.04
C GLY A 1003 -37.25 31.51 12.88
N THR A 1004 -37.17 30.20 13.11
CA THR A 1004 -36.08 29.57 13.83
C THR A 1004 -35.13 28.89 12.87
N ALA A 1005 -33.85 28.85 13.24
CA ALA A 1005 -32.81 28.29 12.40
C ALA A 1005 -32.06 27.21 13.16
N ILE A 1006 -32.03 26.01 12.61
CA ILE A 1006 -31.28 24.90 13.18
C ILE A 1006 -29.92 24.86 12.51
N GLU A 1007 -28.88 24.48 13.27
CA GLU A 1007 -27.53 24.39 12.72
C GLU A 1007 -26.90 23.10 13.19
N ASP A 1008 -26.28 22.38 12.26
CA ASP A 1008 -25.63 21.10 12.55
C ASP A 1008 -24.12 21.30 12.60
N ARG A 1009 -23.50 20.74 13.63
CA ARG A 1009 -22.05 20.84 13.80
C ARG A 1009 -21.38 19.69 13.06
N LEU A 1010 -20.44 20.03 12.18
CA LEU A 1010 -19.71 19.02 11.42
C LEU A 1010 -18.56 18.47 12.25
N GLN A 1011 -17.76 17.59 11.63
CA GLN A 1011 -16.55 17.11 12.28
C GLN A 1011 -15.52 18.23 12.35
N ASP A 1012 -14.55 18.06 13.23
CA ASP A 1012 -13.49 19.05 13.36
C ASP A 1012 -12.65 19.08 12.10
N GLY A 1013 -12.43 20.29 11.57
CA GLY A 1013 -11.62 20.45 10.37
C GLY A 1013 -12.18 19.79 9.13
N VAL A 1014 -13.48 19.94 8.87
CA VAL A 1014 -14.08 19.44 7.64
C VAL A 1014 -13.86 20.41 6.48
N PRO A 1015 -14.16 21.71 6.62
CA PRO A 1015 -14.05 22.60 5.44
C PRO A 1015 -12.62 22.73 4.92
N ASP A 1016 -11.64 22.89 5.81
CA ASP A 1016 -10.26 23.00 5.37
C ASP A 1016 -9.79 21.70 4.72
N SER A 1017 -10.22 20.56 5.25
CA SER A 1017 -9.88 19.27 4.66
C SER A 1017 -10.45 19.15 3.24
N ILE A 1018 -11.72 19.55 3.07
CA ILE A 1018 -12.33 19.50 1.75
C ILE A 1018 -11.59 20.42 0.79
N ALA A 1019 -11.23 21.61 1.27
CA ALA A 1019 -10.51 22.56 0.41
C ALA A 1019 -9.15 22.01 0.01
N LEU A 1020 -8.43 21.40 0.94
CA LEU A 1020 -7.13 20.81 0.62
C LEU A 1020 -7.27 19.70 -0.41
N LEU A 1021 -8.23 18.81 -0.22
CA LEU A 1021 -8.44 17.74 -1.20
C LEU A 1021 -8.84 18.29 -2.57
N ALA A 1022 -9.66 19.34 -2.60
CA ALA A 1022 -10.04 19.92 -3.89
C ALA A 1022 -8.86 20.58 -4.58
N GLU A 1023 -8.01 21.29 -3.84
CA GLU A 1023 -6.90 21.99 -4.48
C GLU A 1023 -5.76 21.04 -4.82
N ALA A 1024 -5.70 19.88 -4.18
CA ALA A 1024 -4.67 18.90 -4.49
C ALA A 1024 -5.00 18.03 -5.69
N GLY A 1025 -6.10 18.32 -6.38
CA GLY A 1025 -6.49 17.55 -7.55
C GLY A 1025 -7.39 16.38 -7.30
N ILE A 1026 -7.69 16.07 -6.04
CA ILE A 1026 -8.57 14.96 -5.68
C ILE A 1026 -9.99 15.52 -5.60
N LYS A 1027 -10.74 15.38 -6.69
CA LYS A 1027 -12.13 15.81 -6.71
C LYS A 1027 -12.97 14.77 -5.97
N LEU A 1028 -13.69 15.22 -4.94
CA LEU A 1028 -14.39 14.33 -4.05
C LEU A 1028 -15.91 14.36 -4.30
N TRP A 1029 -16.57 13.29 -3.88
CA TRP A 1029 -18.01 13.16 -3.95
C TRP A 1029 -18.57 12.92 -2.55
N VAL A 1030 -19.84 13.26 -2.39
CA VAL A 1030 -20.57 13.00 -1.15
C VAL A 1030 -21.87 12.29 -1.50
N LEU A 1031 -22.12 11.15 -0.89
CA LEU A 1031 -23.34 10.39 -1.09
C LEU A 1031 -24.16 10.46 0.19
N THR A 1032 -25.41 10.90 0.07
CA THR A 1032 -26.25 11.19 1.21
C THR A 1032 -27.48 10.31 1.23
N GLY A 1033 -28.16 10.33 2.38
CA GLY A 1033 -29.28 9.44 2.64
C GLY A 1033 -30.62 10.10 2.78
N ASP A 1034 -31.00 10.40 4.03
CA ASP A 1034 -32.37 10.73 4.42
C ASP A 1034 -33.11 11.65 3.46
N LYS A 1035 -32.58 12.85 3.21
CA LYS A 1035 -33.32 13.85 2.45
C LYS A 1035 -32.36 14.71 1.64
N VAL A 1036 -32.93 15.41 0.65
CA VAL A 1036 -32.14 16.20 -0.28
C VAL A 1036 -31.81 17.58 0.28
N GLU A 1037 -32.78 18.22 0.95
CA GLU A 1037 -32.53 19.53 1.54
C GLU A 1037 -31.49 19.46 2.63
N THR A 1038 -31.45 18.36 3.40
CA THR A 1038 -30.41 18.17 4.39
C THR A 1038 -29.04 18.20 3.75
N ALA A 1039 -28.85 17.42 2.68
CA ALA A 1039 -27.57 17.40 1.98
C ALA A 1039 -27.24 18.76 1.38
N ILE A 1040 -28.24 19.44 0.83
CA ILE A 1040 -28.01 20.74 0.20
C ILE A 1040 -27.52 21.76 1.23
N ASN A 1041 -28.17 21.80 2.39
CA ASN A 1041 -27.76 22.75 3.40
C ASN A 1041 -26.42 22.36 4.02
N ILE A 1042 -26.13 21.07 4.14
CA ILE A 1042 -24.82 20.66 4.63
C ILE A 1042 -23.73 21.10 3.65
N GLY A 1043 -23.97 20.92 2.35
CA GLY A 1043 -23.00 21.36 1.37
C GLY A 1043 -22.79 22.85 1.36
N PHE A 1044 -23.86 23.64 1.48
CA PHE A 1044 -23.70 25.09 1.57
C PHE A 1044 -22.99 25.51 2.85
N SER A 1045 -23.27 24.83 3.97
CA SER A 1045 -22.57 25.15 5.22
C SER A 1045 -21.08 24.86 5.09
N CYS A 1046 -20.74 23.74 4.48
CA CYS A 1046 -19.34 23.45 4.19
C CYS A 1046 -18.88 24.30 3.00
N ASN A 1047 -17.56 24.36 2.83
CA ASN A 1047 -16.98 25.12 1.71
C ASN A 1047 -16.92 24.28 0.44
N VAL A 1048 -18.05 23.70 0.07
CA VAL A 1048 -18.17 22.87 -1.12
C VAL A 1048 -19.06 23.51 -2.17
N LEU A 1049 -20.24 23.96 -1.77
CA LEU A 1049 -21.23 24.51 -2.70
C LEU A 1049 -21.19 26.03 -2.60
N ASN A 1050 -20.87 26.68 -3.72
CA ASN A 1050 -20.84 28.13 -3.78
C ASN A 1050 -22.17 28.66 -4.31
N ASN A 1051 -22.45 29.92 -3.98
CA ASN A 1051 -23.74 30.51 -4.33
C ASN A 1051 -23.89 30.74 -5.83
N ASP A 1052 -22.85 31.21 -6.49
CA ASP A 1052 -22.89 31.37 -7.94
C ASP A 1052 -22.81 30.05 -8.68
N MET A 1053 -22.49 28.97 -7.98
CA MET A 1053 -22.42 27.64 -8.58
C MET A 1053 -23.82 27.21 -9.00
N GLU A 1054 -23.97 26.79 -10.25
CA GLU A 1054 -25.28 26.42 -10.77
C GLU A 1054 -25.69 25.05 -10.25
N LEU A 1055 -26.91 24.94 -9.74
CA LEU A 1055 -27.43 23.69 -9.20
C LEU A 1055 -28.18 22.95 -10.30
N LEU A 1056 -27.51 21.98 -10.92
CA LEU A 1056 -28.13 21.14 -11.95
C LEU A 1056 -28.84 19.97 -11.28
N VAL A 1057 -29.95 20.30 -10.63
CA VAL A 1057 -30.74 19.30 -9.93
C VAL A 1057 -31.32 18.30 -10.91
N VAL A 1058 -31.27 17.03 -10.56
CA VAL A 1058 -31.75 15.95 -11.41
C VAL A 1058 -32.79 15.18 -10.59
N LYS A 1059 -34.06 15.48 -10.81
CA LYS A 1059 -35.15 14.81 -10.12
C LYS A 1059 -36.03 14.06 -11.13
N ALA A 1060 -36.58 12.94 -10.69
CA ALA A 1060 -37.43 12.09 -11.52
C ALA A 1060 -38.91 12.25 -11.24
N SER A 1061 -39.30 12.44 -9.98
CA SER A 1061 -40.69 12.55 -9.58
C SER A 1061 -40.91 13.83 -8.78
N GLY A 1062 -40.37 14.93 -9.27
CA GLY A 1062 -40.56 16.22 -8.63
C GLY A 1062 -41.79 16.94 -9.14
N GLU A 1063 -41.81 18.26 -9.00
CA GLU A 1063 -42.91 19.07 -9.53
C GLU A 1063 -42.72 19.44 -10.99
N ASP A 1064 -41.56 19.14 -11.57
CA ASP A 1064 -41.28 19.36 -12.98
C ASP A 1064 -42.18 18.53 -13.89
N VAL A 1065 -42.74 17.43 -13.37
CA VAL A 1065 -43.42 16.44 -14.21
C VAL A 1065 -44.53 17.06 -15.03
N GLU A 1066 -45.19 18.10 -14.50
CA GLU A 1066 -46.31 18.72 -15.20
C GLU A 1066 -45.94 19.27 -16.57
N GLU A 1067 -44.66 19.30 -16.95
CA GLU A 1067 -44.29 19.65 -18.30
C GLU A 1067 -43.32 18.68 -18.96
N PHE A 1068 -43.05 17.52 -18.33
CA PHE A 1068 -42.25 16.48 -18.99
C PHE A 1068 -42.80 15.08 -18.73
N GLY A 1069 -44.08 14.96 -18.37
CA GLY A 1069 -44.68 13.66 -18.10
C GLY A 1069 -44.36 12.55 -19.08
N SER A 1070 -43.63 11.55 -18.59
CA SER A 1070 -43.27 10.36 -19.34
C SER A 1070 -42.66 9.38 -18.35
N ASP A 1071 -42.14 8.27 -18.86
CA ASP A 1071 -41.43 7.34 -17.99
C ASP A 1071 -40.11 7.96 -17.54
N PRO A 1072 -39.59 7.56 -16.38
CA PRO A 1072 -38.35 8.18 -15.88
C PRO A 1072 -37.19 8.04 -16.84
N ILE A 1073 -37.14 6.98 -17.65
CA ILE A 1073 -36.05 6.82 -18.60
C ILE A 1073 -36.03 7.99 -19.58
N GLN A 1074 -37.18 8.28 -20.19
CA GLN A 1074 -37.25 9.40 -21.12
C GLN A 1074 -37.11 10.72 -20.41
N VAL A 1075 -37.60 10.83 -19.18
CA VAL A 1075 -37.45 12.08 -18.44
C VAL A 1075 -35.97 12.40 -18.24
N VAL A 1076 -35.20 11.43 -17.77
CA VAL A 1076 -33.77 11.67 -17.53
C VAL A 1076 -33.02 11.82 -18.84
N ASN A 1077 -33.45 11.14 -19.91
CA ASN A 1077 -32.81 11.34 -21.20
C ASN A 1077 -33.01 12.77 -21.70
N ASN A 1078 -34.23 13.28 -21.59
CA ASN A 1078 -34.49 14.66 -21.99
C ASN A 1078 -33.70 15.63 -21.13
N LEU A 1079 -33.62 15.36 -19.82
CA LEU A 1079 -32.86 16.23 -18.93
C LEU A 1079 -31.38 16.26 -19.30
N VAL A 1080 -30.78 15.10 -19.55
CA VAL A 1080 -29.36 15.07 -19.89
C VAL A 1080 -29.12 15.69 -21.26
N THR A 1081 -30.04 15.53 -22.21
CA THR A 1081 -29.88 16.17 -23.52
C THR A 1081 -29.97 17.68 -23.41
N LYS A 1082 -30.91 18.19 -22.61
CA LYS A 1082 -31.01 19.63 -22.45
C LYS A 1082 -29.84 20.20 -21.64
N TYR A 1083 -29.22 19.38 -20.79
CA TYR A 1083 -28.00 19.82 -20.12
C TYR A 1083 -26.82 19.88 -21.08
N LEU A 1084 -26.68 18.86 -21.93
CA LEU A 1084 -25.50 18.74 -22.79
C LEU A 1084 -25.68 19.36 -24.16
N ARG A 1085 -26.82 20.00 -24.43
CA ARG A 1085 -26.99 20.75 -25.66
C ARG A 1085 -27.08 22.26 -25.44
N GLU A 1086 -27.78 22.71 -24.42
CA GLU A 1086 -28.05 24.14 -24.26
C GLU A 1086 -26.87 24.87 -23.64
N LYS A 1087 -26.52 24.53 -22.40
CA LYS A 1087 -25.47 25.26 -21.70
C LYS A 1087 -24.10 24.98 -22.29
N PHE A 1088 -23.83 23.72 -22.61
CA PHE A 1088 -22.51 23.30 -23.08
C PHE A 1088 -22.68 22.16 -24.07
N GLY A 1089 -22.06 22.28 -25.24
CA GLY A 1089 -22.23 21.30 -26.29
C GLY A 1089 -21.16 20.23 -26.33
N MET A 1090 -21.46 19.06 -25.76
CA MET A 1090 -20.60 17.89 -25.85
C MET A 1090 -21.44 16.62 -25.99
N SER A 1091 -22.46 16.68 -26.85
CA SER A 1091 -23.32 15.52 -27.07
C SER A 1091 -22.55 14.46 -27.86
N GLY A 1092 -22.63 13.22 -27.38
CA GLY A 1092 -21.90 12.11 -27.98
C GLY A 1092 -21.38 11.20 -26.89
N SER A 1093 -21.16 9.94 -27.25
CA SER A 1093 -20.80 8.93 -26.27
C SER A 1093 -19.40 8.37 -26.47
N GLU A 1094 -19.12 7.76 -27.61
CA GLU A 1094 -17.86 7.02 -27.76
C GLU A 1094 -16.67 7.98 -27.85
N GLU A 1095 -16.76 8.99 -28.72
CA GLU A 1095 -15.68 9.96 -28.83
C GLU A 1095 -15.49 10.72 -27.52
N GLU A 1096 -16.61 11.05 -26.86
CA GLU A 1096 -16.54 11.76 -25.59
C GLU A 1096 -15.82 10.95 -24.54
N LEU A 1097 -16.11 9.65 -24.45
CA LEU A 1097 -15.38 8.80 -23.51
C LEU A 1097 -13.91 8.71 -23.89
N LYS A 1098 -13.60 8.67 -25.19
CA LYS A 1098 -12.20 8.64 -25.59
C LYS A 1098 -11.46 9.89 -25.12
N GLU A 1099 -12.10 11.05 -25.21
CA GLU A 1099 -11.47 12.30 -24.77
C GLU A 1099 -11.44 12.44 -23.25
N ALA A 1100 -12.43 11.87 -22.58
CA ALA A 1100 -12.54 11.93 -21.13
C ALA A 1100 -11.62 10.95 -20.43
N LYS A 1101 -11.12 9.94 -21.17
CA LYS A 1101 -10.07 9.09 -20.63
C LYS A 1101 -8.84 9.91 -20.26
N ARG A 1102 -8.45 10.84 -21.13
CA ARG A 1102 -7.16 11.52 -20.99
C ARG A 1102 -7.24 12.89 -20.32
N GLU A 1103 -7.69 12.96 -19.08
CA GLU A 1103 -7.46 14.14 -18.24
C GLU A 1103 -6.82 13.80 -16.91
N HIS A 1104 -7.24 12.71 -16.28
CA HIS A 1104 -6.72 12.31 -14.97
C HIS A 1104 -6.84 13.43 -13.94
N GLY A 1105 -8.03 14.03 -13.87
CA GLY A 1105 -8.32 14.98 -12.82
C GLY A 1105 -8.03 16.43 -13.16
N LEU A 1106 -9.09 17.23 -13.23
CA LEU A 1106 -8.97 18.68 -13.39
C LEU A 1106 -10.26 19.34 -12.93
N PRO A 1107 -10.19 20.28 -11.99
CA PRO A 1107 -11.39 20.96 -11.51
C PRO A 1107 -11.81 22.08 -12.44
N GLN A 1108 -12.90 21.88 -13.17
CA GLN A 1108 -13.43 22.89 -14.07
C GLN A 1108 -14.95 22.73 -14.15
N GLY A 1109 -15.62 23.80 -14.55
CA GLY A 1109 -17.05 23.77 -14.76
C GLY A 1109 -17.81 24.64 -13.78
N ASN A 1110 -17.43 24.59 -12.50
CA ASN A 1110 -18.03 25.38 -11.43
C ASN A 1110 -19.55 25.22 -11.38
N PHE A 1111 -20.05 24.01 -11.55
CA PHE A 1111 -21.47 23.70 -11.43
C PHE A 1111 -21.66 22.60 -10.38
N ALA A 1112 -22.93 22.37 -10.02
CA ALA A 1112 -23.28 21.34 -9.04
C ALA A 1112 -24.47 20.57 -9.57
N VAL A 1113 -24.52 19.28 -9.20
CA VAL A 1113 -25.59 18.39 -9.63
C VAL A 1113 -26.19 17.72 -8.40
N ILE A 1114 -27.51 17.69 -8.34
CA ILE A 1114 -28.26 17.02 -7.27
C ILE A 1114 -29.15 15.98 -7.92
N ILE A 1115 -29.05 14.74 -7.46
CA ILE A 1115 -29.77 13.62 -8.08
C ILE A 1115 -30.46 12.81 -6.99
N ASP A 1116 -31.67 12.34 -7.28
CA ASP A 1116 -32.42 11.52 -6.35
C ASP A 1116 -32.06 10.05 -6.53
N GLY A 1117 -32.52 9.23 -5.58
CA GLY A 1117 -32.24 7.79 -5.66
C GLY A 1117 -32.86 7.14 -6.87
N ASP A 1118 -34.13 7.44 -7.14
CA ASP A 1118 -34.78 6.89 -8.32
C ASP A 1118 -34.12 7.37 -9.60
N ALA A 1119 -33.74 8.65 -9.64
CA ALA A 1119 -33.09 9.19 -10.83
C ALA A 1119 -31.74 8.50 -11.06
N LEU A 1120 -30.97 8.30 -9.99
CA LEU A 1120 -29.67 7.67 -10.17
C LEU A 1120 -29.83 6.20 -10.56
N LYS A 1121 -30.84 5.51 -10.02
CA LYS A 1121 -31.02 4.12 -10.41
C LYS A 1121 -31.48 4.00 -11.86
N VAL A 1122 -32.32 4.93 -12.33
CA VAL A 1122 -32.78 4.85 -13.71
C VAL A 1122 -31.70 5.31 -14.68
N ALA A 1123 -30.76 6.13 -14.23
CA ALA A 1123 -29.61 6.47 -15.06
C ALA A 1123 -28.49 5.44 -14.97
N LEU A 1124 -28.50 4.59 -13.95
CA LEU A 1124 -27.49 3.56 -13.79
C LEU A 1124 -27.90 2.21 -14.37
N ASN A 1125 -29.21 1.97 -14.56
CA ASN A 1125 -29.63 0.69 -15.11
C ASN A 1125 -29.10 0.47 -16.52
N GLY A 1126 -29.19 1.48 -17.36
CA GLY A 1126 -28.79 1.37 -18.76
C GLY A 1126 -27.38 1.89 -18.99
N GLU A 1127 -26.68 1.25 -19.94
CA GLU A 1127 -25.28 1.57 -20.17
C GLU A 1127 -25.10 2.92 -20.85
N GLU A 1128 -25.98 3.27 -21.79
CA GLU A 1128 -25.95 4.61 -22.38
C GLU A 1128 -26.22 5.68 -21.34
N MET A 1129 -27.21 5.44 -20.48
CA MET A 1129 -27.48 6.38 -19.40
C MET A 1129 -26.30 6.48 -18.45
N ARG A 1130 -25.64 5.35 -18.18
CA ARG A 1130 -24.47 5.34 -17.30
C ARG A 1130 -23.35 6.19 -17.87
N ARG A 1131 -23.04 6.02 -19.16
CA ARG A 1131 -21.95 6.81 -19.73
C ARG A 1131 -22.32 8.28 -19.82
N LYS A 1132 -23.59 8.60 -20.10
CA LYS A 1132 -23.98 10.01 -20.10
C LYS A 1132 -23.85 10.62 -18.71
N PHE A 1133 -24.26 9.89 -17.67
CA PHE A 1133 -24.11 10.38 -16.31
C PHE A 1133 -22.64 10.53 -15.94
N LEU A 1134 -21.79 9.60 -16.39
CA LEU A 1134 -20.36 9.71 -16.12
C LEU A 1134 -19.77 10.96 -16.78
N LEU A 1135 -20.17 11.23 -18.02
CA LEU A 1135 -19.72 12.45 -18.70
C LEU A 1135 -20.18 13.69 -17.94
N LEU A 1136 -21.44 13.70 -17.51
CA LEU A 1136 -21.97 14.84 -16.77
C LEU A 1136 -21.22 15.05 -15.45
N CYS A 1137 -20.95 13.96 -14.73
CA CYS A 1137 -20.26 14.08 -13.46
C CYS A 1137 -18.80 14.46 -13.63
N LYS A 1138 -18.15 14.03 -14.71
CA LYS A 1138 -16.80 14.48 -14.99
C LYS A 1138 -16.77 15.97 -15.33
N ASN A 1139 -17.76 16.44 -16.07
CA ASN A 1139 -17.86 17.88 -16.33
C ASN A 1139 -18.12 18.66 -15.05
N CYS A 1140 -18.95 18.12 -14.16
CA CYS A 1140 -19.27 18.76 -12.89
C CYS A 1140 -18.19 18.45 -11.85
N LYS A 1141 -18.35 19.04 -10.66
CA LYS A 1141 -17.41 18.87 -9.57
C LYS A 1141 -18.06 18.63 -8.21
N ALA A 1142 -19.38 18.75 -8.11
CA ALA A 1142 -20.09 18.72 -6.84
C ALA A 1142 -21.20 17.68 -6.87
N VAL A 1143 -20.85 16.46 -7.29
CA VAL A 1143 -21.83 15.39 -7.41
C VAL A 1143 -22.35 14.99 -6.03
N LEU A 1144 -23.66 15.13 -5.84
CA LEU A 1144 -24.34 14.69 -4.62
C LEU A 1144 -25.40 13.66 -4.99
N CYS A 1145 -25.41 12.55 -4.26
CA CYS A 1145 -26.40 11.49 -4.46
C CYS A 1145 -27.19 11.32 -3.18
N CYS A 1146 -28.52 11.28 -3.31
CA CYS A 1146 -29.41 11.19 -2.17
C CYS A 1146 -30.49 10.13 -2.42
N ARG A 1147 -31.07 9.65 -1.33
CA ARG A 1147 -32.04 8.56 -1.36
C ARG A 1147 -31.48 7.33 -2.06
N VAL A 1148 -30.18 7.12 -1.90
CA VAL A 1148 -29.49 6.02 -2.58
C VAL A 1148 -29.44 4.82 -1.67
N SER A 1149 -29.82 3.67 -2.21
CA SER A 1149 -29.74 2.42 -1.48
C SER A 1149 -28.29 1.91 -1.49
N PRO A 1150 -27.95 1.02 -0.55
CA PRO A 1150 -26.60 0.44 -0.57
C PRO A 1150 -26.26 -0.24 -1.88
N ALA A 1151 -27.21 -0.98 -2.47
CA ALA A 1151 -26.95 -1.63 -3.75
C ALA A 1151 -26.73 -0.60 -4.85
N GLN A 1152 -27.52 0.47 -4.84
CA GLN A 1152 -27.36 1.51 -5.85
C GLN A 1152 -26.00 2.18 -5.75
N LYS A 1153 -25.55 2.50 -4.53
CA LYS A 1153 -24.25 3.15 -4.41
C LYS A 1153 -23.11 2.19 -4.72
N ALA A 1154 -23.27 0.90 -4.38
CA ALA A 1154 -22.28 -0.08 -4.78
C ALA A 1154 -22.17 -0.19 -6.29
N ALA A 1155 -23.32 -0.20 -6.98
CA ALA A 1155 -23.29 -0.28 -8.44
C ALA A 1155 -22.65 0.96 -9.05
N VAL A 1156 -22.97 2.15 -8.52
CA VAL A 1156 -22.40 3.35 -9.11
C VAL A 1156 -20.90 3.43 -8.84
N VAL A 1157 -20.42 2.98 -7.67
CA VAL A 1157 -18.98 3.01 -7.43
C VAL A 1157 -18.28 1.96 -8.29
N LYS A 1158 -18.92 0.81 -8.51
CA LYS A 1158 -18.36 -0.17 -9.45
C LYS A 1158 -18.24 0.44 -10.85
N LEU A 1159 -19.27 1.14 -11.30
CA LEU A 1159 -19.24 1.76 -12.62
C LEU A 1159 -18.13 2.81 -12.71
N VAL A 1160 -18.01 3.67 -11.69
CA VAL A 1160 -17.00 4.71 -11.75
C VAL A 1160 -15.60 4.13 -11.63
N LYS A 1161 -15.46 2.97 -10.98
CA LYS A 1161 -14.15 2.31 -10.92
C LYS A 1161 -13.81 1.69 -12.28
N LYS A 1162 -14.79 1.03 -12.91
CA LYS A 1162 -14.52 0.33 -14.16
C LYS A 1162 -14.34 1.31 -15.31
N THR A 1163 -15.39 2.06 -15.65
CA THR A 1163 -15.26 3.07 -16.68
C THR A 1163 -14.43 4.23 -16.13
N LEU A 1164 -13.50 4.73 -16.94
CA LEU A 1164 -12.52 5.71 -16.47
C LEU A 1164 -11.77 5.15 -15.27
N ASP A 1165 -10.99 4.10 -15.52
CA ASP A 1165 -10.36 3.34 -14.45
C ASP A 1165 -9.50 4.25 -13.57
N VAL A 1166 -9.99 4.49 -12.36
CA VAL A 1166 -9.38 5.42 -11.42
C VAL A 1166 -9.56 4.85 -10.02
N MET A 1167 -8.53 4.98 -9.20
CA MET A 1167 -8.52 4.28 -7.93
C MET A 1167 -9.21 5.18 -6.90
N THR A 1168 -10.30 4.70 -6.32
CA THR A 1168 -11.18 5.52 -5.50
C THR A 1168 -11.11 5.10 -4.03
N LEU A 1169 -11.82 5.86 -3.19
CA LEU A 1169 -11.89 5.62 -1.76
C LEU A 1169 -13.32 5.83 -1.30
N ALA A 1170 -13.72 5.09 -0.27
CA ALA A 1170 -15.10 5.05 0.21
C ALA A 1170 -15.16 5.26 1.72
N ILE A 1171 -14.54 6.34 2.19
CA ILE A 1171 -14.63 6.68 3.61
C ILE A 1171 -16.09 6.78 4.01
N GLY A 1172 -16.43 6.21 5.17
CA GLY A 1172 -17.82 6.24 5.61
C GLY A 1172 -17.99 5.64 6.98
N ASP A 1173 -19.25 5.58 7.41
CA ASP A 1173 -19.61 5.01 8.70
C ASP A 1173 -21.00 4.40 8.59
N GLY A 1174 -21.22 3.32 9.35
CA GLY A 1174 -22.51 2.66 9.39
C GLY A 1174 -22.47 1.30 8.70
N SER A 1175 -23.62 0.63 8.75
CA SER A 1175 -23.78 -0.69 8.14
C SER A 1175 -24.32 -0.62 6.72
N ASN A 1176 -24.44 0.57 6.15
CA ASN A 1176 -24.97 0.76 4.81
C ASN A 1176 -23.89 1.04 3.77
N ASP A 1177 -22.78 1.64 4.18
CA ASP A 1177 -21.71 2.05 3.29
C ASP A 1177 -20.77 0.91 2.90
N VAL A 1178 -20.81 -0.22 3.60
CA VAL A 1178 -19.93 -1.32 3.25
C VAL A 1178 -20.05 -1.67 1.78
N ALA A 1179 -21.27 -1.53 1.22
CA ALA A 1179 -21.51 -1.88 -0.17
C ALA A 1179 -20.55 -1.17 -1.11
N MET A 1180 -20.18 0.08 -0.82
CA MET A 1180 -19.17 0.74 -1.63
C MET A 1180 -17.78 0.63 -1.02
N ILE A 1181 -17.70 0.45 0.29
CA ILE A 1181 -16.38 0.27 0.91
C ILE A 1181 -15.66 -0.89 0.24
N GLN A 1182 -16.26 -2.07 0.33
CA GLN A 1182 -15.70 -3.27 -0.28
C GLN A 1182 -15.55 -3.14 -1.79
N SER A 1183 -16.08 -2.08 -2.41
CA SER A 1183 -15.92 -1.89 -3.83
C SER A 1183 -14.77 -0.94 -4.17
N ALA A 1184 -14.47 -0.01 -3.26
CA ALA A 1184 -13.52 1.05 -3.56
C ALA A 1184 -12.07 0.56 -3.62
N ASP A 1185 -11.81 -0.68 -3.23
CA ASP A 1185 -10.50 -1.32 -3.21
C ASP A 1185 -9.57 -0.72 -2.16
N VAL A 1186 -9.99 0.34 -1.46
CA VAL A 1186 -9.32 0.83 -0.27
C VAL A 1186 -10.38 1.07 0.79
N GLY A 1187 -10.20 0.49 1.96
CA GLY A 1187 -11.21 0.59 3.00
C GLY A 1187 -10.81 1.46 4.17
N VAL A 1188 -11.56 2.53 4.39
CA VAL A 1188 -11.36 3.41 5.54
C VAL A 1188 -12.73 3.78 6.11
N GLY A 1189 -12.84 3.74 7.43
CA GLY A 1189 -14.10 4.02 8.07
C GLY A 1189 -13.89 4.72 9.39
N ILE A 1190 -14.94 5.40 9.85
CA ILE A 1190 -14.90 6.14 11.10
C ILE A 1190 -15.22 5.18 12.24
N ALA A 1191 -14.25 4.94 13.11
CA ALA A 1191 -14.45 4.08 14.27
C ALA A 1191 -14.87 4.93 15.46
N GLY A 1192 -14.97 4.31 16.63
CA GLY A 1192 -15.31 5.00 17.86
C GLY A 1192 -16.58 4.44 18.47
N GLU A 1193 -17.06 5.14 19.49
CA GLU A 1193 -18.30 4.76 20.16
C GLU A 1193 -19.51 4.96 19.27
N GLU A 1194 -19.39 5.69 18.17
CA GLU A 1194 -20.50 5.94 17.27
C GLU A 1194 -20.64 4.91 16.17
N GLY A 1195 -19.53 4.38 15.65
CA GLY A 1195 -19.61 3.40 14.59
C GLY A 1195 -18.63 2.25 14.76
N ARG A 1196 -19.15 1.02 14.78
CA ARG A 1196 -18.32 -0.17 14.91
C ARG A 1196 -18.78 -1.28 13.96
N GLN A 1197 -19.31 -0.91 12.81
CA GLN A 1197 -19.83 -1.87 11.85
C GLN A 1197 -19.21 -1.76 10.47
N ALA A 1198 -18.94 -0.54 10.00
CA ALA A 1198 -18.17 -0.39 8.77
C ALA A 1198 -16.73 -0.79 8.95
N VAL A 1199 -16.17 -0.57 10.14
CA VAL A 1199 -14.80 -0.92 10.43
C VAL A 1199 -14.57 -2.43 10.36
N MET A 1200 -15.65 -3.21 10.43
CA MET A 1200 -15.52 -4.66 10.27
C MET A 1200 -14.93 -5.01 8.91
N CYS A 1201 -15.38 -4.34 7.86
CA CYS A 1201 -14.91 -4.63 6.52
C CYS A 1201 -13.91 -3.62 5.99
N SER A 1202 -13.81 -2.44 6.59
CA SER A 1202 -12.88 -1.44 6.09
C SER A 1202 -11.43 -1.88 6.33
N ASP A 1203 -10.58 -1.59 5.33
CA ASP A 1203 -9.16 -1.90 5.46
C ASP A 1203 -8.52 -1.10 6.58
N TYR A 1204 -8.84 0.19 6.68
CA TYR A 1204 -8.38 1.07 7.72
C TYR A 1204 -9.58 1.57 8.50
N ALA A 1205 -9.35 1.99 9.74
CA ALA A 1205 -10.40 2.56 10.57
C ALA A 1205 -9.83 3.73 11.35
N ILE A 1206 -10.29 4.92 11.01
CA ILE A 1206 -9.80 6.17 11.58
C ILE A 1206 -10.58 6.51 12.85
N GLY A 1207 -10.02 7.44 13.62
CA GLY A 1207 -10.71 7.98 14.78
C GLY A 1207 -11.74 9.02 14.38
N GLN A 1208 -11.40 9.88 13.44
CA GLN A 1208 -12.33 10.86 12.89
C GLN A 1208 -11.82 11.28 11.52
N PHE A 1209 -12.72 11.90 10.75
CA PHE A 1209 -12.40 12.25 9.36
C PHE A 1209 -11.17 13.13 9.26
N ARG A 1210 -10.89 13.93 10.30
CA ARG A 1210 -9.78 14.87 10.27
C ARG A 1210 -8.45 14.17 10.06
N TYR A 1211 -8.35 12.87 10.34
CA TYR A 1211 -7.12 12.14 10.09
C TYR A 1211 -6.92 11.91 8.60
N VAL A 1212 -7.97 11.53 7.88
CA VAL A 1212 -7.81 11.11 6.49
C VAL A 1212 -7.11 12.21 5.69
N THR A 1213 -7.55 13.46 5.88
CA THR A 1213 -7.05 14.56 5.05
C THR A 1213 -5.54 14.71 5.15
N ARG A 1214 -4.92 14.21 6.22
CA ARG A 1214 -3.47 14.14 6.29
C ARG A 1214 -2.95 12.78 5.83
N LEU A 1215 -3.56 11.71 6.31
CA LEU A 1215 -3.06 10.38 6.00
C LEU A 1215 -2.94 10.19 4.50
N VAL A 1216 -4.09 10.26 3.81
CA VAL A 1216 -4.08 10.02 2.37
C VAL A 1216 -3.24 11.05 1.64
N LEU A 1217 -3.04 12.24 2.24
CA LEU A 1217 -2.28 13.28 1.55
C LEU A 1217 -0.79 13.16 1.77
N VAL A 1218 -0.39 12.36 2.75
CA VAL A 1218 1.03 12.27 3.07
C VAL A 1218 1.54 10.86 2.81
N HIS A 1219 1.01 9.90 3.56
CA HIS A 1219 1.52 8.54 3.45
C HIS A 1219 1.24 7.94 2.07
N GLY A 1220 0.06 8.20 1.53
CA GLY A 1220 -0.23 7.69 0.21
C GLY A 1220 0.94 8.02 -0.69
N LYS A 1221 1.07 9.30 -1.03
CA LYS A 1221 2.17 9.75 -1.85
C LYS A 1221 3.49 9.13 -1.41
N TRP A 1222 3.77 9.14 -0.11
CA TRP A 1222 5.06 8.64 0.33
C TRP A 1222 5.29 7.28 -0.28
N CYS A 1223 4.41 6.34 0.05
CA CYS A 1223 4.58 4.97 -0.42
C CYS A 1223 4.54 4.91 -1.93
N TYR A 1224 3.67 5.73 -2.55
CA TYR A 1224 3.54 5.65 -4.00
C TYR A 1224 4.85 5.97 -4.68
N LYS A 1225 5.66 6.80 -4.03
CA LYS A 1225 7.01 7.04 -4.53
C LYS A 1225 7.99 5.97 -4.07
N ARG A 1226 7.84 5.54 -2.82
CA ARG A 1226 8.82 4.62 -2.25
C ARG A 1226 8.86 3.34 -3.08
N LEU A 1227 7.71 2.72 -3.29
CA LEU A 1227 7.65 1.54 -4.14
C LEU A 1227 8.09 1.86 -5.56
N ALA A 1228 7.68 3.04 -6.06
CA ALA A 1228 8.03 3.37 -7.44
C ALA A 1228 9.53 3.48 -7.60
N GLU A 1229 10.25 3.65 -6.50
CA GLU A 1229 11.70 3.63 -6.54
C GLU A 1229 12.27 2.26 -6.20
N MET A 1230 11.56 1.50 -5.36
CA MET A 1230 12.08 0.20 -4.94
C MET A 1230 12.06 -0.79 -6.08
N ILE A 1231 11.00 -0.77 -6.89
CA ILE A 1231 10.89 -1.71 -8.01
C ILE A 1231 12.06 -1.59 -8.98
N PRO A 1232 12.44 -0.39 -9.46
CA PRO A 1232 13.64 -0.29 -10.29
C PRO A 1232 14.89 -0.76 -9.59
N GLN A 1233 15.05 -0.47 -8.30
CA GLN A 1233 16.24 -0.93 -7.58
C GLN A 1233 16.28 -2.44 -7.53
N PHE A 1234 15.13 -3.07 -7.27
CA PHE A 1234 15.09 -4.52 -7.16
C PHE A 1234 15.34 -5.19 -8.51
N PHE A 1235 14.88 -4.59 -9.60
CA PHE A 1235 15.13 -5.21 -10.90
C PHE A 1235 16.43 -4.73 -11.52
N TYR A 1236 17.13 -3.81 -10.87
CA TYR A 1236 18.51 -3.47 -11.23
C TYR A 1236 19.50 -4.39 -10.54
N LYS A 1237 19.28 -4.66 -9.26
CA LYS A 1237 20.21 -5.46 -8.45
C LYS A 1237 20.29 -6.90 -8.92
N ASN A 1238 19.30 -7.40 -9.65
CA ASN A 1238 19.38 -8.75 -10.19
C ASN A 1238 19.93 -8.78 -11.62
N VAL A 1239 19.61 -7.77 -12.42
CA VAL A 1239 20.18 -7.68 -13.76
C VAL A 1239 21.69 -7.54 -13.68
N ILE A 1240 22.18 -6.69 -12.79
CA ILE A 1240 23.61 -6.48 -12.64
C ILE A 1240 24.33 -7.77 -12.30
N PHE A 1241 23.64 -8.72 -11.68
CA PHE A 1241 24.24 -9.99 -11.30
C PHE A 1241 24.12 -11.05 -12.38
N THR A 1242 23.01 -11.05 -13.11
CA THR A 1242 22.75 -12.10 -14.09
C THR A 1242 23.32 -11.82 -15.47
N LEU A 1243 23.20 -10.58 -15.96
CA LEU A 1243 23.77 -10.29 -17.27
C LEU A 1243 25.29 -10.40 -17.25
N SER A 1244 25.91 -10.26 -16.07
CA SER A 1244 27.34 -10.49 -15.96
C SER A 1244 27.70 -11.94 -16.31
N LEU A 1245 26.95 -12.90 -15.74
CA LEU A 1245 27.16 -14.30 -16.10
C LEU A 1245 26.87 -14.52 -17.57
N PHE A 1246 25.81 -13.89 -18.08
CA PHE A 1246 25.48 -14.05 -19.50
C PHE A 1246 26.65 -13.60 -20.37
N TRP A 1247 27.21 -12.43 -20.07
CA TRP A 1247 28.35 -11.92 -20.83
C TRP A 1247 29.58 -12.80 -20.67
N TYR A 1248 29.82 -13.31 -19.46
CA TYR A 1248 30.97 -14.17 -19.26
C TYR A 1248 30.86 -15.44 -20.10
N GLY A 1249 29.64 -15.92 -20.28
CA GLY A 1249 29.43 -17.14 -21.05
C GLY A 1249 29.98 -17.11 -22.46
N ILE A 1250 30.10 -15.92 -23.07
CA ILE A 1250 30.55 -15.84 -24.45
C ILE A 1250 31.94 -16.42 -24.61
N TYR A 1251 32.77 -16.29 -23.58
CA TYR A 1251 33.95 -17.13 -23.44
C TYR A 1251 33.54 -18.38 -22.69
N ASN A 1252 34.00 -19.53 -23.17
CA ASN A 1252 33.57 -20.90 -22.85
C ASN A 1252 32.30 -21.20 -23.67
N ASN A 1253 31.77 -20.23 -24.42
CA ASN A 1253 30.87 -20.51 -25.53
C ASN A 1253 29.51 -21.03 -25.05
N PHE A 1254 29.01 -20.47 -23.95
CA PHE A 1254 27.70 -20.83 -23.39
C PHE A 1254 27.62 -22.33 -23.11
N ASP A 1255 28.72 -22.88 -22.57
CA ASP A 1255 28.71 -24.28 -22.17
C ASP A 1255 27.90 -24.51 -20.90
N GLY A 1256 27.73 -23.47 -20.07
CA GLY A 1256 26.96 -23.61 -18.85
C GLY A 1256 27.80 -23.81 -17.62
N SER A 1257 28.85 -23.00 -17.46
CA SER A 1257 29.77 -23.09 -16.34
C SER A 1257 29.54 -21.94 -15.39
N TYR A 1258 29.47 -22.25 -14.10
CA TYR A 1258 29.35 -21.22 -13.07
C TYR A 1258 30.57 -20.30 -13.12
N LEU A 1259 30.33 -19.00 -13.00
CA LEU A 1259 31.42 -18.07 -12.82
C LEU A 1259 31.62 -17.69 -11.36
N PHE A 1260 30.53 -17.59 -10.61
CA PHE A 1260 30.60 -17.24 -9.21
C PHE A 1260 30.61 -18.51 -8.35
N GLU A 1261 30.79 -18.32 -7.05
CA GLU A 1261 30.71 -19.44 -6.13
C GLU A 1261 29.29 -19.98 -6.08
N TYR A 1262 29.18 -21.29 -5.83
CA TYR A 1262 27.87 -21.93 -5.75
C TYR A 1262 26.99 -21.32 -4.66
N THR A 1263 27.59 -20.79 -3.60
CA THR A 1263 26.82 -20.20 -2.51
C THR A 1263 26.39 -18.77 -2.81
N TYR A 1264 27.02 -18.11 -3.79
CA TYR A 1264 26.65 -16.73 -4.08
C TYR A 1264 25.22 -16.64 -4.59
N LEU A 1265 24.83 -17.51 -5.52
CA LEU A 1265 23.52 -17.42 -6.14
C LEU A 1265 22.39 -17.56 -5.13
N THR A 1266 22.66 -18.10 -3.95
CA THR A 1266 21.67 -18.22 -2.89
C THR A 1266 21.88 -17.26 -1.73
N PHE A 1267 23.07 -16.69 -1.57
CA PHE A 1267 23.36 -15.85 -0.41
C PHE A 1267 23.42 -14.37 -0.76
N TYR A 1268 23.69 -14.01 -2.02
CA TYR A 1268 23.86 -12.62 -2.41
C TYR A 1268 22.56 -11.84 -2.27
N ASN A 1269 21.52 -12.23 -3.00
CA ASN A 1269 20.25 -11.51 -2.96
C ASN A 1269 19.58 -11.57 -1.60
N LEU A 1270 20.04 -12.44 -0.71
CA LEU A 1270 19.47 -12.57 0.62
C LEU A 1270 20.23 -11.79 1.69
N ALA A 1271 21.50 -11.47 1.46
CA ALA A 1271 22.23 -10.72 2.49
C ALA A 1271 22.93 -9.45 2.02
N PHE A 1272 23.49 -9.40 0.81
CA PHE A 1272 24.39 -8.32 0.44
C PHE A 1272 23.65 -7.07 -0.02
N THR A 1273 22.85 -7.19 -1.07
CA THR A 1273 22.19 -6.06 -1.69
C THR A 1273 20.70 -5.99 -1.40
N SER A 1274 20.22 -6.71 -0.38
CA SER A 1274 18.82 -6.66 -0.01
C SER A 1274 18.50 -5.54 0.97
N VAL A 1275 19.36 -5.36 1.98
CA VAL A 1275 19.06 -4.40 3.05
C VAL A 1275 18.89 -2.98 2.53
N PRO A 1276 19.80 -2.42 1.72
CA PRO A 1276 19.62 -1.02 1.30
C PRO A 1276 18.33 -0.76 0.55
N VAL A 1277 17.93 -1.67 -0.35
CA VAL A 1277 16.71 -1.45 -1.12
C VAL A 1277 15.49 -1.47 -0.19
N ILE A 1278 15.45 -2.43 0.74
CA ILE A 1278 14.33 -2.50 1.67
C ILE A 1278 14.27 -1.24 2.52
N LEU A 1279 15.41 -0.77 3.00
CA LEU A 1279 15.41 0.43 3.84
C LEU A 1279 14.98 1.66 3.05
N LEU A 1280 15.44 1.79 1.80
CA LEU A 1280 14.98 2.90 0.97
C LEU A 1280 13.49 2.83 0.75
N ALA A 1281 12.95 1.62 0.56
CA ALA A 1281 11.52 1.48 0.37
C ALA A 1281 10.73 1.85 1.62
N VAL A 1282 11.25 1.50 2.80
CA VAL A 1282 10.45 1.64 4.01
C VAL A 1282 10.63 3.03 4.65
N LEU A 1283 11.87 3.39 5.01
CA LEU A 1283 12.10 4.64 5.75
C LEU A 1283 12.41 5.82 4.85
N ASP A 1284 11.89 5.84 3.62
CA ASP A 1284 12.07 7.02 2.78
C ASP A 1284 11.15 8.14 3.23
N GLN A 1285 11.68 9.36 3.22
CA GLN A 1285 10.89 10.58 3.45
C GLN A 1285 11.15 11.50 2.27
N ASP A 1286 10.24 11.50 1.30
CA ASP A 1286 10.37 12.38 0.14
C ASP A 1286 10.46 13.84 0.58
N VAL A 1287 9.52 14.27 1.41
CA VAL A 1287 9.52 15.61 1.99
C VAL A 1287 9.01 15.49 3.42
N SER A 1288 9.12 16.59 4.16
CA SER A 1288 8.57 16.63 5.51
C SER A 1288 7.05 16.56 5.46
N ASP A 1289 6.47 16.00 6.52
CA ASP A 1289 5.01 15.89 6.58
C ASP A 1289 4.37 17.27 6.57
N THR A 1290 4.94 18.22 7.33
CA THR A 1290 4.38 19.56 7.38
C THR A 1290 4.42 20.22 6.02
N VAL A 1291 5.55 20.12 5.32
CA VAL A 1291 5.65 20.77 4.01
C VAL A 1291 4.75 20.08 3.00
N SER A 1292 4.59 18.75 3.08
CA SER A 1292 3.69 18.07 2.17
C SER A 1292 2.25 18.50 2.39
N MET A 1293 1.84 18.65 3.65
CA MET A 1293 0.50 19.15 3.93
C MET A 1293 0.33 20.59 3.48
N LEU A 1294 1.36 21.42 3.64
CA LEU A 1294 1.27 22.81 3.22
C LEU A 1294 1.14 22.93 1.70
N VAL A 1295 1.88 22.10 0.95
CA VAL A 1295 1.77 22.11 -0.50
C VAL A 1295 1.42 20.71 -1.01
N PRO A 1296 0.14 20.36 -1.02
CA PRO A 1296 -0.28 19.03 -1.51
C PRO A 1296 -0.32 18.88 -3.01
N GLN A 1297 0.03 19.91 -3.79
CA GLN A 1297 0.05 19.78 -5.24
C GLN A 1297 1.05 18.72 -5.69
N LEU A 1298 2.01 18.35 -4.84
CA LEU A 1298 2.90 17.25 -5.17
C LEU A 1298 2.13 15.98 -5.49
N TYR A 1299 0.97 15.80 -4.84
CA TYR A 1299 0.14 14.63 -5.10
C TYR A 1299 -0.24 14.50 -6.57
N ARG A 1300 -0.13 15.58 -7.33
CA ARG A 1300 -0.42 15.50 -8.76
C ARG A 1300 0.42 14.42 -9.44
N VAL A 1301 1.64 14.17 -8.93
CA VAL A 1301 2.45 13.13 -9.56
C VAL A 1301 1.77 11.77 -9.41
N GLY A 1302 1.24 11.48 -8.22
CA GLY A 1302 0.48 10.26 -8.06
C GLY A 1302 -0.80 10.29 -8.87
N ILE A 1303 -1.36 11.48 -9.05
CA ILE A 1303 -2.59 11.59 -9.83
C ILE A 1303 -2.34 11.22 -11.28
N LEU A 1304 -1.24 11.68 -11.84
CA LEU A 1304 -0.93 11.49 -13.25
C LEU A 1304 -0.10 10.24 -13.51
N ARG A 1305 0.31 9.52 -12.47
CA ARG A 1305 0.94 8.20 -12.56
C ARG A 1305 2.15 8.18 -13.49
N LYS A 1306 2.80 9.34 -13.68
CA LYS A 1306 3.99 9.39 -14.52
C LYS A 1306 5.24 8.90 -13.80
N GLU A 1307 5.17 8.73 -12.48
CA GLU A 1307 6.36 8.31 -11.72
C GLU A 1307 6.81 6.92 -12.12
N TRP A 1308 5.89 5.98 -12.23
CA TRP A 1308 6.21 4.59 -12.52
C TRP A 1308 5.41 4.11 -13.73
N ASN A 1309 6.12 3.59 -14.73
CA ASN A 1309 5.49 3.12 -15.96
C ASN A 1309 6.48 2.29 -16.78
N GLN A 1310 6.00 1.84 -17.94
CA GLN A 1310 6.80 0.97 -18.79
C GLN A 1310 8.01 1.68 -19.36
N THR A 1311 7.89 2.97 -19.68
CA THR A 1311 9.04 3.73 -20.18
C THR A 1311 10.14 3.80 -19.10
N LYS A 1312 9.73 4.07 -17.86
CA LYS A 1312 10.68 4.10 -16.75
C LYS A 1312 11.32 2.73 -16.58
N PHE A 1313 10.53 1.67 -16.70
CA PHE A 1313 11.08 0.32 -16.62
C PHE A 1313 12.12 0.07 -17.71
N LEU A 1314 11.81 0.45 -18.94
CA LEU A 1314 12.75 0.24 -20.03
C LEU A 1314 14.02 1.03 -19.82
N TRP A 1315 13.91 2.25 -19.30
CA TRP A 1315 15.09 3.05 -19.02
C TRP A 1315 16.00 2.36 -18.00
N TYR A 1316 15.42 1.90 -16.89
CA TYR A 1316 16.25 1.18 -15.91
C TYR A 1316 16.77 -0.14 -16.45
N MET A 1317 16.02 -0.82 -17.30
CA MET A 1317 16.53 -2.08 -17.85
C MET A 1317 17.73 -1.84 -18.75
N LEU A 1318 17.67 -0.79 -19.58
CA LEU A 1318 18.82 -0.42 -20.39
C LEU A 1318 20.00 0.00 -19.53
N ASP A 1319 19.72 0.76 -18.46
CA ASP A 1319 20.79 1.16 -17.55
C ASP A 1319 21.46 -0.05 -16.90
N GLY A 1320 20.66 -1.03 -16.49
CA GLY A 1320 21.22 -2.24 -15.91
C GLY A 1320 22.03 -3.05 -16.91
N VAL A 1321 21.56 -3.12 -18.15
CA VAL A 1321 22.32 -3.81 -19.19
C VAL A 1321 23.67 -3.14 -19.38
N TYR A 1322 23.67 -1.80 -19.47
CA TYR A 1322 24.93 -1.05 -19.60
C TYR A 1322 25.83 -1.27 -18.40
N GLN A 1323 25.25 -1.28 -17.20
CA GLN A 1323 26.02 -1.49 -15.99
C GLN A 1323 26.69 -2.85 -16.00
N SER A 1324 25.95 -3.89 -16.37
CA SER A 1324 26.51 -5.24 -16.40
C SER A 1324 27.58 -5.37 -17.47
N VAL A 1325 27.37 -4.73 -18.63
CA VAL A 1325 28.38 -4.73 -19.67
C VAL A 1325 29.69 -4.19 -19.12
N ILE A 1326 29.62 -3.04 -18.44
CA ILE A 1326 30.84 -2.45 -17.87
C ILE A 1326 31.43 -3.37 -16.81
N CYS A 1327 30.58 -3.85 -15.90
CA CYS A 1327 31.05 -4.61 -14.74
C CYS A 1327 31.74 -5.89 -15.16
N PHE A 1328 31.35 -6.46 -16.30
CA PHE A 1328 32.13 -7.56 -16.82
C PHE A 1328 33.36 -7.11 -17.60
N PHE A 1329 33.20 -6.19 -18.55
CA PHE A 1329 34.27 -5.93 -19.50
C PHE A 1329 35.48 -5.29 -18.82
N PHE A 1330 35.30 -4.73 -17.61
CA PHE A 1330 36.44 -4.07 -16.98
C PHE A 1330 37.46 -5.06 -16.43
N PRO A 1331 37.13 -5.96 -15.51
CA PRO A 1331 38.15 -6.92 -15.06
C PRO A 1331 38.65 -7.82 -16.16
N TYR A 1332 37.79 -8.19 -17.11
CA TYR A 1332 38.23 -9.04 -18.21
C TYR A 1332 39.29 -8.34 -19.04
N LEU A 1333 39.06 -7.08 -19.40
CA LEU A 1333 40.05 -6.35 -20.20
C LEU A 1333 41.29 -6.04 -19.38
N ALA A 1334 41.15 -5.86 -18.07
CA ALA A 1334 42.32 -5.69 -17.22
C ALA A 1334 43.19 -6.94 -17.22
N TYR A 1335 42.56 -8.12 -17.20
CA TYR A 1335 43.32 -9.37 -17.26
C TYR A 1335 43.89 -9.66 -18.64
N HIS A 1336 43.18 -9.29 -19.71
CA HIS A 1336 43.38 -9.89 -21.03
C HIS A 1336 44.82 -9.84 -21.53
N LYS A 1337 45.60 -8.84 -21.10
CA LYS A 1337 46.96 -8.73 -21.62
C LYS A 1337 47.86 -9.85 -21.08
N ASN A 1338 47.78 -10.13 -19.79
CA ASN A 1338 48.80 -10.96 -19.15
C ASN A 1338 48.28 -12.08 -18.26
N MET A 1339 47.02 -12.04 -17.80
CA MET A 1339 46.47 -13.02 -16.87
C MET A 1339 47.19 -13.03 -15.52
N VAL A 1340 48.12 -12.12 -15.30
CA VAL A 1340 49.02 -12.21 -14.16
C VAL A 1340 49.06 -10.87 -13.43
N VAL A 1341 47.97 -10.11 -13.49
CA VAL A 1341 47.96 -8.79 -12.86
C VAL A 1341 47.63 -8.94 -11.38
N THR A 1342 48.64 -9.30 -10.59
CA THR A 1342 48.45 -9.50 -9.17
C THR A 1342 49.66 -9.10 -8.31
N GLU A 1343 50.65 -8.42 -8.88
CA GLU A 1343 51.75 -7.82 -8.11
C GLU A 1343 52.69 -8.88 -7.55
N ASN A 1344 52.32 -10.15 -7.65
CA ASN A 1344 53.18 -11.23 -7.18
C ASN A 1344 53.15 -12.47 -8.04
N GLY A 1345 52.41 -12.47 -9.14
CA GLY A 1345 52.18 -13.69 -9.89
C GLY A 1345 51.56 -14.75 -8.99
N LEU A 1346 52.30 -15.84 -8.78
CA LEU A 1346 52.06 -16.76 -7.68
C LEU A 1346 50.76 -17.55 -7.84
N GLY A 1347 49.92 -17.19 -8.81
CA GLY A 1347 48.74 -17.98 -9.13
C GLY A 1347 47.39 -17.33 -8.99
N LEU A 1348 46.74 -17.08 -10.12
CA LEU A 1348 45.36 -16.60 -10.24
C LEU A 1348 44.78 -17.15 -11.54
N ASP A 1349 43.82 -16.42 -12.10
CA ASP A 1349 43.19 -16.83 -13.34
C ASP A 1349 41.97 -17.70 -13.11
N HIS A 1350 41.80 -18.21 -11.88
CA HIS A 1350 40.66 -19.06 -11.58
C HIS A 1350 39.37 -18.29 -11.81
N ARG A 1351 38.35 -19.00 -12.31
CA ARG A 1351 37.09 -18.36 -12.63
C ARG A 1351 36.44 -17.72 -11.41
N TYR A 1352 36.60 -18.35 -10.24
CA TYR A 1352 35.93 -17.85 -9.05
C TYR A 1352 36.49 -16.51 -8.60
N PHE A 1353 37.76 -16.24 -8.85
CA PHE A 1353 38.33 -14.98 -8.39
C PHE A 1353 37.85 -13.82 -9.26
N VAL A 1354 37.80 -14.01 -10.58
CA VAL A 1354 37.21 -12.95 -11.40
C VAL A 1354 35.73 -12.81 -11.07
N GLY A 1355 35.05 -13.91 -10.75
CA GLY A 1355 33.67 -13.80 -10.33
C GLY A 1355 33.49 -12.99 -9.07
N VAL A 1356 34.35 -13.23 -8.07
CA VAL A 1356 34.20 -12.50 -6.81
C VAL A 1356 34.54 -11.02 -7.02
N PHE A 1357 35.53 -10.72 -7.86
CA PHE A 1357 35.82 -9.33 -8.20
C PHE A 1357 34.59 -8.65 -8.81
N VAL A 1358 33.99 -9.29 -9.81
CA VAL A 1358 32.87 -8.64 -10.48
C VAL A 1358 31.66 -8.56 -9.56
N THR A 1359 31.45 -9.55 -8.68
CA THR A 1359 30.33 -9.47 -7.75
C THR A 1359 30.53 -8.36 -6.73
N ALA A 1360 31.76 -8.17 -6.24
CA ALA A 1360 32.02 -7.06 -5.35
C ALA A 1360 31.79 -5.73 -6.04
N ILE A 1361 32.23 -5.62 -7.30
CA ILE A 1361 31.97 -4.40 -8.06
C ILE A 1361 30.47 -4.16 -8.17
N ALA A 1362 29.72 -5.20 -8.50
CA ALA A 1362 28.28 -5.07 -8.69
C ALA A 1362 27.58 -4.66 -7.39
N VAL A 1363 27.96 -5.27 -6.28
CA VAL A 1363 27.28 -4.99 -5.02
C VAL A 1363 27.61 -3.58 -4.54
N THR A 1364 28.86 -3.14 -4.69
CA THR A 1364 29.17 -1.77 -4.27
C THR A 1364 28.52 -0.76 -5.20
N SER A 1365 28.42 -1.05 -6.50
CA SER A 1365 27.70 -0.15 -7.40
C SER A 1365 26.24 -0.05 -7.01
N CYS A 1366 25.60 -1.18 -6.71
CA CYS A 1366 24.19 -1.17 -6.32
C CYS A 1366 23.99 -0.39 -5.03
N ASN A 1367 24.87 -0.60 -4.04
CA ASN A 1367 24.73 0.13 -2.78
C ASN A 1367 24.89 1.63 -2.97
N PHE A 1368 25.91 2.05 -3.73
CA PHE A 1368 26.08 3.47 -4.00
C PHE A 1368 24.91 4.04 -4.78
N TYR A 1369 24.36 3.27 -5.73
CA TYR A 1369 23.25 3.76 -6.52
C TYR A 1369 22.00 3.94 -5.66
N VAL A 1370 21.75 2.99 -4.75
CA VAL A 1370 20.65 3.13 -3.80
C VAL A 1370 20.85 4.35 -2.92
N PHE A 1371 22.08 4.55 -2.42
CA PHE A 1371 22.33 5.70 -1.57
C PHE A 1371 22.09 7.00 -2.32
N MET A 1372 22.54 7.07 -3.57
CA MET A 1372 22.35 8.28 -4.36
C MET A 1372 20.87 8.53 -4.65
N GLU A 1373 20.12 7.48 -4.96
CA GLU A 1373 18.69 7.66 -5.24
C GLU A 1373 17.87 7.94 -3.99
N GLN A 1374 18.37 7.58 -2.80
CA GLN A 1374 17.64 7.86 -1.58
C GLN A 1374 17.49 9.36 -1.38
N TYR A 1375 16.27 9.79 -1.07
CA TYR A 1375 15.98 11.21 -0.87
C TYR A 1375 16.26 11.67 0.55
N ARG A 1376 16.52 10.76 1.49
CA ARG A 1376 16.74 11.12 2.89
C ARG A 1376 17.97 10.38 3.38
N TRP A 1377 19.12 11.07 3.39
CA TRP A 1377 20.37 10.50 3.87
C TRP A 1377 20.44 10.74 5.37
N ASP A 1378 20.15 9.70 6.15
CA ASP A 1378 20.16 9.79 7.60
C ASP A 1378 21.28 8.91 8.17
N TRP A 1379 21.36 8.84 9.49
CA TRP A 1379 22.30 7.97 10.18
C TRP A 1379 21.83 6.53 10.25
N PHE A 1380 20.80 6.18 9.47
CA PHE A 1380 20.16 4.87 9.57
C PHE A 1380 20.29 4.07 8.29
N CYS A 1381 19.83 4.62 7.17
CA CYS A 1381 20.00 3.94 5.88
C CYS A 1381 21.47 3.82 5.52
N GLY A 1382 22.23 4.91 5.70
CA GLY A 1382 23.66 4.84 5.46
C GLY A 1382 24.36 3.87 6.39
N LEU A 1383 23.92 3.80 7.64
CA LEU A 1383 24.51 2.85 8.58
C LEU A 1383 24.29 1.42 8.10
N PHE A 1384 23.08 1.08 7.67
CA PHE A 1384 22.86 -0.25 7.14
C PHE A 1384 23.63 -0.50 5.84
N ILE A 1385 23.79 0.50 4.99
CA ILE A 1385 24.57 0.30 3.76
C ILE A 1385 26.02 -0.02 4.11
N CYS A 1386 26.58 0.74 5.05
CA CYS A 1386 27.95 0.49 5.47
C CYS A 1386 28.09 -0.89 6.11
N LEU A 1387 27.14 -1.27 6.96
CA LEU A 1387 27.20 -2.59 7.58
C LEU A 1387 26.99 -3.71 6.58
N SER A 1388 26.18 -3.48 5.53
CA SER A 1388 26.02 -4.50 4.50
C SER A 1388 27.32 -4.72 3.74
N LEU A 1389 28.01 -3.63 3.40
CA LEU A 1389 29.32 -3.77 2.75
C LEU A 1389 30.31 -4.47 3.68
N ALA A 1390 30.29 -4.10 4.97
CA ALA A 1390 31.18 -4.72 5.93
C ALA A 1390 30.90 -6.20 6.08
N VAL A 1391 29.62 -6.59 6.12
CA VAL A 1391 29.28 -7.99 6.29
C VAL A 1391 29.60 -8.77 5.02
N PHE A 1392 29.45 -8.17 3.84
CA PHE A 1392 29.95 -8.80 2.62
C PHE A 1392 31.42 -9.16 2.75
N TYR A 1393 32.24 -8.17 3.13
CA TYR A 1393 33.67 -8.42 3.24
C TYR A 1393 33.96 -9.46 4.31
N GLY A 1394 33.30 -9.34 5.46
CA GLY A 1394 33.56 -10.25 6.57
C GLY A 1394 33.14 -11.68 6.29
N TRP A 1395 31.97 -11.86 5.66
CA TRP A 1395 31.54 -13.20 5.32
C TRP A 1395 32.46 -13.82 4.29
N THR A 1396 32.88 -13.06 3.28
CA THR A 1396 33.83 -13.61 2.31
C THR A 1396 35.11 -14.06 3.00
N GLY A 1397 35.63 -13.22 3.90
CA GLY A 1397 36.84 -13.57 4.61
C GLY A 1397 36.68 -14.80 5.48
N ILE A 1398 35.58 -14.86 6.23
CA ILE A 1398 35.38 -15.95 7.18
C ILE A 1398 35.01 -17.25 6.48
N TRP A 1399 34.42 -17.18 5.28
CA TRP A 1399 34.17 -18.39 4.52
C TRP A 1399 35.42 -18.91 3.84
N THR A 1400 36.30 -18.02 3.36
CA THR A 1400 37.53 -18.51 2.76
C THR A 1400 38.58 -18.92 3.79
N SER A 1401 38.51 -18.39 5.02
CA SER A 1401 39.44 -18.78 6.06
C SER A 1401 38.83 -19.87 6.95
N SER A 1402 38.48 -20.98 6.32
CA SER A 1402 37.86 -22.10 7.02
C SER A 1402 38.17 -23.39 6.29
N SER A 1403 37.97 -24.52 6.98
CA SER A 1403 38.15 -25.81 6.35
C SER A 1403 37.14 -26.03 5.23
N SER A 1404 35.90 -25.59 5.42
CA SER A 1404 34.86 -25.74 4.41
C SER A 1404 34.94 -24.61 3.37
N SER A 1405 36.11 -24.44 2.79
CA SER A 1405 36.36 -23.46 1.74
C SER A 1405 37.02 -24.14 0.56
N ASN A 1406 36.44 -25.28 0.15
CA ASN A 1406 37.09 -26.30 -0.67
C ASN A 1406 37.90 -25.72 -1.83
N GLU A 1407 37.30 -24.83 -2.62
CA GLU A 1407 38.01 -24.30 -3.78
C GLU A 1407 38.98 -23.19 -3.37
N PHE A 1408 38.45 -22.11 -2.80
CA PHE A 1408 39.27 -20.95 -2.50
C PHE A 1408 40.35 -21.23 -1.47
N TYR A 1409 39.92 -21.43 -0.23
CA TYR A 1409 40.80 -21.53 0.93
C TYR A 1409 41.62 -20.25 1.17
N LYS A 1410 41.58 -19.29 0.23
CA LYS A 1410 42.48 -18.14 0.35
C LYS A 1410 41.87 -16.82 -0.12
N GLY A 1411 40.55 -16.75 -0.29
CA GLY A 1411 39.90 -15.61 -0.93
C GLY A 1411 40.28 -14.24 -0.40
N ALA A 1412 40.36 -14.09 0.92
CA ALA A 1412 40.70 -12.80 1.49
C ALA A 1412 42.07 -12.34 1.05
N ALA A 1413 43.08 -13.20 1.19
CA ALA A 1413 44.44 -12.84 0.77
C ALA A 1413 44.53 -12.66 -0.74
N ARG A 1414 43.78 -13.43 -1.51
CA ARG A 1414 43.82 -13.29 -2.96
C ARG A 1414 43.11 -12.04 -3.47
N VAL A 1415 42.13 -11.52 -2.73
CA VAL A 1415 41.34 -10.38 -3.19
C VAL A 1415 41.80 -9.07 -2.57
N PHE A 1416 41.74 -8.97 -1.23
CA PHE A 1416 41.83 -7.67 -0.59
C PHE A 1416 43.25 -7.19 -0.35
N ALA A 1417 44.26 -7.96 -0.75
CA ALA A 1417 45.65 -7.57 -0.58
C ALA A 1417 46.26 -7.01 -1.86
N GLN A 1418 45.45 -6.62 -2.83
CA GLN A 1418 45.96 -6.33 -4.15
C GLN A 1418 45.51 -4.95 -4.61
N PRO A 1419 46.44 -4.02 -4.85
CA PRO A 1419 46.03 -2.68 -5.30
C PRO A 1419 45.30 -2.66 -6.63
N ALA A 1420 45.54 -3.65 -7.50
CA ALA A 1420 44.78 -3.73 -8.74
C ALA A 1420 43.30 -3.93 -8.48
N TYR A 1421 42.97 -4.70 -7.45
CA TYR A 1421 41.57 -4.90 -7.09
C TYR A 1421 40.92 -3.59 -6.67
N TRP A 1422 41.61 -2.81 -5.84
CA TRP A 1422 41.06 -1.51 -5.44
C TRP A 1422 40.92 -0.58 -6.64
N ALA A 1423 41.91 -0.59 -7.54
CA ALA A 1423 41.84 0.27 -8.71
C ALA A 1423 40.64 -0.08 -9.60
N VAL A 1424 40.43 -1.39 -9.83
CA VAL A 1424 39.32 -1.81 -10.67
C VAL A 1424 37.99 -1.50 -9.97
N LEU A 1425 37.94 -1.66 -8.65
CA LEU A 1425 36.72 -1.32 -7.91
C LEU A 1425 36.41 0.17 -8.06
N PHE A 1426 37.43 1.02 -7.93
CA PHE A 1426 37.20 2.46 -8.04
C PHE A 1426 36.76 2.85 -9.45
N VAL A 1427 37.35 2.25 -10.48
CA VAL A 1427 36.96 2.64 -11.83
C VAL A 1427 35.57 2.12 -12.15
N GLY A 1428 35.20 0.96 -11.61
CA GLY A 1428 33.83 0.50 -11.75
C GLY A 1428 32.84 1.39 -11.03
N VAL A 1429 33.22 1.88 -9.85
CA VAL A 1429 32.37 2.84 -9.14
C VAL A 1429 32.17 4.09 -9.98
N LEU A 1430 33.26 4.58 -10.57
CA LEU A 1430 33.17 5.73 -11.47
C LEU A 1430 32.17 5.48 -12.59
N PHE A 1431 32.33 4.37 -13.29
CA PHE A 1431 31.50 4.15 -14.47
C PHE A 1431 30.11 3.64 -14.13
N CYS A 1432 29.84 3.28 -12.88
CA CYS A 1432 28.47 3.02 -12.48
C CYS A 1432 27.76 4.27 -11.97
N LEU A 1433 28.50 5.22 -11.39
CA LEU A 1433 27.86 6.43 -10.87
C LEU A 1433 27.72 7.54 -11.90
N LEU A 1434 28.75 7.80 -12.72
CA LEU A 1434 28.70 8.97 -13.59
C LEU A 1434 27.53 8.96 -14.59
N PRO A 1435 27.20 7.82 -15.27
CA PRO A 1435 26.19 7.91 -16.34
C PRO A 1435 24.82 8.34 -15.84
N ARG A 1436 24.28 7.60 -14.86
CA ARG A 1436 22.96 7.94 -14.34
C ARG A 1436 22.97 9.29 -13.66
N PHE A 1437 24.07 9.62 -12.96
CA PHE A 1437 24.16 10.91 -12.29
C PHE A 1437 24.06 12.05 -13.29
N THR A 1438 24.81 11.97 -14.39
CA THR A 1438 24.77 13.05 -15.37
C THR A 1438 23.45 13.08 -16.13
N ILE A 1439 22.83 11.91 -16.37
CA ILE A 1439 21.52 11.91 -17.01
C ILE A 1439 20.50 12.60 -16.11
N ASP A 1440 20.52 12.31 -14.81
CA ASP A 1440 19.60 12.96 -13.89
C ASP A 1440 19.86 14.45 -13.79
N CYS A 1441 21.14 14.85 -13.79
CA CYS A 1441 21.48 16.27 -13.74
C CYS A 1441 20.97 16.99 -14.99
N ILE A 1442 21.12 16.37 -16.15
CA ILE A 1442 20.60 16.96 -17.39
C ILE A 1442 19.08 17.05 -17.34
N ARG A 1443 18.42 15.99 -16.87
CA ARG A 1443 16.96 15.97 -16.82
C ARG A 1443 16.42 17.03 -15.87
N LYS A 1444 17.14 17.29 -14.78
CA LYS A 1444 16.71 18.30 -13.81
C LYS A 1444 16.51 19.66 -14.47
N ILE A 1445 17.28 19.97 -15.52
CA ILE A 1445 17.15 21.24 -16.21
C ILE A 1445 16.23 21.08 -17.41
N PHE A 1446 16.25 19.90 -18.02
CA PHE A 1446 15.45 19.69 -19.23
C PHE A 1446 13.95 19.70 -18.90
N TYR A 1447 13.52 18.79 -18.02
CA TYR A 1447 12.13 18.72 -17.57
C TYR A 1447 12.14 18.74 -16.04
N PRO A 1448 12.30 19.93 -15.43
CA PRO A 1448 12.36 19.99 -13.97
C PRO A 1448 11.07 19.56 -13.30
N LYS A 1449 11.11 18.43 -12.61
CA LYS A 1449 9.95 17.97 -11.86
C LYS A 1449 9.72 18.85 -10.65
N ASP A 1450 8.45 19.04 -10.27
CA ASP A 1450 8.12 19.98 -9.21
C ASP A 1450 8.76 19.59 -7.87
N ILE A 1451 9.18 18.33 -7.72
CA ILE A 1451 9.70 17.86 -6.45
C ILE A 1451 10.97 18.60 -6.08
N GLU A 1452 11.91 18.73 -7.02
CA GLU A 1452 13.17 19.37 -6.68
C GLU A 1452 12.99 20.87 -6.48
N ILE A 1453 12.07 21.51 -7.23
CA ILE A 1453 11.81 22.92 -6.99
C ILE A 1453 11.24 23.14 -5.60
N VAL A 1454 10.27 22.32 -5.18
CA VAL A 1454 9.73 22.51 -3.83
C VAL A 1454 10.77 22.18 -2.78
N ARG A 1455 11.64 21.20 -3.03
CA ARG A 1455 12.71 20.91 -2.08
C ARG A 1455 13.68 22.08 -1.95
N GLU A 1456 14.01 22.72 -3.08
CA GLU A 1456 14.91 23.87 -3.04
C GLU A 1456 14.25 25.02 -2.29
N MET A 1457 12.96 25.28 -2.54
CA MET A 1457 12.26 26.31 -1.81
C MET A 1457 12.22 26.02 -0.31
N TRP A 1458 11.99 24.75 0.06
CA TRP A 1458 12.00 24.37 1.46
C TRP A 1458 13.36 24.60 2.11
N LEU A 1459 14.44 24.22 1.42
CA LEU A 1459 15.76 24.35 2.02
C LEU A 1459 16.25 25.79 2.02
N ARG A 1460 15.74 26.63 1.11
CA ARG A 1460 16.16 28.04 1.08
C ARG A 1460 15.73 28.78 2.34
N GLY A 1461 14.69 28.29 3.00
CA GLY A 1461 14.22 28.92 4.22
C GLY A 1461 12.76 29.38 4.22
N ASP A 1462 12.07 29.16 3.11
CA ASP A 1462 10.67 29.55 3.00
C ASP A 1462 9.84 28.95 4.13
N PHE A 1463 10.00 27.65 4.34
CA PHE A 1463 9.28 26.92 5.38
C PHE A 1463 10.21 26.63 6.57
N ASP A 1464 10.77 27.70 7.13
CA ASP A 1464 11.68 27.57 8.26
C ASP A 1464 11.01 27.81 9.60
N LEU A 1465 10.23 28.89 9.74
CA LEU A 1465 9.55 29.16 11.00
C LEU A 1465 8.42 28.17 11.26
N TYR A 1466 7.97 27.46 10.23
CA TYR A 1466 6.89 26.50 10.41
C TYR A 1466 7.41 25.28 11.16
N PRO A 1467 6.79 24.91 12.27
CA PRO A 1467 7.26 23.75 13.05
C PRO A 1467 6.83 22.45 12.38
N GLN A 1468 7.45 21.36 12.83
CA GLN A 1468 7.11 20.04 12.30
C GLN A 1468 5.71 19.63 12.72
N GLY A 1469 5.28 20.02 13.91
CA GLY A 1469 3.95 19.69 14.41
C GLY A 1469 2.88 20.61 13.87
N TYR A 1470 2.48 20.40 12.61
CA TYR A 1470 1.47 21.24 11.99
C TYR A 1470 0.12 21.08 12.69
N ASP A 1471 -0.59 22.19 12.84
CA ASP A 1471 -1.91 22.20 13.47
C ASP A 1471 -2.87 23.07 12.65
N PRO A 1472 -3.98 22.50 12.17
CA PRO A 1472 -4.95 23.32 11.41
C PRO A 1472 -5.54 24.45 12.22
N THR A 1473 -5.56 24.35 13.56
CA THR A 1473 -6.14 25.37 14.42
C THR A 1473 -5.16 26.49 14.76
N ASP A 1474 -4.09 26.67 13.98
CA ASP A 1474 -3.11 27.70 14.26
C ASP A 1474 -2.89 28.57 13.02
N PRO A 1475 -3.80 29.50 12.73
CA PRO A 1475 -3.64 30.35 11.54
C PRO A 1475 -2.84 31.61 11.81
N SER A 1476 -2.14 31.66 12.95
CA SER A 1476 -1.45 32.86 13.40
C SER A 1476 0.05 32.77 13.14
N ARG A 1477 0.43 32.19 12.00
CA ARG A 1477 1.86 32.13 11.67
C ARG A 1477 2.35 33.49 11.20
N PRO A 1478 3.44 34.01 11.77
CA PRO A 1478 3.96 35.30 11.32
C PRO A 1478 4.69 35.21 9.99
N ARG A 1479 3.94 35.28 8.88
CA ARG A 1479 4.57 35.22 7.57
C ARG A 1479 5.53 36.40 7.36
N ILE A 1480 5.10 37.59 7.77
CA ILE A 1480 5.93 38.78 7.65
C ILE A 1480 5.45 39.85 8.62
N ASP B 41 -33.33 -6.26 39.46
CA ASP B 41 -33.11 -4.94 38.89
C ASP B 41 -32.05 -5.00 37.79
N GLU B 42 -32.17 -4.10 36.81
CA GLU B 42 -31.22 -4.03 35.71
C GLU B 42 -30.03 -3.16 36.08
N VAL B 43 -28.96 -3.28 35.30
CA VAL B 43 -27.75 -2.51 35.53
C VAL B 43 -27.34 -1.74 34.28
N LYS B 44 -27.72 -2.26 33.12
CA LYS B 44 -27.38 -1.62 31.85
C LYS B 44 -28.65 -1.17 31.11
N ASN B 50 -4.27 2.38 29.01
CA ASN B 50 -4.84 2.77 27.73
C ASN B 50 -4.08 2.13 26.57
N ARG B 51 -4.13 2.76 25.39
CA ARG B 51 -3.46 2.27 24.20
C ARG B 51 -2.72 3.39 23.51
N ARG B 52 -1.98 4.17 24.29
CA ARG B 52 -1.17 5.25 23.73
C ARG B 52 -0.01 4.68 22.93
N PRO B 53 0.17 5.09 21.67
CA PRO B 53 1.30 4.59 20.89
C PRO B 53 2.63 5.12 21.43
N LYS B 54 3.69 4.39 21.10
CA LYS B 54 5.03 4.74 21.57
C LYS B 54 5.49 6.03 20.91
N GLU B 55 6.02 6.95 21.71
CA GLU B 55 6.50 8.24 21.23
C GLU B 55 8.02 8.27 21.37
N ASP B 56 8.71 7.82 20.32
CA ASP B 56 10.16 7.87 20.24
C ASP B 56 10.57 8.52 18.92
N ALA B 57 11.84 8.90 18.83
CA ALA B 57 12.34 9.50 17.59
C ALA B 57 12.25 8.53 16.42
N PHE B 58 12.60 7.26 16.62
CA PHE B 58 12.52 6.28 15.55
C PHE B 58 11.08 5.86 15.27
N THR B 59 10.24 5.78 16.30
CA THR B 59 8.85 5.38 16.09
C THR B 59 8.10 6.41 15.25
N GLN B 60 8.46 7.69 15.37
CA GLN B 60 7.82 8.75 14.60
C GLN B 60 8.62 9.13 13.36
N GLN B 61 9.69 8.40 13.06
CA GLN B 61 10.55 8.66 11.89
C GLN B 61 11.07 10.11 11.90
N ARG B 62 11.69 10.46 13.03
CA ARG B 62 12.24 11.79 13.25
C ARG B 62 13.76 11.72 13.41
N LEU B 63 14.41 10.90 12.60
CA LEU B 63 15.84 10.70 12.71
C LEU B 63 16.61 11.85 12.08
N ALA B 64 17.88 11.98 12.48
CA ALA B 64 18.74 13.05 11.96
C ALA B 64 19.00 12.81 10.48
N ALA B 65 18.36 13.61 9.63
CA ALA B 65 18.41 13.42 8.19
C ALA B 65 19.16 14.58 7.53
N ILE B 66 19.77 14.28 6.38
CA ILE B 66 20.46 15.27 5.57
C ILE B 66 19.97 15.06 4.14
N ASN B 67 19.08 15.94 3.68
CA ASN B 67 18.53 15.81 2.35
C ASN B 67 19.56 16.20 1.32
N PRO B 68 19.88 15.33 0.35
CA PRO B 68 20.84 15.71 -0.68
C PRO B 68 20.30 16.82 -1.56
N VAL B 69 21.20 17.67 -2.05
CA VAL B 69 20.85 18.81 -2.88
C VAL B 69 21.64 18.73 -4.18
N LEU B 70 20.93 18.77 -5.30
CA LEU B 70 21.58 18.77 -6.61
C LEU B 70 21.74 20.19 -7.17
N THR B 71 22.30 21.09 -6.34
CA THR B 71 22.55 22.40 -6.90
C THR B 71 23.95 22.50 -7.49
N PRO B 72 24.11 23.20 -8.62
CA PRO B 72 25.43 23.25 -9.26
C PRO B 72 26.51 23.82 -8.37
N ARG B 73 26.19 24.82 -7.55
CA ARG B 73 27.19 25.51 -6.75
C ARG B 73 27.83 24.61 -5.69
N THR B 74 27.24 23.45 -5.39
CA THR B 74 27.83 22.51 -4.45
C THR B 74 28.20 21.17 -5.07
N VAL B 75 27.88 20.93 -6.34
CA VAL B 75 28.22 19.68 -7.00
C VAL B 75 29.31 19.85 -8.06
N LEU B 76 29.44 21.02 -8.67
CA LEU B 76 30.55 21.24 -9.60
C LEU B 76 31.91 21.08 -8.94
N PRO B 77 32.16 21.59 -7.73
CA PRO B 77 33.45 21.29 -7.08
C PRO B 77 33.70 19.79 -6.92
N LEU B 78 32.65 19.01 -6.64
CA LEU B 78 32.83 17.57 -6.55
C LEU B 78 33.28 16.98 -7.87
N TYR B 79 32.63 17.39 -8.97
CA TYR B 79 33.05 16.94 -10.29
C TYR B 79 34.51 17.29 -10.54
N LEU B 80 34.88 18.54 -10.28
CA LEU B 80 36.24 18.98 -10.56
C LEU B 80 37.26 18.19 -9.74
N LEU B 81 37.01 18.03 -8.44
CA LEU B 81 37.98 17.35 -7.60
C LEU B 81 38.10 15.88 -7.97
N ILE B 82 36.98 15.21 -8.22
CA ILE B 82 37.03 13.81 -8.63
C ILE B 82 37.80 13.68 -9.93
N ALA B 83 37.49 14.53 -10.90
CA ALA B 83 38.14 14.46 -12.21
C ALA B 83 39.65 14.64 -12.07
N VAL B 84 40.08 15.68 -11.36
CA VAL B 84 41.51 15.97 -11.30
C VAL B 84 42.24 14.89 -10.49
N VAL B 85 41.68 14.47 -9.36
CA VAL B 85 42.35 13.47 -8.53
C VAL B 85 42.48 12.17 -9.30
N PHE B 86 41.42 11.74 -9.98
CA PHE B 86 41.51 10.45 -10.63
C PHE B 86 42.30 10.51 -11.93
N VAL B 87 42.34 11.66 -12.61
CA VAL B 87 43.20 11.76 -13.78
C VAL B 87 44.66 11.76 -13.37
N ILE B 88 45.00 12.40 -12.24
CA ILE B 88 46.41 12.38 -11.84
C ILE B 88 46.79 11.00 -11.32
N VAL B 89 45.88 10.30 -10.63
CA VAL B 89 46.24 8.95 -10.20
C VAL B 89 46.33 8.01 -11.41
N GLY B 90 45.52 8.25 -12.44
CA GLY B 90 45.67 7.48 -13.67
C GLY B 90 46.99 7.75 -14.36
N GLY B 91 47.44 9.00 -14.36
CA GLY B 91 48.76 9.31 -14.88
C GLY B 91 49.86 8.63 -14.10
N CYS B 92 49.72 8.61 -12.77
CA CYS B 92 50.69 7.90 -11.94
C CYS B 92 50.70 6.40 -12.25
N ILE B 93 49.51 5.84 -12.48
CA ILE B 93 49.41 4.43 -12.86
C ILE B 93 50.10 4.19 -14.20
N LEU B 94 49.88 5.09 -15.16
CA LEU B 94 50.56 4.96 -16.45
C LEU B 94 52.07 5.02 -16.29
N ALA B 95 52.56 5.94 -15.46
CA ALA B 95 53.99 6.05 -15.23
C ALA B 95 54.54 4.78 -14.59
N GLN B 96 53.84 4.25 -13.59
CA GLN B 96 54.28 3.03 -12.92
C GLN B 96 54.10 1.80 -13.81
N ASN B 97 53.33 1.92 -14.89
CA ASN B 97 53.06 0.81 -15.79
C ASN B 97 54.08 0.71 -16.92
N SER B 98 54.57 1.84 -17.41
CA SER B 98 55.59 1.86 -18.46
C SER B 98 56.99 1.71 -17.89
N LYS B 99 57.13 1.29 -16.63
CA LYS B 99 58.43 1.13 -15.99
C LYS B 99 58.88 -0.33 -15.96
N VAL B 100 58.15 -1.24 -16.60
CA VAL B 100 58.49 -2.66 -16.59
C VAL B 100 58.58 -3.15 -18.02
N ASP B 101 59.57 -4.02 -18.27
CA ASP B 101 59.78 -4.63 -19.57
C ASP B 101 59.30 -6.07 -19.56
N GLU B 102 58.90 -6.56 -20.73
CA GLU B 102 58.55 -7.97 -20.83
C GLU B 102 58.86 -8.48 -22.22
N VAL B 103 58.97 -9.80 -22.30
CA VAL B 103 59.26 -10.49 -23.56
C VAL B 103 58.36 -11.70 -23.68
N THR B 104 57.80 -11.92 -24.87
CA THR B 104 57.03 -13.12 -25.15
C THR B 104 57.57 -13.76 -26.42
N ILE B 105 57.74 -15.08 -26.37
CA ILE B 105 58.29 -15.86 -27.48
C ILE B 105 57.32 -17.01 -27.75
N TYR B 106 56.84 -17.09 -28.99
CA TYR B 106 55.84 -18.09 -29.34
C TYR B 106 56.51 -19.24 -30.08
N TYR B 107 56.49 -20.43 -29.48
CA TYR B 107 57.20 -21.59 -30.01
C TYR B 107 56.30 -22.81 -30.14
N GLN B 108 55.02 -22.59 -30.41
CA GLN B 108 54.09 -23.71 -30.58
C GLN B 108 54.30 -24.46 -31.88
N ASP B 109 55.14 -23.96 -32.79
CA ASP B 109 55.39 -24.61 -34.07
C ASP B 109 56.90 -24.74 -34.29
N CYS B 110 57.61 -25.23 -33.28
CA CYS B 110 59.07 -25.26 -33.35
C CYS B 110 59.59 -26.25 -34.38
N MET B 111 59.03 -27.47 -34.43
CA MET B 111 59.57 -28.49 -35.31
C MET B 111 59.37 -28.15 -36.78
N THR B 112 58.19 -27.67 -37.15
CA THR B 112 57.85 -27.46 -38.55
C THR B 112 58.55 -26.26 -39.17
N ASN B 113 59.20 -25.42 -38.37
CA ASN B 113 59.81 -24.21 -38.89
C ASN B 113 61.28 -24.05 -38.56
N ALA B 114 61.79 -24.76 -37.54
CA ALA B 114 63.20 -24.66 -37.19
C ALA B 114 64.03 -25.64 -38.01
N THR B 115 65.34 -25.42 -37.96
CA THR B 115 66.34 -26.35 -38.48
C THR B 115 67.24 -26.76 -37.32
N SER B 116 68.29 -27.52 -37.64
CA SER B 116 69.27 -27.90 -36.64
C SER B 116 70.21 -26.76 -36.26
N SER B 117 70.18 -25.66 -37.01
CA SER B 117 71.02 -24.51 -36.76
C SER B 117 70.19 -23.32 -36.31
N TRP B 118 70.87 -22.31 -35.78
CA TRP B 118 70.21 -21.13 -35.23
C TRP B 118 69.60 -20.31 -36.37
N SER B 119 68.29 -20.19 -36.38
CA SER B 119 67.57 -19.44 -37.40
C SER B 119 66.72 -18.35 -36.75
N ASP B 120 66.48 -17.29 -37.52
CA ASP B 120 65.73 -16.14 -37.02
C ASP B 120 64.29 -16.51 -36.72
N ILE B 121 63.69 -15.81 -35.76
CA ILE B 121 62.33 -16.09 -35.33
C ILE B 121 61.36 -15.35 -36.26
N PRO B 122 60.34 -16.02 -36.81
CA PRO B 122 59.34 -15.30 -37.59
C PRO B 122 58.66 -14.22 -36.77
N SER B 123 58.33 -13.11 -37.44
CA SER B 123 57.90 -11.90 -36.73
C SER B 123 56.67 -12.14 -35.87
N GLU B 124 55.79 -13.05 -36.29
CA GLU B 124 54.55 -13.31 -35.57
C GLU B 124 54.74 -14.23 -34.38
N HIS B 125 55.97 -14.43 -33.91
CA HIS B 125 56.23 -15.35 -32.81
C HIS B 125 56.98 -14.70 -31.65
N TRP B 126 57.18 -13.39 -31.68
CA TRP B 126 57.89 -12.72 -30.59
C TRP B 126 57.39 -11.30 -30.46
N GLN B 127 57.19 -10.87 -29.22
CA GLN B 127 56.82 -9.48 -28.96
C GLN B 127 57.59 -8.98 -27.74
N PHE B 128 58.26 -7.85 -27.91
CA PHE B 128 59.11 -7.25 -26.89
C PHE B 128 58.53 -5.92 -26.47
N VAL B 129 58.62 -5.61 -25.17
CA VAL B 129 58.46 -4.24 -24.71
C VAL B 129 59.60 -3.92 -23.75
N PHE B 130 60.32 -2.84 -24.04
CA PHE B 130 61.43 -2.38 -23.21
C PHE B 130 61.38 -0.86 -23.15
N HIS B 131 61.24 -0.31 -21.95
CA HIS B 131 61.14 1.14 -21.80
C HIS B 131 62.42 1.86 -22.20
N LYS B 132 63.57 1.20 -22.08
CA LYS B 132 64.83 1.83 -22.47
C LYS B 132 64.89 2.06 -23.97
N TYR B 133 64.42 1.10 -24.76
CA TYR B 133 64.53 1.16 -26.21
C TYR B 133 63.19 0.79 -26.82
N LYS B 134 62.55 1.75 -27.49
CA LYS B 134 61.27 1.51 -28.12
C LYS B 134 61.39 0.93 -29.53
N THR B 135 62.60 0.90 -30.09
CA THR B 135 62.85 0.34 -31.42
C THR B 135 63.86 -0.79 -31.34
N TYR B 136 63.76 -1.61 -30.30
CA TYR B 136 64.71 -2.69 -30.06
C TYR B 136 64.17 -4.00 -30.66
N ASN B 137 64.17 -4.04 -31.99
CA ASN B 137 63.70 -5.24 -32.69
C ASN B 137 64.57 -6.45 -32.37
N THR B 138 65.84 -6.42 -32.81
CA THR B 138 66.84 -7.41 -32.45
C THR B 138 66.32 -8.84 -32.53
N ALA B 139 65.96 -9.25 -33.74
CA ALA B 139 65.35 -10.54 -33.99
C ALA B 139 66.20 -11.67 -33.42
N PRO B 140 65.72 -12.42 -32.43
CA PRO B 140 66.52 -13.51 -31.84
C PRO B 140 66.59 -14.72 -32.75
N GLN B 141 67.21 -15.80 -32.27
CA GLN B 141 67.36 -17.02 -33.07
C GLN B 141 66.82 -18.22 -32.30
N TRP B 142 66.53 -19.29 -33.04
CA TRP B 142 65.89 -20.44 -32.43
C TRP B 142 66.12 -21.65 -33.32
N ARG B 143 66.20 -22.82 -32.69
CA ARG B 143 66.51 -24.06 -33.42
C ARG B 143 65.84 -25.22 -32.71
N PHE B 144 65.79 -26.36 -33.40
CA PHE B 144 65.17 -27.56 -32.86
C PHE B 144 66.09 -28.75 -33.08
N VAL B 145 66.15 -29.63 -32.09
CA VAL B 145 66.91 -30.87 -32.18
C VAL B 145 65.99 -32.04 -31.87
N ASP B 146 66.06 -33.07 -32.70
CA ASP B 146 65.19 -34.23 -32.55
C ASP B 146 65.85 -35.29 -31.67
N ASP B 147 65.00 -36.05 -30.98
CA ASP B 147 65.45 -37.14 -30.13
C ASP B 147 64.79 -38.43 -30.61
N GLU B 148 65.61 -39.42 -30.99
CA GLU B 148 65.09 -40.69 -31.47
C GLU B 148 64.80 -41.67 -30.34
N SER B 149 65.22 -41.37 -29.12
CA SER B 149 64.95 -42.25 -27.99
C SER B 149 63.46 -42.34 -27.67
N ASP B 150 62.68 -41.31 -28.03
CA ASP B 150 61.25 -41.28 -27.78
C ASP B 150 60.49 -41.60 -29.06
N ASP B 151 59.41 -42.36 -28.92
CA ASP B 151 58.62 -42.82 -30.05
C ASP B 151 57.36 -42.00 -30.29
N PHE B 152 57.09 -41.00 -29.45
CA PHE B 152 55.91 -40.15 -29.62
C PHE B 152 56.22 -39.12 -30.71
N THR B 153 56.00 -39.54 -31.96
CA THR B 153 56.34 -38.71 -33.11
C THR B 153 55.50 -37.44 -33.20
N LYS B 154 54.38 -37.38 -32.50
CA LYS B 154 53.55 -36.17 -32.54
C LYS B 154 54.28 -34.99 -31.90
N GLN B 155 54.90 -35.22 -30.75
CA GLN B 155 55.57 -34.16 -29.99
C GLN B 155 56.78 -34.76 -29.29
N ARG B 156 57.96 -34.61 -29.88
CA ARG B 156 59.19 -35.05 -29.27
C ARG B 156 60.34 -34.18 -29.77
N GLY B 157 61.34 -34.00 -28.92
CA GLY B 157 62.49 -33.20 -29.28
C GLY B 157 62.83 -32.13 -28.26
N THR B 158 63.58 -31.12 -28.68
CA THR B 158 63.97 -30.04 -27.80
C THR B 158 64.13 -28.76 -28.62
N CYS B 159 63.55 -27.68 -28.14
CA CYS B 159 63.57 -26.39 -28.83
C CYS B 159 64.44 -25.42 -28.04
N GLN B 160 65.43 -24.84 -28.70
CA GLN B 160 66.38 -23.93 -28.08
C GLN B 160 66.17 -22.53 -28.63
N ILE B 161 66.05 -21.56 -27.73
CA ILE B 161 65.79 -20.17 -28.10
C ILE B 161 66.92 -19.31 -27.52
N ARG B 162 67.59 -18.55 -28.38
CA ARG B 162 68.62 -17.61 -27.97
C ARG B 162 68.10 -16.20 -28.25
N PHE B 163 68.07 -15.38 -27.20
CA PHE B 163 67.46 -14.04 -27.28
C PHE B 163 68.28 -13.05 -26.48
N THR B 164 68.19 -11.79 -26.87
CA THR B 164 68.93 -10.71 -26.24
C THR B 164 68.06 -9.92 -25.28
N THR B 165 68.70 -9.34 -24.26
CA THR B 165 68.06 -8.49 -23.28
C THR B 165 68.90 -7.24 -23.07
N PRO B 166 68.38 -6.06 -23.37
CA PRO B 166 69.14 -4.82 -23.19
C PRO B 166 68.98 -4.15 -21.82
N SER B 167 68.33 -4.80 -20.87
CA SER B 167 68.07 -4.20 -19.57
C SER B 167 68.26 -5.27 -18.50
N ASP B 168 67.93 -4.92 -17.26
CA ASP B 168 68.08 -5.81 -16.12
C ASP B 168 66.75 -5.93 -15.39
N MET B 169 66.59 -7.05 -14.69
CA MET B 169 65.37 -7.37 -13.96
C MET B 169 65.63 -7.10 -12.48
N LYS B 170 64.86 -6.18 -11.90
CA LYS B 170 65.15 -5.66 -10.56
C LYS B 170 64.82 -6.70 -9.51
N ASN B 171 65.69 -7.71 -9.41
CA ASN B 171 65.63 -8.74 -8.37
C ASN B 171 64.26 -9.43 -8.35
N ASN B 172 63.61 -9.52 -9.49
CA ASN B 172 62.30 -10.17 -9.58
C ASN B 172 62.12 -10.62 -11.02
N VAL B 173 62.15 -11.93 -11.24
CA VAL B 173 62.02 -12.51 -12.58
C VAL B 173 60.88 -13.51 -12.54
N TYR B 174 59.98 -13.44 -13.51
CA TYR B 174 58.89 -14.39 -13.64
C TYR B 174 58.89 -14.94 -15.05
N LEU B 175 59.09 -16.25 -15.17
CA LEU B 175 58.96 -16.98 -16.42
C LEU B 175 57.68 -17.79 -16.37
N ASN B 176 56.81 -17.57 -17.35
CA ASN B 176 55.48 -18.15 -17.39
C ASN B 176 55.25 -18.79 -18.75
N TYR B 177 54.30 -19.71 -18.79
CA TYR B 177 53.91 -20.39 -20.02
C TYR B 177 52.49 -19.94 -20.38
N VAL B 178 52.35 -19.30 -21.53
CA VAL B 178 51.08 -18.73 -21.97
C VAL B 178 50.48 -19.63 -23.04
N LEU B 179 49.15 -19.81 -22.97
CA LEU B 179 48.42 -20.67 -23.89
C LEU B 179 47.26 -19.91 -24.50
N GLU B 180 46.94 -20.23 -25.75
CA GLU B 180 45.82 -19.64 -26.46
C GLU B 180 45.11 -20.70 -27.28
N LYS B 181 43.82 -20.45 -27.54
CA LYS B 181 42.95 -21.39 -28.24
C LYS B 181 42.90 -22.73 -27.52
N PHE B 182 42.79 -22.69 -26.20
CA PHE B 182 42.71 -23.89 -25.37
C PHE B 182 41.64 -23.64 -24.30
N ALA B 183 40.41 -24.06 -24.56
CA ALA B 183 39.32 -23.86 -23.63
C ALA B 183 39.54 -24.72 -22.39
N ALA B 184 39.78 -24.07 -21.26
CA ALA B 184 40.04 -24.75 -20.00
C ALA B 184 39.05 -24.31 -18.92
N ASN B 185 37.81 -24.03 -19.33
CA ASN B 185 36.80 -23.57 -18.39
C ASN B 185 35.44 -24.19 -18.62
N HIS B 186 35.37 -25.33 -19.32
CA HIS B 186 34.08 -25.97 -19.56
C HIS B 186 33.48 -26.49 -18.26
N ARG B 187 32.15 -26.53 -18.21
CA ARG B 187 31.44 -26.79 -16.96
C ARG B 187 31.83 -28.13 -16.37
N ARG B 188 31.73 -29.20 -17.16
CA ARG B 188 32.14 -30.51 -16.67
C ARG B 188 33.65 -30.59 -16.50
N TYR B 189 34.39 -29.84 -17.32
CA TYR B 189 35.85 -29.85 -17.21
C TYR B 189 36.31 -29.25 -15.89
N VAL B 190 35.68 -28.15 -15.47
CA VAL B 190 36.09 -27.49 -14.23
C VAL B 190 35.86 -28.40 -13.04
N LEU B 191 34.70 -29.05 -12.98
CA LEU B 191 34.36 -29.93 -11.88
C LEU B 191 35.02 -31.29 -11.96
N SER B 192 35.76 -31.58 -13.04
CA SER B 192 36.33 -32.91 -13.27
C SER B 192 37.53 -33.11 -12.35
N PHE B 193 37.24 -33.18 -11.05
CA PHE B 193 38.22 -33.51 -10.02
C PHE B 193 37.46 -33.71 -8.72
N SER B 194 38.16 -34.23 -7.71
CA SER B 194 37.57 -34.50 -6.41
C SER B 194 38.44 -33.92 -5.32
N GLU B 195 37.83 -33.16 -4.41
CA GLU B 195 38.54 -32.56 -3.30
C GLU B 195 38.92 -33.56 -2.21
N ASP B 196 38.25 -34.71 -2.18
CA ASP B 196 38.54 -35.70 -1.14
C ASP B 196 39.96 -36.26 -1.28
N GLN B 197 40.41 -36.48 -2.53
CA GLN B 197 41.76 -37.01 -2.74
C GLN B 197 42.82 -36.00 -2.32
N ILE B 198 42.47 -34.72 -2.23
CA ILE B 198 43.43 -33.70 -1.86
C ILE B 198 43.96 -33.93 -0.44
N ARG B 199 43.09 -34.37 0.47
CA ARG B 199 43.49 -34.64 1.84
C ARG B 199 44.24 -35.96 1.98
N GLY B 200 44.35 -36.74 0.90
CA GLY B 200 45.09 -37.98 0.92
C GLY B 200 44.33 -39.18 1.45
N GLU B 201 43.08 -39.02 1.83
CA GLU B 201 42.30 -40.14 2.33
C GLU B 201 42.01 -41.13 1.21
N ASP B 202 41.89 -42.40 1.57
CA ASP B 202 41.72 -43.48 0.59
C ASP B 202 40.27 -43.50 0.12
N ALA B 203 39.97 -42.65 -0.87
CA ALA B 203 38.64 -42.58 -1.43
C ALA B 203 38.32 -43.85 -2.21
N SER B 204 37.04 -44.19 -2.24
CA SER B 204 36.55 -45.35 -2.98
C SER B 204 35.92 -44.88 -4.30
N TYR B 205 35.58 -45.87 -5.13
CA TYR B 205 34.95 -45.55 -6.41
C TYR B 205 33.62 -44.85 -6.22
N GLU B 206 32.86 -45.26 -5.19
CA GLU B 206 31.61 -44.58 -4.87
C GLU B 206 31.86 -43.13 -4.48
N THR B 207 32.90 -42.87 -3.69
CA THR B 207 33.20 -41.53 -3.22
C THR B 207 33.76 -40.62 -4.30
N VAL B 208 34.11 -41.15 -5.46
CA VAL B 208 34.68 -40.33 -6.53
C VAL B 208 33.81 -40.28 -7.78
N HIS B 209 32.91 -41.24 -7.99
CA HIS B 209 32.03 -41.23 -9.15
C HIS B 209 30.58 -40.97 -8.81
N ASP B 210 30.09 -41.50 -7.69
CA ASP B 210 28.72 -41.32 -7.25
C ASP B 210 28.58 -40.23 -6.19
N ALA B 211 29.54 -39.31 -6.14
CA ALA B 211 29.53 -38.23 -5.17
C ALA B 211 28.62 -37.11 -5.66
N THR B 212 28.73 -35.94 -5.02
CA THR B 212 27.91 -34.79 -5.37
C THR B 212 28.42 -34.18 -6.67
N GLY B 213 27.94 -32.99 -7.01
CA GLY B 213 28.26 -32.38 -8.29
C GLY B 213 29.74 -32.11 -8.49
N ILE B 214 30.53 -32.10 -7.42
CA ILE B 214 31.97 -31.88 -7.51
C ILE B 214 32.65 -33.24 -7.38
N ASN B 215 32.89 -33.89 -8.52
CA ASN B 215 33.57 -35.17 -8.56
C ASN B 215 34.13 -35.39 -9.96
N CYS B 216 35.10 -36.29 -10.05
CA CYS B 216 35.70 -36.64 -11.33
C CYS B 216 34.82 -37.68 -12.01
N LYS B 217 33.94 -37.23 -12.89
CA LYS B 217 32.94 -38.09 -13.51
C LYS B 217 33.54 -39.02 -14.56
N PRO B 218 34.20 -38.50 -15.62
CA PRO B 218 34.53 -39.38 -16.75
C PRO B 218 35.70 -40.33 -16.48
N LEU B 219 36.69 -39.87 -15.72
CA LEU B 219 37.91 -40.65 -15.49
C LEU B 219 38.03 -41.14 -14.06
N SER B 220 36.93 -41.60 -13.46
CA SER B 220 36.99 -42.11 -12.10
C SER B 220 37.81 -43.40 -12.05
N LYS B 221 37.58 -44.31 -12.98
CA LYS B 221 38.19 -45.64 -12.94
C LYS B 221 38.75 -46.00 -14.31
N ASN B 222 39.80 -46.81 -14.30
CA ASN B 222 40.44 -47.28 -15.53
C ASN B 222 39.77 -48.57 -16.00
N ALA B 223 40.38 -49.25 -16.96
CA ALA B 223 39.82 -50.47 -17.51
C ALA B 223 39.88 -51.64 -16.53
N ASP B 224 41.04 -51.87 -15.90
CA ASP B 224 41.16 -53.01 -15.00
C ASP B 224 40.41 -52.78 -13.70
N GLY B 225 40.36 -51.54 -13.22
CA GLY B 225 39.62 -51.23 -12.02
C GLY B 225 40.44 -50.59 -10.92
N LYS B 226 41.61 -50.07 -11.26
CA LYS B 226 42.47 -49.41 -10.29
C LYS B 226 42.08 -47.95 -10.18
N ILE B 227 41.74 -47.51 -8.97
CA ILE B 227 41.24 -46.15 -8.78
C ILE B 227 42.37 -45.15 -8.98
N TYR B 228 42.08 -44.08 -9.72
CA TYR B 228 43.06 -43.02 -9.92
C TYR B 228 43.23 -42.21 -8.65
N TYR B 229 44.48 -41.95 -8.26
CA TYR B 229 44.71 -40.95 -7.23
C TYR B 229 44.56 -39.54 -7.79
N PRO B 230 45.21 -39.16 -8.90
CA PRO B 230 44.75 -37.98 -9.63
C PRO B 230 43.65 -38.36 -10.60
N CYS B 231 42.42 -37.90 -10.34
CA CYS B 231 41.27 -38.30 -11.13
C CYS B 231 40.61 -37.06 -11.74
N GLY B 232 40.09 -37.22 -12.94
CA GLY B 232 39.41 -36.15 -13.65
C GLY B 232 40.25 -35.61 -14.80
N LEU B 233 39.63 -34.69 -15.55
CA LEU B 233 40.27 -34.12 -16.71
C LEU B 233 41.36 -33.10 -16.36
N ILE B 234 41.24 -32.44 -15.20
CA ILE B 234 42.24 -31.45 -14.82
C ILE B 234 43.60 -32.11 -14.64
N ALA B 235 43.64 -33.19 -13.87
CA ALA B 235 44.90 -33.93 -13.69
C ALA B 235 45.29 -34.72 -14.92
N ASN B 236 44.32 -35.14 -15.74
CA ASN B 236 44.64 -35.89 -16.95
C ASN B 236 45.23 -34.99 -18.02
N SER B 237 44.85 -33.72 -18.04
CA SER B 237 45.36 -32.75 -19.00
C SER B 237 46.58 -32.01 -18.47
N MET B 238 47.33 -32.66 -17.59
CA MET B 238 48.59 -32.09 -17.11
C MET B 238 49.58 -31.95 -18.26
N PHE B 239 50.36 -30.88 -18.20
CA PHE B 239 51.21 -30.51 -19.32
C PHE B 239 52.53 -31.27 -19.28
N ASN B 240 53.12 -31.48 -20.45
CA ASN B 240 54.31 -32.29 -20.63
C ASN B 240 55.41 -31.49 -21.30
N ASP B 241 55.65 -30.28 -20.80
CA ASP B 241 56.74 -29.43 -21.26
C ASP B 241 57.76 -29.34 -20.15
N THR B 242 58.88 -30.05 -20.31
CA THR B 242 59.91 -30.10 -19.28
C THR B 242 60.69 -28.78 -19.27
N PHE B 243 60.45 -27.95 -18.27
CA PHE B 243 61.19 -26.70 -18.22
C PHE B 243 62.47 -26.86 -17.41
N PRO B 244 63.56 -26.26 -17.85
CA PRO B 244 64.82 -26.38 -17.12
C PRO B 244 64.78 -25.60 -15.81
N LEU B 245 65.68 -26.00 -14.90
CA LEU B 245 65.84 -25.33 -13.62
C LEU B 245 66.97 -24.32 -13.63
N GLN B 246 67.36 -23.85 -14.82
CA GLN B 246 68.54 -23.01 -14.96
C GLN B 246 68.46 -22.24 -16.28
N LEU B 247 69.32 -21.24 -16.40
CA LEU B 247 69.43 -20.40 -17.58
C LEU B 247 70.81 -20.64 -18.21
N THR B 248 70.82 -21.04 -19.47
CA THR B 248 72.08 -21.20 -20.19
C THR B 248 72.49 -19.86 -20.79
N ASN B 249 73.50 -19.23 -20.20
CA ASN B 249 73.99 -17.96 -20.72
C ASN B 249 74.75 -18.18 -22.02
N VAL B 250 74.82 -17.13 -22.81
CA VAL B 250 75.54 -17.14 -24.08
C VAL B 250 76.83 -16.33 -23.98
N GLY B 251 76.75 -15.12 -23.42
CA GLY B 251 77.93 -14.30 -23.25
C GLY B 251 78.86 -14.82 -22.17
N ASP B 252 78.34 -14.98 -20.96
CA ASP B 252 79.13 -15.43 -19.81
C ASP B 252 78.70 -16.85 -19.46
N THR B 253 79.32 -17.83 -20.11
CA THR B 253 79.05 -19.22 -19.83
C THR B 253 79.69 -19.72 -18.55
N SER B 254 80.57 -18.92 -17.93
CA SER B 254 81.23 -19.35 -16.70
C SER B 254 80.25 -19.40 -15.54
N ASN B 255 79.61 -18.28 -15.24
CA ASN B 255 78.61 -18.20 -14.17
C ASN B 255 77.26 -17.93 -14.82
N ASN B 256 76.60 -19.00 -15.24
CA ASN B 256 75.25 -18.97 -15.80
C ASN B 256 74.23 -19.43 -14.78
N TYR B 257 73.13 -18.68 -14.71
CA TYR B 257 72.27 -18.64 -13.54
C TYR B 257 71.25 -19.77 -13.55
N SER B 258 70.87 -20.23 -12.37
CA SER B 258 69.89 -21.29 -12.19
C SER B 258 68.67 -20.76 -11.44
N LEU B 259 67.50 -21.23 -11.86
CA LEU B 259 66.22 -20.80 -11.30
C LEU B 259 65.77 -21.78 -10.22
N THR B 260 64.56 -21.54 -9.69
CA THR B 260 63.99 -22.40 -8.67
C THR B 260 62.47 -22.34 -8.79
N ASN B 261 61.86 -23.48 -9.08
CA ASN B 261 60.41 -23.56 -9.20
C ASN B 261 59.72 -23.93 -7.90
N LYS B 262 60.47 -24.16 -6.82
CA LYS B 262 59.87 -24.53 -5.55
C LYS B 262 59.41 -23.29 -4.79
N GLY B 263 58.32 -23.44 -4.05
CA GLY B 263 57.76 -22.32 -3.32
C GLY B 263 57.01 -21.32 -4.16
N ILE B 264 56.55 -21.70 -5.35
CA ILE B 264 55.85 -20.78 -6.23
C ILE B 264 54.37 -20.65 -5.87
N ASN B 265 53.93 -21.23 -4.76
CA ASN B 265 52.56 -21.12 -4.31
C ASN B 265 52.53 -20.62 -2.86
N TRP B 266 51.33 -20.30 -2.38
CA TRP B 266 51.19 -19.82 -1.02
C TRP B 266 51.61 -20.87 -0.02
N GLU B 267 52.39 -20.45 0.99
CA GLU B 267 52.88 -21.38 2.00
C GLU B 267 51.75 -21.95 2.83
N SER B 268 50.78 -21.11 3.22
CA SER B 268 49.67 -21.59 4.02
C SER B 268 48.78 -22.56 3.25
N ASP B 269 48.68 -22.38 1.93
CA ASP B 269 47.82 -23.24 1.12
C ASP B 269 48.31 -24.69 1.13
N LYS B 270 49.58 -24.93 1.44
CA LYS B 270 50.07 -26.29 1.55
C LYS B 270 49.40 -27.04 2.69
N LYS B 271 48.88 -26.32 3.69
CA LYS B 271 48.23 -26.97 4.83
C LYS B 271 46.97 -27.72 4.44
N ARG B 272 46.41 -27.47 3.25
CA ARG B 272 45.27 -28.22 2.77
C ARG B 272 45.66 -29.45 1.97
N TYR B 273 46.85 -29.44 1.36
CA TYR B 273 47.30 -30.54 0.51
C TYR B 273 48.27 -31.40 1.31
N LYS B 274 47.91 -32.66 1.51
CA LYS B 274 48.69 -33.58 2.30
C LYS B 274 49.20 -34.74 1.46
N LYS B 275 50.10 -35.52 2.04
CA LYS B 275 50.70 -36.65 1.35
C LYS B 275 49.67 -37.75 1.10
N THR B 276 49.88 -38.50 0.03
CA THR B 276 49.01 -39.63 -0.30
C THR B 276 49.11 -40.69 0.78
N LYS B 277 47.98 -41.35 1.05
CA LYS B 277 47.90 -42.39 2.07
C LYS B 277 47.27 -43.65 1.50
N TYR B 278 47.64 -44.01 0.29
CA TYR B 278 47.07 -45.16 -0.40
C TYR B 278 47.92 -46.40 -0.19
N ASN B 279 47.42 -47.54 -0.69
CA ASN B 279 48.03 -48.84 -0.48
C ASN B 279 48.99 -49.23 -1.60
N TYR B 280 49.43 -48.26 -2.41
CA TYR B 280 50.45 -48.43 -3.45
C TYR B 280 50.17 -49.61 -4.38
N THR B 281 48.92 -50.08 -4.41
CA THR B 281 48.53 -51.15 -5.32
C THR B 281 47.22 -50.90 -6.06
N GLN B 282 46.33 -50.05 -5.53
CA GLN B 282 45.07 -49.75 -6.17
C GLN B 282 45.09 -48.42 -6.92
N ILE B 283 46.26 -47.81 -7.08
CA ILE B 283 46.39 -46.52 -7.74
C ILE B 283 47.07 -46.70 -9.08
N ALA B 284 46.52 -46.06 -10.10
CA ALA B 284 47.06 -46.11 -11.44
C ALA B 284 47.14 -44.68 -12.00
N PRO B 285 48.13 -44.40 -12.84
CA PRO B 285 48.26 -43.05 -13.39
C PRO B 285 47.15 -42.78 -14.39
N PRO B 286 46.84 -41.51 -14.64
CA PRO B 286 45.86 -41.17 -15.68
C PRO B 286 46.31 -41.69 -17.03
N PRO B 287 45.37 -42.01 -17.93
CA PRO B 287 45.75 -42.62 -19.21
C PRO B 287 46.73 -41.78 -20.01
N TYR B 288 46.71 -40.46 -19.84
CA TYR B 288 47.68 -39.58 -20.50
C TYR B 288 48.96 -39.42 -19.71
N TRP B 289 49.07 -40.07 -18.55
CA TRP B 289 50.28 -40.05 -17.74
C TRP B 289 51.10 -41.32 -17.88
N GLU B 290 50.72 -42.23 -18.78
CA GLU B 290 51.43 -43.48 -18.94
C GLU B 290 52.86 -43.28 -19.44
N LYS B 291 53.12 -42.18 -20.16
CA LYS B 291 54.45 -41.95 -20.68
C LYS B 291 55.46 -41.73 -19.56
N MET B 292 55.02 -41.19 -18.43
CA MET B 292 55.90 -41.02 -17.29
C MET B 292 56.02 -42.27 -16.43
N TYR B 293 55.08 -43.21 -16.54
CA TYR B 293 55.13 -44.45 -15.77
C TYR B 293 54.57 -45.58 -16.63
N PRO B 294 55.44 -46.30 -17.35
CA PRO B 294 54.96 -47.47 -18.09
C PRO B 294 54.40 -48.56 -17.19
N ASP B 295 54.82 -48.62 -15.93
CA ASP B 295 54.33 -49.62 -14.98
C ASP B 295 53.26 -49.09 -14.05
N GLY B 296 53.28 -47.79 -13.73
CA GLY B 296 52.34 -47.19 -12.80
C GLY B 296 53.06 -46.66 -11.57
N TYR B 297 52.37 -46.70 -10.43
CA TYR B 297 52.94 -46.29 -9.15
C TYR B 297 53.36 -47.54 -8.38
N ASN B 298 54.67 -47.73 -8.24
CA ASN B 298 55.21 -48.78 -7.41
C ASN B 298 55.46 -48.24 -5.99
N GLU B 299 56.18 -49.00 -5.18
CA GLU B 299 56.27 -48.70 -3.76
C GLU B 299 57.08 -47.43 -3.47
N THR B 300 57.86 -46.94 -4.41
CA THR B 300 58.81 -45.86 -4.15
C THR B 300 58.69 -44.74 -5.18
N ASN B 301 57.47 -44.44 -5.63
CA ASN B 301 57.31 -43.38 -6.61
C ASN B 301 56.07 -42.51 -6.39
N ILE B 302 55.46 -42.55 -5.21
CA ILE B 302 54.24 -41.78 -4.96
C ILE B 302 54.57 -40.30 -5.04
N PRO B 303 53.89 -39.54 -5.92
CA PRO B 303 54.19 -38.11 -6.03
C PRO B 303 53.65 -37.32 -4.85
N ASP B 304 54.55 -36.81 -4.00
CA ASP B 304 54.14 -36.00 -2.86
C ASP B 304 53.55 -34.70 -3.36
N ILE B 305 52.25 -34.49 -3.09
CA ILE B 305 51.61 -33.25 -3.50
C ILE B 305 52.17 -32.05 -2.74
N GLN B 306 52.64 -32.27 -1.51
CA GLN B 306 53.10 -31.16 -0.67
C GLN B 306 54.22 -30.37 -1.35
N ASP B 307 55.23 -31.07 -1.86
CA ASP B 307 56.36 -30.37 -2.48
C ASP B 307 56.18 -30.14 -3.98
N TRP B 308 55.12 -30.68 -4.57
CA TRP B 308 54.85 -30.46 -5.99
C TRP B 308 53.98 -29.22 -6.14
N GLU B 309 54.65 -28.06 -6.23
CA GLU B 309 53.93 -26.81 -6.39
C GLU B 309 53.35 -26.67 -7.79
N GLU B 310 54.05 -27.14 -8.81
CA GLU B 310 53.60 -26.91 -10.19
C GLU B 310 52.31 -27.67 -10.49
N PHE B 311 52.21 -28.92 -10.04
CA PHE B 311 50.98 -29.67 -10.24
C PHE B 311 49.81 -29.00 -9.54
N GLN B 312 50.03 -28.54 -8.31
CA GLN B 312 49.00 -27.81 -7.60
C GLN B 312 48.61 -26.53 -8.32
N ASN B 313 49.58 -25.85 -8.93
CA ASN B 313 49.28 -24.65 -9.71
C ASN B 313 48.42 -24.98 -10.92
N TRP B 314 48.67 -26.13 -11.55
CA TRP B 314 47.81 -26.55 -12.65
C TRP B 314 46.40 -26.91 -12.19
N MET B 315 46.21 -27.22 -10.90
CA MET B 315 44.88 -27.50 -10.38
C MET B 315 44.01 -26.26 -10.30
N ARG B 316 44.51 -25.11 -10.76
CA ARG B 316 43.75 -23.87 -10.84
C ARG B 316 43.39 -23.62 -12.29
N PRO B 317 42.27 -24.16 -12.78
CA PRO B 317 41.99 -24.12 -14.22
C PRO B 317 41.78 -22.70 -14.70
N GLY B 318 42.17 -22.45 -15.95
CA GLY B 318 42.04 -21.11 -16.50
C GLY B 318 40.60 -20.73 -16.75
N ALA B 319 40.35 -19.43 -16.81
CA ALA B 319 39.01 -18.89 -17.01
C ALA B 319 38.76 -18.43 -18.44
N PHE B 320 39.72 -17.74 -19.05
CA PHE B 320 39.53 -17.17 -20.38
C PHE B 320 40.32 -17.97 -21.40
N ASP B 321 40.31 -17.51 -22.65
CA ASP B 321 40.99 -18.21 -23.73
C ASP B 321 42.51 -18.18 -23.55
N LYS B 322 43.04 -17.15 -22.89
CA LYS B 322 44.46 -17.03 -22.61
C LYS B 322 44.71 -17.51 -21.19
N ILE B 323 45.60 -18.48 -21.03
CA ILE B 323 45.90 -19.09 -19.75
C ILE B 323 47.41 -19.08 -19.54
N THR B 324 47.85 -18.63 -18.37
CA THR B 324 49.24 -18.73 -17.98
C THR B 324 49.36 -18.81 -16.46
N LYS B 325 50.30 -19.64 -16.00
CA LYS B 325 50.55 -19.84 -14.58
C LYS B 325 52.03 -19.69 -14.30
N LEU B 326 52.36 -19.49 -13.02
CA LEU B 326 53.76 -19.31 -12.62
C LEU B 326 54.50 -20.63 -12.66
N ILE B 327 55.62 -20.66 -13.37
CA ILE B 327 56.48 -21.84 -13.40
C ILE B 327 57.94 -21.54 -13.05
N ARG B 328 58.42 -20.32 -13.21
CA ARG B 328 59.77 -19.99 -12.77
C ARG B 328 59.77 -18.63 -12.08
N ILE B 329 60.33 -18.58 -10.86
CA ILE B 329 60.38 -17.35 -10.08
C ILE B 329 61.83 -17.10 -9.67
N ASN B 330 62.19 -15.83 -9.56
CA ASN B 330 63.53 -15.43 -9.15
C ASN B 330 63.42 -14.19 -8.28
N LYS B 331 63.96 -14.28 -7.07
CA LYS B 331 64.09 -13.12 -6.20
C LYS B 331 65.46 -13.07 -5.51
N ASN B 332 66.36 -13.97 -5.89
CA ASN B 332 67.67 -14.02 -5.25
C ASN B 332 68.56 -12.88 -5.72
N ASP B 333 68.83 -12.81 -7.03
CA ASP B 333 69.75 -11.82 -7.58
C ASP B 333 69.14 -11.19 -8.82
N THR B 334 69.61 -9.98 -9.11
CA THR B 334 69.14 -9.26 -10.30
C THR B 334 69.62 -9.96 -11.58
N LEU B 335 68.71 -10.10 -12.53
CA LEU B 335 69.07 -10.69 -13.81
C LEU B 335 69.78 -9.66 -14.67
N PRO B 336 71.01 -9.91 -15.09
CA PRO B 336 71.74 -8.93 -15.90
C PRO B 336 71.34 -9.01 -17.37
N ALA B 337 71.76 -7.98 -18.11
CA ALA B 337 71.50 -7.91 -19.54
C ALA B 337 72.46 -8.85 -20.29
N GLY B 338 72.14 -9.07 -21.56
CA GLY B 338 72.97 -9.89 -22.42
C GLY B 338 72.15 -10.92 -23.17
N GLU B 339 72.84 -11.89 -23.76
CA GLU B 339 72.20 -12.96 -24.50
C GLU B 339 71.96 -14.16 -23.61
N TYR B 340 70.82 -14.82 -23.81
CA TYR B 340 70.44 -15.95 -22.99
C TYR B 340 69.76 -17.01 -23.85
N GLN B 341 70.01 -18.28 -23.51
CA GLN B 341 69.49 -19.42 -24.25
C GLN B 341 68.66 -20.28 -23.31
N LEU B 342 67.48 -20.68 -23.76
CA LEU B 342 66.61 -21.59 -23.03
C LEU B 342 66.28 -22.81 -23.88
N ASP B 343 66.33 -23.98 -23.25
CA ASP B 343 66.01 -25.24 -23.91
C ASP B 343 64.72 -25.78 -23.29
N ILE B 344 63.74 -26.08 -24.13
CA ILE B 344 62.43 -26.54 -23.69
C ILE B 344 62.15 -27.90 -24.32
N GLY B 345 61.71 -28.85 -23.50
CA GLY B 345 61.31 -30.15 -23.98
C GLY B 345 59.85 -30.15 -24.38
N LEU B 346 59.58 -30.62 -25.60
CA LEU B 346 58.23 -30.60 -26.16
C LEU B 346 57.68 -32.02 -26.18
N HIS B 347 56.81 -32.33 -25.22
CA HIS B 347 56.06 -33.57 -25.22
C HIS B 347 54.55 -33.36 -25.18
N TRP B 348 54.10 -32.14 -24.86
CA TRP B 348 52.67 -31.86 -24.76
C TRP B 348 52.15 -31.37 -26.10
N PRO B 349 51.19 -32.05 -26.72
CA PRO B 349 50.71 -31.63 -28.04
C PRO B 349 49.86 -30.36 -27.94
N VAL B 350 50.11 -29.43 -28.87
CA VAL B 350 49.38 -28.17 -28.93
C VAL B 350 48.74 -27.93 -30.29
N LEU B 351 49.48 -28.19 -31.38
CA LEU B 351 49.01 -27.84 -32.71
C LEU B 351 47.90 -28.76 -33.21
N GLU B 352 47.68 -29.91 -32.57
CA GLU B 352 46.64 -30.83 -33.01
C GLU B 352 45.25 -30.23 -32.88
N PHE B 353 45.07 -29.24 -32.01
CA PHE B 353 43.80 -28.54 -31.87
C PHE B 353 43.95 -27.06 -32.25
N ASN B 354 44.96 -26.75 -33.06
CA ASN B 354 45.24 -25.41 -33.56
C ASN B 354 45.54 -24.42 -32.44
N GLY B 355 45.85 -24.89 -31.25
CA GLY B 355 46.21 -24.00 -30.15
C GLY B 355 47.61 -23.45 -30.30
N LYS B 356 47.93 -22.50 -29.44
CA LYS B 356 49.24 -21.85 -29.45
C LYS B 356 49.80 -21.79 -28.04
N LYS B 357 51.12 -21.89 -27.94
CA LYS B 357 51.80 -21.82 -26.65
C LYS B 357 53.05 -20.97 -26.79
N GLY B 358 53.48 -20.40 -25.67
CA GLY B 358 54.68 -19.58 -25.68
C GLY B 358 55.18 -19.33 -24.27
N ILE B 359 56.32 -18.65 -24.20
CA ILE B 359 56.93 -18.27 -22.94
C ILE B 359 56.82 -16.76 -22.77
N TYR B 360 56.75 -16.33 -21.51
CA TYR B 360 56.48 -14.95 -21.15
C TYR B 360 57.35 -14.60 -19.95
N LEU B 361 58.32 -13.71 -20.15
CA LEU B 361 59.24 -13.32 -19.09
C LEU B 361 59.00 -11.86 -18.72
N THR B 362 58.84 -11.60 -17.42
CA THR B 362 58.52 -10.26 -16.95
C THR B 362 59.16 -10.02 -15.59
N HIS B 363 59.57 -8.76 -15.35
CA HIS B 363 60.09 -8.40 -14.04
C HIS B 363 58.99 -8.38 -12.99
N GLY B 364 57.79 -7.97 -13.38
CA GLY B 364 56.71 -7.75 -12.44
C GLY B 364 56.63 -6.29 -12.01
N SER B 365 55.50 -5.94 -11.41
CA SER B 365 55.26 -4.56 -11.00
C SER B 365 54.22 -4.55 -9.89
N HIS B 366 54.10 -3.39 -9.24
CA HIS B 366 53.08 -3.23 -8.20
C HIS B 366 51.67 -3.35 -8.76
N LEU B 367 51.50 -3.19 -10.07
CA LEU B 367 50.23 -3.44 -10.74
C LEU B 367 50.28 -4.74 -11.55
N GLY B 368 50.92 -5.77 -11.01
CA GLY B 368 50.96 -7.06 -11.68
C GLY B 368 51.67 -6.98 -13.01
N GLY B 369 51.07 -7.60 -14.02
CA GLY B 369 51.62 -7.55 -15.35
C GLY B 369 51.45 -6.20 -16.00
N ARG B 370 52.22 -5.97 -17.06
CA ARG B 370 52.21 -4.69 -17.76
C ARG B 370 50.95 -4.61 -18.62
N ASN B 371 50.11 -3.60 -18.34
CA ASN B 371 48.89 -3.42 -19.11
C ASN B 371 48.50 -1.95 -19.06
N PRO B 372 48.37 -1.29 -20.21
CA PRO B 372 47.95 0.12 -20.23
C PRO B 372 46.45 0.35 -20.18
N PHE B 373 45.63 -0.70 -20.10
CA PHE B 373 44.18 -0.53 -20.14
C PHE B 373 43.69 0.28 -18.95
N LEU B 374 44.24 0.03 -17.75
CA LEU B 374 43.84 0.80 -16.58
C LEU B 374 44.16 2.28 -16.75
N GLY B 375 45.36 2.60 -17.25
CA GLY B 375 45.69 3.98 -17.51
C GLY B 375 44.76 4.61 -18.52
N ILE B 376 44.42 3.87 -19.58
CA ILE B 376 43.55 4.39 -20.62
C ILE B 376 42.17 4.71 -20.05
N VAL B 377 41.61 3.78 -19.27
CA VAL B 377 40.27 4.01 -18.75
C VAL B 377 40.26 5.12 -17.71
N TYR B 378 41.31 5.20 -16.88
CA TYR B 378 41.38 6.31 -15.92
C TYR B 378 41.46 7.65 -16.64
N LEU B 379 42.30 7.74 -17.67
CA LEU B 379 42.44 8.98 -18.42
C LEU B 379 41.14 9.36 -19.10
N ILE B 380 40.49 8.39 -19.74
CA ILE B 380 39.25 8.70 -20.45
C ILE B 380 38.13 9.06 -19.49
N GLY B 381 38.09 8.42 -18.32
CA GLY B 381 37.08 8.79 -17.33
C GLY B 381 37.28 10.20 -16.81
N GLY B 382 38.52 10.55 -16.48
CA GLY B 382 38.79 11.92 -16.04
C GLY B 382 38.46 12.93 -17.11
N CYS B 383 38.86 12.64 -18.37
CA CYS B 383 38.60 13.58 -19.45
C CYS B 383 37.11 13.74 -19.70
N ILE B 384 36.36 12.64 -19.70
CA ILE B 384 34.93 12.75 -19.97
C ILE B 384 34.22 13.44 -18.81
N CYS B 385 34.65 13.20 -17.57
CA CYS B 385 34.06 13.91 -16.44
C CYS B 385 34.30 15.41 -16.54
N ALA B 386 35.53 15.81 -16.85
CA ALA B 386 35.83 17.23 -17.00
C ALA B 386 35.03 17.85 -18.15
N ALA B 387 34.96 17.15 -19.28
CA ALA B 387 34.22 17.67 -20.42
C ALA B 387 32.74 17.81 -20.10
N MET B 388 32.16 16.82 -19.41
CA MET B 388 30.76 16.91 -19.02
C MET B 388 30.52 18.07 -18.06
N ALA B 389 31.42 18.26 -17.10
CA ALA B 389 31.29 19.39 -16.18
C ALA B 389 31.31 20.70 -16.94
N LEU B 390 32.27 20.87 -17.84
CA LEU B 390 32.37 22.13 -18.59
C LEU B 390 31.16 22.33 -19.49
N ILE B 391 30.66 21.28 -20.13
CA ILE B 391 29.56 21.44 -21.06
C ILE B 391 28.26 21.75 -20.31
N LEU B 392 28.05 21.10 -19.16
CA LEU B 392 26.88 21.45 -18.36
C LEU B 392 26.99 22.87 -17.82
N LEU B 393 28.22 23.30 -17.50
CA LEU B 393 28.42 24.69 -17.07
C LEU B 393 28.07 25.67 -18.18
N THR B 394 28.46 25.37 -19.41
CA THR B 394 28.20 26.33 -20.49
C THR B 394 26.72 26.36 -20.86
N PHE B 395 26.02 25.21 -20.82
CA PHE B 395 24.57 25.29 -20.95
C PHE B 395 23.92 26.05 -19.79
N TRP B 396 24.39 25.84 -18.57
CA TRP B 396 23.81 26.51 -17.42
C TRP B 396 24.04 28.02 -17.43
N LEU B 397 25.15 28.48 -18.01
CA LEU B 397 25.47 29.89 -18.05
C LEU B 397 24.98 30.58 -19.32
N PHE B 398 25.45 30.12 -20.47
CA PHE B 398 25.06 30.71 -21.75
C PHE B 398 23.58 30.48 -22.03
N GLY B 399 23.19 29.22 -22.15
CA GLY B 399 21.82 28.86 -22.41
C GLY B 399 21.13 28.25 -21.20
N GLY B 400 21.09 29.02 -20.11
CA GLY B 400 20.46 28.56 -18.88
C GLY B 400 19.45 29.56 -18.35
N ARG B 401 18.37 29.03 -17.79
CA ARG B 401 17.31 29.88 -17.23
C ARG B 401 17.54 30.15 -15.75
N LYS B 402 16.56 30.77 -15.11
CA LYS B 402 16.67 31.09 -13.69
C LYS B 402 16.86 29.81 -12.87
N ILE B 403 17.66 29.93 -11.80
CA ILE B 403 18.03 28.76 -11.01
C ILE B 403 16.80 28.14 -10.35
N ALA B 404 15.88 28.97 -9.87
CA ALA B 404 14.70 28.46 -9.18
C ALA B 404 13.58 29.50 -9.26
N ASP B 405 12.38 29.03 -9.57
CA ASP B 405 11.20 29.90 -9.64
C ASP B 405 10.06 29.24 -8.89
N ALA B 406 9.37 30.04 -8.06
CA ALA B 406 8.21 29.56 -7.33
C ALA B 406 6.93 29.62 -8.15
N SER B 407 7.02 30.04 -9.42
CA SER B 407 5.86 30.15 -10.29
C SER B 407 6.05 29.38 -11.60
N SER B 408 7.00 28.44 -11.65
CA SER B 408 7.24 27.62 -12.82
C SER B 408 6.73 26.20 -12.66
N LEU B 409 5.98 25.91 -11.60
CA LEU B 409 5.53 24.57 -11.31
C LEU B 409 4.32 24.22 -12.18
N SER B 410 3.83 22.99 -12.06
CA SER B 410 2.87 22.45 -13.04
C SER B 410 1.57 23.25 -13.03
N TRP B 411 1.05 23.56 -11.84
CA TRP B 411 -0.24 24.25 -11.77
C TRP B 411 -0.15 25.71 -12.19
N ASN B 412 1.05 26.23 -12.41
CA ASN B 412 1.26 27.65 -12.63
C ASN B 412 1.11 28.08 -14.09
N MET B 413 0.77 27.19 -15.02
CA MET B 413 0.44 27.59 -16.38
C MET B 413 -1.06 27.65 -16.64
N LYS B 414 -1.83 26.70 -16.12
CA LYS B 414 -3.27 26.69 -16.33
C LYS B 414 -4.02 26.95 -15.01
#